data_5LIV
#
_entry.id   5LIV
#
_cell.length_a   234.560
_cell.length_b   234.560
_cell.length_c   96.430
_cell.angle_alpha   90.00
_cell.angle_beta   90.00
_cell.angle_gamma   120.00
#
_symmetry.space_group_name_H-M   'P 32 2 1'
#
loop_
_entity.id
_entity.type
_entity.pdbx_description
1 polymer 'Cytochrome P450 CYP260A1,Cytochrome P450 CYP260A1'
2 non-polymer 'PROTOPORPHYRIN IX CONTAINING FE'
3 non-polymer GLYCEROL
4 non-polymer 'DIMETHYL SULFOXIDE'
5 non-polymer 'SULFATE ION'
6 non-polymer '2-(N-MORPHOLINO)-ETHANESULFONIC ACID'
7 water water
#
_entity_poly.entity_id   1
_entity_poly.type   'polypeptide(L)'
_entity_poly.pdbx_seq_one_letter_code
;MADEKAPEREHNQGARADGERSSGAARRVAAFAAALPRLTLHDDLHSVSSMDFPLANLFFVPSEDATAFGRRLRAAAQQA
PIVFDTAFGMPILLRKSHITTAYRDTATFSTRMFQAGILNGGLAAMQGDEHARMRRVYNMFFLPRAVSQYEERFVRPISE
QVVDRLAGKPRVDLLEDFAMELPRRVIGELFGFPAEKLHETDERVRAMLRGLVRMHDPAAVAESQRAYGETLGLITEVVE
RESRDTSDTLLGEILRTLKAEHMDTIEASRQIVLSLILGGYETTSWLVANTIHALLAHPDTLARVRQDPSLLPAAIEEGM
RWCPSSFGVLRMVERDVRLDDQALSAGTVVCLAGIAGNYDETAYPSPEVYDIDRKPLPAANVFGGGAHFCVGAPLARMEA
RVGLQALLARFPGLRAVPEERPSFMYGAKDSVAHGPDKLPVLLHHHHHHH
;
_entity_poly.pdbx_strand_id   A,B,C,D
#
loop_
_chem_comp.id
_chem_comp.type
_chem_comp.name
_chem_comp.formula
DMS non-polymer 'DIMETHYL SULFOXIDE' 'C2 H6 O S'
GOL non-polymer GLYCEROL 'C3 H8 O3'
HEM non-polymer 'PROTOPORPHYRIN IX CONTAINING FE' 'C34 H32 Fe N4 O4'
MES non-polymer '2-(N-MORPHOLINO)-ETHANESULFONIC ACID' 'C6 H13 N O4 S'
SO4 non-polymer 'SULFATE ION' 'O4 S -2'
#
# COMPACT_ATOMS: atom_id res chain seq x y z
N SER A 49 -22.04 -37.61 8.48
CA SER A 49 -23.47 -37.97 8.44
C SER A 49 -24.27 -36.65 8.64
N SER A 50 -24.93 -36.14 7.59
CA SER A 50 -25.60 -34.83 7.58
C SER A 50 -26.88 -34.83 6.74
N MET A 51 -27.36 -33.69 6.24
CA MET A 51 -28.61 -33.66 5.47
C MET A 51 -28.53 -32.50 4.47
N ASP A 52 -29.29 -31.45 4.67
CA ASP A 52 -29.44 -30.46 3.63
C ASP A 52 -28.32 -29.36 3.60
N PHE A 53 -27.09 -29.77 3.86
CA PHE A 53 -26.08 -28.79 4.00
C PHE A 53 -25.20 -28.68 2.74
N PRO A 54 -24.93 -27.46 2.32
CA PRO A 54 -24.07 -27.19 1.18
C PRO A 54 -22.73 -27.86 1.37
N LEU A 55 -22.21 -28.44 0.30
CA LEU A 55 -20.89 -29.02 0.30
C LEU A 55 -19.87 -27.92 0.30
N ALA A 56 -18.76 -28.21 0.93
CA ALA A 56 -17.69 -27.28 1.02
C ALA A 56 -16.37 -27.96 1.18
N ASN A 57 -15.35 -27.17 0.94
CA ASN A 57 -13.98 -27.62 1.10
C ASN A 57 -13.16 -26.44 1.64
N LEU A 58 -13.06 -26.39 2.96
CA LEU A 58 -12.59 -25.24 3.65
C LEU A 58 -11.24 -25.48 4.28
N PHE A 59 -10.84 -26.72 4.46
CA PHE A 59 -9.70 -26.98 5.28
C PHE A 59 -8.46 -27.33 4.48
N PHE A 60 -8.54 -28.38 3.65
CA PHE A 60 -7.36 -28.85 2.89
C PHE A 60 -7.20 -28.09 1.57
N VAL A 61 -6.88 -26.81 1.65
CA VAL A 61 -6.72 -25.94 0.51
C VAL A 61 -5.42 -25.14 0.74
N PRO A 62 -4.36 -25.40 -0.04
CA PRO A 62 -3.15 -24.63 0.15
C PRO A 62 -3.31 -23.25 -0.34
N SER A 63 -2.62 -22.34 0.34
CA SER A 63 -2.58 -20.94 -0.06
C SER A 63 -1.30 -20.35 0.48
N GLU A 64 -0.82 -19.33 -0.20
CA GLU A 64 0.36 -18.62 0.27
C GLU A 64 -0.04 -17.53 1.23
N ASP A 65 -1.32 -17.25 1.35
CA ASP A 65 -1.83 -16.27 2.25
C ASP A 65 -2.32 -16.97 3.52
N ALA A 66 -1.66 -16.70 4.65
CA ALA A 66 -2.02 -17.31 5.95
C ALA A 66 -3.41 -16.89 6.44
N THR A 67 -3.95 -15.84 5.85
CA THR A 67 -5.29 -15.47 6.16
C THR A 67 -6.33 -16.25 5.36
N ALA A 68 -5.93 -17.05 4.39
CA ALA A 68 -6.91 -17.65 3.50
C ALA A 68 -7.90 -18.56 4.28
N PHE A 69 -7.36 -19.33 5.19
CA PHE A 69 -8.15 -20.23 5.99
C PHE A 69 -9.27 -19.47 6.72
N GLY A 70 -8.89 -18.49 7.51
CA GLY A 70 -9.85 -17.71 8.22
C GLY A 70 -10.89 -17.10 7.33
N ARG A 71 -10.48 -16.62 6.17
CA ARG A 71 -11.42 -15.96 5.26
C ARG A 71 -12.36 -16.92 4.66
N ARG A 72 -11.87 -18.06 4.30
CA ARG A 72 -12.73 -19.03 3.71
C ARG A 72 -13.84 -19.40 4.69
N LEU A 73 -13.47 -19.62 5.96
CA LEU A 73 -14.40 -20.06 6.95
C LEU A 73 -15.45 -18.98 7.15
N ARG A 74 -14.98 -17.77 7.27
CA ARG A 74 -15.87 -16.70 7.40
C ARG A 74 -16.80 -16.54 6.22
N ALA A 75 -16.26 -16.67 5.03
CA ALA A 75 -17.10 -16.54 3.81
C ALA A 75 -18.18 -17.60 3.78
N ALA A 76 -17.86 -18.81 4.22
CA ALA A 76 -18.81 -19.85 4.25
C ALA A 76 -19.86 -19.55 5.31
N ALA A 77 -19.45 -19.01 6.45
CA ALA A 77 -20.40 -18.67 7.50
C ALA A 77 -21.44 -17.67 7.01
N GLN A 78 -21.05 -16.78 6.13
CA GLN A 78 -21.98 -15.82 5.61
C GLN A 78 -22.94 -16.42 4.66
N GLN A 79 -22.55 -17.48 3.94
CA GLN A 79 -23.46 -18.17 2.99
C GLN A 79 -24.43 -19.09 3.72
N ALA A 80 -23.98 -19.73 4.80
CA ALA A 80 -24.74 -20.76 5.47
C ALA A 80 -24.18 -21.09 6.85
N PRO A 81 -25.05 -21.45 7.80
CA PRO A 81 -24.60 -21.69 9.16
C PRO A 81 -23.92 -23.02 9.37
N ILE A 82 -24.32 -24.02 8.58
CA ILE A 82 -23.70 -25.36 8.62
C ILE A 82 -23.40 -25.83 7.23
N VAL A 83 -22.20 -26.31 7.02
CA VAL A 83 -21.84 -26.89 5.75
C VAL A 83 -21.30 -28.25 5.95
N PHE A 84 -21.23 -29.04 4.89
CA PHE A 84 -20.67 -30.39 5.00
C PHE A 84 -19.34 -30.38 4.30
N ASP A 85 -18.27 -30.60 5.03
CA ASP A 85 -16.99 -30.50 4.41
C ASP A 85 -16.65 -31.86 3.93
N THR A 86 -16.38 -31.97 2.66
CA THR A 86 -16.24 -33.32 2.13
C THR A 86 -14.88 -33.90 2.51
N ALA A 87 -13.85 -33.08 2.58
CA ALA A 87 -12.51 -33.60 2.87
C ALA A 87 -12.38 -33.88 4.35
N PHE A 88 -13.03 -33.07 5.15
CA PHE A 88 -12.91 -33.17 6.58
C PHE A 88 -13.92 -34.18 7.13
N GLY A 89 -14.98 -34.41 6.38
CA GLY A 89 -15.83 -35.58 6.57
C GLY A 89 -17.05 -35.48 7.45
N MET A 90 -17.56 -34.27 7.69
CA MET A 90 -18.64 -34.05 8.67
C MET A 90 -19.26 -32.69 8.49
N PRO A 91 -20.40 -32.45 9.12
CA PRO A 91 -20.94 -31.11 9.13
C PRO A 91 -20.11 -30.21 10.04
N ILE A 92 -19.97 -28.97 9.60
CA ILE A 92 -19.21 -27.95 10.28
C ILE A 92 -20.12 -26.86 10.71
N LEU A 93 -20.15 -26.60 12.00
CA LEU A 93 -20.93 -25.49 12.51
C LEU A 93 -20.08 -24.23 12.46
N LEU A 94 -20.63 -23.21 11.81
CA LEU A 94 -19.96 -21.96 11.57
C LEU A 94 -20.53 -20.72 12.26
N ARG A 95 -21.76 -20.76 12.74
CA ARG A 95 -22.39 -19.59 13.36
CA ARG A 95 -22.46 -19.62 13.32
C ARG A 95 -22.11 -19.52 14.82
N LYS A 96 -21.69 -18.35 15.28
CA LYS A 96 -21.36 -18.16 16.68
C LYS A 96 -22.45 -18.57 17.66
N SER A 97 -23.69 -18.21 17.38
CA SER A 97 -24.74 -18.59 18.35
C SER A 97 -24.90 -20.08 18.49
N HIS A 98 -24.71 -20.82 17.39
CA HIS A 98 -24.78 -22.27 17.51
C HIS A 98 -23.59 -22.79 18.27
N ILE A 99 -22.44 -22.28 17.97
CA ILE A 99 -21.22 -22.75 18.61
C ILE A 99 -21.18 -22.50 20.10
N THR A 100 -21.56 -21.30 20.53
CA THR A 100 -21.47 -20.92 21.97
C THR A 100 -22.48 -21.67 22.81
N THR A 101 -23.68 -21.84 22.25
CA THR A 101 -24.64 -22.77 22.80
C THR A 101 -24.12 -24.21 22.89
N ALA A 102 -23.53 -24.74 21.81
CA ALA A 102 -23.10 -26.10 21.82
C ALA A 102 -22.01 -26.33 22.86
N TYR A 103 -21.07 -25.39 23.00
CA TYR A 103 -20.01 -25.55 24.02
C TYR A 103 -20.56 -25.72 25.40
N ARG A 104 -21.73 -25.13 25.64
CA ARG A 104 -22.30 -25.11 26.97
C ARG A 104 -23.33 -26.17 27.27
N ASP A 105 -23.97 -26.73 26.24
CA ASP A 105 -24.82 -27.89 26.38
C ASP A 105 -24.10 -29.20 26.04
N THR A 106 -23.32 -29.67 26.98
CA THR A 106 -22.60 -30.92 26.81
C THR A 106 -23.44 -32.20 26.79
N ALA A 107 -24.66 -32.17 27.29
CA ALA A 107 -25.51 -33.31 27.21
C ALA A 107 -26.09 -33.47 25.80
N THR A 108 -26.30 -32.38 25.06
CA THR A 108 -26.67 -32.47 23.65
C THR A 108 -25.47 -32.60 22.74
N PHE A 109 -24.35 -31.96 23.11
CA PHE A 109 -23.12 -31.98 22.27
C PHE A 109 -21.97 -32.47 23.14
N SER A 110 -21.64 -33.77 23.05
CA SER A 110 -20.76 -34.41 24.02
C SER A 110 -19.45 -34.72 23.38
N THR A 111 -18.55 -35.28 24.18
CA THR A 111 -17.27 -35.68 23.64
C THR A 111 -17.17 -37.19 23.61
N ARG A 112 -18.31 -37.86 23.52
CA ARG A 112 -18.33 -39.33 23.60
C ARG A 112 -17.66 -40.02 22.42
N MET A 113 -17.57 -39.39 21.28
CA MET A 113 -16.74 -39.93 20.19
C MET A 113 -15.31 -40.19 20.58
N PHE A 114 -14.77 -39.52 21.59
CA PHE A 114 -13.41 -39.86 22.02
C PHE A 114 -13.33 -41.13 22.90
N GLN A 115 -14.47 -41.63 23.33
CA GLN A 115 -14.52 -42.89 24.11
C GLN A 115 -14.19 -44.11 23.30
N ALA A 116 -14.32 -44.00 21.98
CA ALA A 116 -14.02 -45.09 21.07
C ALA A 116 -12.60 -45.08 20.48
N GLY A 117 -11.69 -44.27 20.98
CA GLY A 117 -10.33 -44.32 20.49
C GLY A 117 -9.26 -44.27 21.53
N ILE A 118 -8.07 -43.83 21.13
CA ILE A 118 -6.91 -43.85 22.02
C ILE A 118 -7.03 -42.92 23.24
N LEU A 119 -7.93 -41.93 23.15
CA LEU A 119 -8.14 -41.00 24.23
C LEU A 119 -9.17 -41.48 25.20
N ASN A 120 -9.67 -42.69 24.99
CA ASN A 120 -10.56 -43.25 25.98
C ASN A 120 -9.81 -43.44 27.30
N GLY A 121 -10.42 -43.01 28.40
CA GLY A 121 -9.71 -43.03 29.65
C GLY A 121 -8.93 -41.77 29.95
N GLY A 122 -8.73 -40.88 28.97
CA GLY A 122 -8.20 -39.54 29.20
C GLY A 122 -9.26 -38.51 29.54
N LEU A 123 -8.82 -37.30 29.83
CA LEU A 123 -9.72 -36.26 30.31
C LEU A 123 -10.78 -35.88 29.28
N ALA A 124 -10.38 -35.76 28.03
CA ALA A 124 -11.28 -35.23 27.00
C ALA A 124 -12.49 -36.12 26.78
N ALA A 125 -12.31 -37.43 27.03
CA ALA A 125 -13.40 -38.41 26.83
C ALA A 125 -14.34 -38.49 28.00
N MET A 126 -14.00 -37.84 29.12
CA MET A 126 -14.83 -37.87 30.25
C MET A 126 -16.03 -36.96 30.12
N GLN A 127 -17.11 -37.30 30.80
CA GLN A 127 -18.32 -36.49 30.75
C GLN A 127 -18.72 -36.17 32.17
N GLY A 128 -19.57 -35.14 32.30
CA GLY A 128 -20.14 -34.75 33.58
C GLY A 128 -19.19 -34.73 34.76
N ASP A 129 -19.54 -35.41 35.84
CA ASP A 129 -18.87 -35.22 37.10
C ASP A 129 -17.52 -35.86 37.07
N GLU A 130 -17.40 -36.97 36.36
CA GLU A 130 -16.11 -37.60 36.23
C GLU A 130 -15.13 -36.62 35.59
N HIS A 131 -15.60 -35.89 34.59
CA HIS A 131 -14.77 -34.91 33.92
C HIS A 131 -14.41 -33.75 34.86
N ALA A 132 -15.39 -33.22 35.54
CA ALA A 132 -15.16 -32.19 36.51
C ALA A 132 -14.12 -32.56 37.57
N ARG A 133 -14.26 -33.74 38.16
N ARG A 133 -14.26 -33.74 38.17
CA ARG A 133 -13.29 -34.24 39.12
CA ARG A 133 -13.28 -34.25 39.14
C ARG A 133 -11.87 -34.20 38.57
C ARG A 133 -11.87 -34.20 38.57
N MET A 134 -11.70 -34.73 37.38
CA MET A 134 -10.38 -34.96 36.85
C MET A 134 -9.78 -33.66 36.34
N ARG A 135 -10.64 -32.79 35.84
CA ARG A 135 -10.25 -31.48 35.37
C ARG A 135 -9.69 -30.64 36.55
N ARG A 136 -10.34 -30.72 37.71
CA ARG A 136 -9.83 -30.10 38.94
C ARG A 136 -8.36 -30.48 39.14
N VAL A 137 -8.06 -31.76 38.98
CA VAL A 137 -6.69 -32.21 39.15
C VAL A 137 -5.74 -31.70 38.04
N TYR A 138 -6.14 -31.81 36.79
CA TYR A 138 -5.33 -31.27 35.67
C TYR A 138 -5.11 -29.78 35.82
N ASN A 139 -6.11 -29.06 36.29
CA ASN A 139 -5.94 -27.64 36.60
C ASN A 139 -4.78 -27.27 37.51
N MET A 140 -4.48 -28.10 38.51
CA MET A 140 -3.40 -27.80 39.43
C MET A 140 -2.03 -27.68 38.74
N PHE A 141 -1.84 -28.38 37.65
CA PHE A 141 -0.56 -28.34 37.01
C PHE A 141 -0.38 -27.10 36.17
N PHE A 142 -1.41 -26.30 35.96
CA PHE A 142 -1.29 -25.17 35.06
C PHE A 142 -1.64 -23.84 35.70
N LEU A 143 -1.59 -23.83 37.02
CA LEU A 143 -1.76 -22.60 37.77
C LEU A 143 -0.60 -21.64 37.52
N PRO A 144 -0.87 -20.36 37.67
CA PRO A 144 0.14 -19.34 37.38
C PRO A 144 1.48 -19.57 38.11
N ARG A 145 1.42 -20.00 39.36
CA ARG A 145 2.64 -20.26 40.12
C ARG A 145 3.43 -21.41 39.50
N ALA A 146 2.74 -22.53 39.27
CA ALA A 146 3.35 -23.68 38.60
C ALA A 146 3.92 -23.33 37.23
N VAL A 147 3.17 -22.57 36.45
CA VAL A 147 3.60 -22.23 35.12
C VAL A 147 4.85 -21.37 35.20
N SER A 148 4.92 -20.45 36.15
CA SER A 148 6.17 -19.68 36.31
C SER A 148 7.36 -20.48 36.72
N GLN A 149 7.14 -21.42 37.62
CA GLN A 149 8.20 -22.32 37.94
C GLN A 149 8.70 -23.03 36.69
N TYR A 150 7.83 -23.44 35.79
CA TYR A 150 8.28 -24.15 34.59
C TYR A 150 9.08 -23.21 33.69
N GLU A 151 8.70 -21.94 33.70
CA GLU A 151 9.34 -20.93 32.92
C GLU A 151 10.78 -20.76 33.36
N GLU A 152 11.02 -20.64 34.67
CA GLU A 152 12.39 -20.40 35.20
C GLU A 152 13.25 -21.66 35.14
N ARG A 153 12.71 -22.80 35.58
CA ARG A 153 13.43 -24.07 35.61
C ARG A 153 13.72 -24.68 34.26
N PHE A 154 12.85 -24.50 33.26
CA PHE A 154 12.97 -25.25 31.99
C PHE A 154 12.87 -24.43 30.72
N VAL A 155 11.80 -23.68 30.58
CA VAL A 155 11.48 -23.11 29.29
C VAL A 155 12.42 -21.96 28.91
N ARG A 156 12.82 -21.11 29.86
CA ARG A 156 13.80 -20.03 29.55
C ARG A 156 15.19 -20.60 29.19
N PRO A 157 15.79 -21.45 30.04
CA PRO A 157 17.06 -22.10 29.67
C PRO A 157 17.04 -22.81 28.32
N ILE A 158 16.06 -23.70 28.18
CA ILE A 158 15.94 -24.48 26.97
C ILE A 158 15.70 -23.57 25.77
N SER A 159 14.88 -22.55 25.90
CA SER A 159 14.67 -21.70 24.77
C SER A 159 15.96 -21.02 24.39
N GLU A 160 16.76 -20.59 25.38
CA GLU A 160 18.06 -19.97 25.03
C GLU A 160 18.99 -20.96 24.35
N GLN A 161 19.09 -22.18 24.86
CA GLN A 161 19.95 -23.15 24.18
C GLN A 161 19.46 -23.41 22.74
N VAL A 162 18.17 -23.60 22.53
CA VAL A 162 17.61 -23.86 21.19
C VAL A 162 17.93 -22.74 20.22
N VAL A 163 17.83 -21.52 20.71
CA VAL A 163 18.04 -20.36 19.86
C VAL A 163 19.51 -20.21 19.47
N ASP A 164 20.41 -20.35 20.45
CA ASP A 164 21.87 -20.23 20.19
C ASP A 164 22.36 -21.27 19.18
N ARG A 165 21.78 -22.47 19.26
CA ARG A 165 22.04 -23.54 18.32
C ARG A 165 21.78 -23.10 16.85
N LEU A 166 21.00 -22.06 16.62
CA LEU A 166 20.69 -21.63 15.25
C LEU A 166 21.82 -20.81 14.64
N ALA A 167 22.61 -20.15 15.48
CA ALA A 167 23.75 -19.34 15.04
C ALA A 167 24.73 -20.27 14.31
N LYS A 169 23.94 -22.39 12.14
CA LYS A 169 23.43 -23.30 11.17
C LYS A 169 23.45 -22.66 9.79
N PRO A 170 23.67 -23.48 8.76
CA PRO A 170 23.76 -22.99 7.39
C PRO A 170 22.45 -22.36 6.87
N ARG A 171 21.35 -23.11 6.84
CA ARG A 171 20.09 -22.68 6.17
C ARG A 171 18.92 -22.85 7.12
N VAL A 172 18.55 -21.80 7.84
CA VAL A 172 17.55 -21.95 8.93
C VAL A 172 16.08 -21.97 8.50
N ASP A 173 15.37 -22.95 9.00
CA ASP A 173 13.91 -23.06 8.88
C ASP A 173 13.34 -23.03 10.28
N LEU A 174 12.68 -21.94 10.63
CA LEU A 174 12.15 -21.81 12.01
C LEU A 174 11.01 -22.77 12.36
N LEU A 175 10.38 -23.41 11.38
CA LEU A 175 9.45 -24.47 11.67
C LEU A 175 10.17 -25.67 12.25
N GLU A 176 10.93 -26.40 11.44
CA GLU A 176 11.63 -27.56 11.97
C GLU A 176 12.69 -27.25 13.01
N ASP A 177 13.37 -26.11 12.96
CA ASP A 177 14.55 -25.86 13.82
C ASP A 177 14.25 -25.08 15.08
N PHE A 178 13.06 -24.51 15.15
CA PHE A 178 12.71 -23.71 16.33
C PHE A 178 11.36 -24.07 16.92
N ALA A 179 10.33 -23.98 16.09
CA ALA A 179 8.97 -24.20 16.50
C ALA A 179 8.69 -25.65 16.85
N MET A 180 9.31 -26.59 16.15
CA MET A 180 9.22 -27.98 16.56
C MET A 180 10.18 -28.32 17.68
N GLU A 181 11.35 -27.70 17.63
CA GLU A 181 12.47 -28.01 18.57
C GLU A 181 12.13 -27.70 20.00
N LEU A 182 11.69 -26.48 20.20
CA LEU A 182 11.53 -25.98 21.52
C LEU A 182 10.51 -26.78 22.34
N PRO A 183 9.28 -26.93 21.86
CA PRO A 183 8.31 -27.70 22.64
C PRO A 183 8.72 -29.13 22.94
N ARG A 184 9.40 -29.74 21.98
CA ARG A 184 9.88 -31.10 22.15
C ARG A 184 10.91 -31.19 23.24
N ARG A 185 11.87 -30.30 23.20
CA ARG A 185 12.85 -30.26 24.26
C ARG A 185 12.20 -29.97 25.61
N VAL A 186 11.22 -29.08 25.65
CA VAL A 186 10.60 -28.78 26.92
C VAL A 186 9.92 -30.03 27.49
N ILE A 187 9.18 -30.75 26.66
CA ILE A 187 8.56 -31.98 27.12
C ILE A 187 9.63 -32.99 27.50
N GLY A 188 10.71 -33.05 26.72
CA GLY A 188 11.87 -33.85 27.07
C GLY A 188 12.26 -33.63 28.53
N GLU A 189 12.45 -32.38 28.88
CA GLU A 189 12.90 -32.08 30.20
C GLU A 189 11.82 -32.33 31.28
N LEU A 190 10.53 -32.16 30.98
CA LEU A 190 9.47 -32.44 31.98
C LEU A 190 9.40 -33.92 32.28
N PHE A 191 9.83 -34.76 31.34
CA PHE A 191 9.77 -36.21 31.52
C PHE A 191 11.07 -36.81 32.06
N GLY A 192 12.15 -36.04 32.02
CA GLY A 192 13.50 -36.57 32.24
C GLY A 192 13.89 -37.56 31.14
N PHE A 193 13.58 -37.22 29.92
CA PHE A 193 13.70 -38.15 28.85
C PHE A 193 14.39 -37.44 27.67
N PRO A 194 15.27 -38.16 26.93
CA PRO A 194 15.96 -37.47 25.81
C PRO A 194 15.03 -36.96 24.69
N ALA A 195 15.33 -35.77 24.19
CA ALA A 195 14.49 -35.13 23.16
C ALA A 195 14.56 -35.86 21.83
N GLU A 196 15.69 -36.49 21.55
CA GLU A 196 15.79 -37.26 20.31
C GLU A 196 14.87 -38.48 20.33
N LYS A 197 14.57 -39.07 21.48
CA LYS A 197 13.67 -40.21 21.48
C LYS A 197 12.23 -39.79 21.15
N LEU A 198 11.87 -38.57 21.57
CA LEU A 198 10.55 -38.02 21.28
C LEU A 198 10.45 -37.62 19.81
N HIS A 199 11.54 -37.11 19.28
CA HIS A 199 11.59 -36.73 17.86
C HIS A 199 11.29 -37.91 16.92
N GLU A 200 11.65 -39.13 17.34
CA GLU A 200 11.36 -40.33 16.55
C GLU A 200 9.88 -40.71 16.64
N THR A 201 9.11 -40.17 17.60
CA THR A 201 7.67 -40.40 17.66
C THR A 201 6.87 -39.48 16.75
N ASP A 202 7.47 -38.45 16.19
CA ASP A 202 6.78 -37.53 15.28
C ASP A 202 5.68 -38.11 14.44
N GLU A 203 6.02 -39.08 13.60
CA GLU A 203 5.06 -39.62 12.63
C GLU A 203 3.93 -40.36 13.34
N ARG A 204 4.30 -40.99 14.44
CA ARG A 204 3.33 -41.67 15.27
C ARG A 204 2.41 -40.69 15.96
N VAL A 205 2.95 -39.59 16.46
CA VAL A 205 2.14 -38.60 17.14
C VAL A 205 1.07 -38.01 16.20
N ARG A 206 1.47 -37.74 14.96
CA ARG A 206 0.52 -37.26 13.95
C ARG A 206 -0.52 -38.31 13.49
N ALA A 207 -0.08 -39.55 13.42
CA ALA A 207 -0.97 -40.66 13.09
C ALA A 207 -2.00 -40.83 14.18
N MET A 208 -1.54 -40.74 15.43
CA MET A 208 -2.43 -40.75 16.55
C MET A 208 -3.45 -39.65 16.37
N LEU A 209 -2.99 -38.42 16.14
CA LEU A 209 -3.91 -37.28 16.06
C LEU A 209 -4.87 -37.34 14.89
N ARG A 210 -4.40 -37.80 13.74
CA ARG A 210 -5.26 -37.83 12.57
C ARG A 210 -6.49 -38.70 12.76
N GLY A 211 -6.34 -39.77 13.54
CA GLY A 211 -7.43 -40.65 13.87
C GLY A 211 -8.41 -40.11 14.89
N LEU A 212 -7.99 -39.10 15.64
CA LEU A 212 -8.91 -38.40 16.48
C LEU A 212 -9.76 -37.37 15.74
N VAL A 213 -9.41 -37.00 14.51
CA VAL A 213 -10.15 -35.96 13.81
C VAL A 213 -10.95 -36.59 12.71
N ARG A 214 -10.28 -37.44 11.94
CA ARG A 214 -10.87 -38.15 10.81
C ARG A 214 -11.33 -39.51 11.27
N MET A 215 -12.26 -39.51 12.19
CA MET A 215 -12.70 -40.79 12.72
C MET A 215 -13.72 -41.49 11.83
N HIS A 216 -14.24 -40.80 10.82
CA HIS A 216 -15.12 -41.36 9.82
C HIS A 216 -14.28 -42.26 8.88
N ASP A 217 -12.96 -42.24 9.05
CA ASP A 217 -12.04 -42.97 8.19
C ASP A 217 -11.38 -44.19 8.87
N PRO A 218 -11.90 -45.39 8.57
CA PRO A 218 -11.37 -46.65 9.14
C PRO A 218 -9.84 -46.74 9.17
N ALA A 219 -9.18 -46.31 8.10
CA ALA A 219 -7.76 -46.51 8.01
C ALA A 219 -7.08 -45.55 8.97
N ALA A 220 -7.56 -44.30 9.08
CA ALA A 220 -6.96 -43.32 10.00
C ALA A 220 -7.16 -43.76 11.45
N VAL A 221 -8.33 -44.30 11.74
CA VAL A 221 -8.61 -44.81 13.08
C VAL A 221 -7.68 -45.99 13.40
N ALA A 222 -7.61 -46.96 12.50
CA ALA A 222 -6.70 -48.09 12.71
C ALA A 222 -5.25 -47.66 12.91
N GLU A 223 -4.75 -46.75 12.07
CA GLU A 223 -3.36 -46.25 12.21
C GLU A 223 -3.13 -45.51 13.51
N SER A 224 -4.17 -44.82 13.99
CA SER A 224 -4.12 -44.13 15.27
C SER A 224 -3.90 -45.12 16.44
N GLN A 225 -4.71 -46.16 16.51
CA GLN A 225 -4.54 -47.28 17.41
C GLN A 225 -3.18 -47.95 17.26
N ARG A 226 -2.79 -48.29 16.03
CA ARG A 226 -1.46 -48.88 15.81
C ARG A 226 -0.34 -48.03 16.41
N ALA A 227 -0.40 -46.73 16.11
CA ALA A 227 0.62 -45.81 16.55
C ALA A 227 0.65 -45.69 18.09
N TYR A 228 -0.51 -45.72 18.72
CA TYR A 228 -0.55 -45.64 20.17
C TYR A 228 0.15 -46.88 20.74
N GLY A 229 -0.16 -48.05 20.19
CA GLY A 229 0.45 -49.31 20.65
C GLY A 229 1.97 -49.28 20.50
N GLU A 230 2.42 -48.78 19.37
CA GLU A 230 3.85 -48.57 19.11
C GLU A 230 4.52 -47.51 20.00
N THR A 231 3.73 -46.69 20.70
CA THR A 231 4.23 -45.62 21.57
C THR A 231 3.97 -45.95 23.05
N LEU A 232 3.12 -46.93 23.29
CA LEU A 232 2.89 -47.39 24.66
C LEU A 232 4.15 -47.78 25.44
N GLY A 233 5.12 -48.37 24.76
CA GLY A 233 6.34 -48.76 25.42
C GLY A 233 7.01 -47.56 26.04
N LEU A 234 7.31 -46.58 25.20
CA LEU A 234 7.92 -45.33 25.63
C LEU A 234 7.12 -44.66 26.77
N ILE A 235 5.80 -44.61 26.61
CA ILE A 235 4.95 -43.92 27.57
C ILE A 235 5.00 -44.64 28.90
N THR A 236 5.06 -45.97 28.86
CA THR A 236 5.04 -46.77 30.08
C THR A 236 6.37 -46.68 30.80
N GLU A 237 7.44 -46.63 30.00
CA GLU A 237 8.78 -46.46 30.52
C GLU A 237 8.90 -45.15 31.29
N VAL A 238 8.49 -44.05 30.64
CA VAL A 238 8.49 -42.74 31.27
C VAL A 238 7.72 -42.75 32.62
N VAL A 239 6.55 -43.39 32.63
CA VAL A 239 5.74 -43.51 33.82
C VAL A 239 6.44 -44.27 34.92
N GLU A 240 7.10 -45.35 34.54
CA GLU A 240 7.81 -46.20 35.50
C GLU A 240 9.02 -45.46 36.12
N ARG A 241 9.81 -44.78 35.30
CA ARG A 241 10.99 -44.07 35.82
C ARG A 241 10.57 -42.95 36.78
N GLU A 242 9.52 -42.22 36.41
CA GLU A 242 9.18 -40.98 37.10
C GLU A 242 8.15 -41.26 38.22
N SER A 243 7.60 -42.49 38.28
CA SER A 243 6.76 -42.93 39.41
C SER A 243 7.66 -43.71 40.37
N ARG A 244 8.96 -43.75 40.04
CA ARG A 244 9.99 -44.57 40.67
C ARG A 244 10.12 -44.19 42.16
N ASP A 245 10.60 -45.14 42.97
CA ASP A 245 10.91 -44.95 44.41
C ASP A 245 10.69 -43.50 44.94
N THR A 246 11.59 -42.60 44.53
CA THR A 246 11.35 -41.15 44.63
C THR A 246 12.46 -40.47 43.80
N SER A 247 12.06 -39.69 42.81
CA SER A 247 13.01 -39.01 41.91
C SER A 247 12.35 -37.67 41.56
N ASP A 248 12.84 -36.96 40.55
CA ASP A 248 12.48 -35.55 40.39
C ASP A 248 12.35 -35.06 38.94
N THR A 249 11.12 -35.01 38.44
CA THR A 249 10.74 -34.36 37.18
C THR A 249 9.43 -33.64 37.48
N LEU A 250 9.03 -32.63 36.71
CA LEU A 250 7.68 -32.05 36.92
C LEU A 250 6.66 -33.19 36.77
N LEU A 251 6.98 -34.14 35.90
CA LEU A 251 6.18 -35.33 35.79
C LEU A 251 6.07 -36.09 37.11
N GLY A 252 7.17 -36.20 37.84
CA GLY A 252 7.16 -36.87 39.15
C GLY A 252 6.17 -36.19 40.08
N GLU A 253 6.23 -34.86 40.14
CA GLU A 253 5.29 -34.07 40.93
C GLU A 253 3.84 -34.33 40.50
N ILE A 254 3.60 -34.39 39.20
CA ILE A 254 2.25 -34.65 38.68
C ILE A 254 1.74 -36.01 39.16
N LEU A 255 2.58 -37.05 39.05
CA LEU A 255 2.19 -38.41 39.43
C LEU A 255 1.95 -38.56 40.91
N ARG A 256 2.81 -37.94 41.71
CA ARG A 256 2.58 -37.86 43.15
C ARG A 256 1.26 -37.12 43.49
N THR A 257 0.95 -36.04 42.77
CA THR A 257 -0.38 -35.37 42.94
C THR A 257 -1.57 -36.26 42.57
N LEU A 258 -1.42 -37.03 41.50
CA LEU A 258 -2.47 -37.90 41.05
C LEU A 258 -2.75 -38.92 42.14
N LYS A 259 -1.69 -39.44 42.72
CA LYS A 259 -1.81 -40.44 43.79
C LYS A 259 -2.44 -39.83 45.05
N ALA A 260 -1.92 -38.68 45.48
CA ALA A 260 -2.49 -37.95 46.59
C ALA A 260 -4.00 -37.73 46.44
N GLU A 261 -4.47 -37.54 45.20
CA GLU A 261 -5.90 -37.33 44.94
C GLU A 261 -6.65 -38.63 44.70
N HIS A 262 -5.99 -39.76 44.89
CA HIS A 262 -6.60 -41.06 44.73
C HIS A 262 -7.10 -41.27 43.29
N MET A 263 -6.34 -40.75 42.33
CA MET A 263 -6.63 -40.98 40.92
C MET A 263 -5.47 -41.69 40.24
N ASP A 264 -4.64 -42.40 41.00
CA ASP A 264 -3.45 -43.00 40.41
C ASP A 264 -3.92 -44.29 39.80
N THR A 265 -3.81 -44.41 38.48
CA THR A 265 -4.11 -45.64 37.77
C THR A 265 -3.08 -45.65 36.72
N ILE A 266 -2.92 -46.80 36.10
CA ILE A 266 -2.02 -46.90 34.96
C ILE A 266 -2.61 -46.12 33.77
N GLU A 267 -3.91 -46.24 33.53
CA GLU A 267 -4.59 -45.49 32.45
C GLU A 267 -4.44 -43.96 32.64
N ALA A 268 -4.77 -43.47 33.83
CA ALA A 268 -4.64 -42.05 34.12
C ALA A 268 -3.21 -41.53 33.86
N SER A 269 -2.21 -42.26 34.37
CA SER A 269 -0.81 -41.85 34.22
C SER A 269 -0.39 -41.85 32.77
N ARG A 270 -0.79 -42.86 32.06
CA ARG A 270 -0.51 -42.93 30.63
C ARG A 270 -1.18 -41.77 29.88
N GLN A 271 -2.41 -41.42 30.27
CA GLN A 271 -3.19 -40.42 29.55
C GLN A 271 -2.63 -39.00 29.74
N ILE A 272 -2.15 -38.75 30.96
CA ILE A 272 -1.47 -37.51 31.24
C ILE A 272 -0.22 -37.40 30.37
N VAL A 273 0.54 -38.47 30.27
CA VAL A 273 1.80 -38.42 29.56
C VAL A 273 1.44 -38.19 28.10
N LEU A 274 0.34 -38.83 27.69
CA LEU A 274 -0.10 -38.76 26.33
C LEU A 274 -0.53 -37.32 25.99
N SER A 275 -1.23 -36.70 26.92
CA SER A 275 -1.62 -35.32 26.76
C SER A 275 -0.44 -34.44 26.56
N LEU A 276 0.59 -34.66 27.37
CA LEU A 276 1.72 -33.75 27.32
C LEU A 276 2.44 -33.88 26.00
N ILE A 277 2.40 -35.08 25.43
CA ILE A 277 2.99 -35.28 24.15
C ILE A 277 2.14 -34.63 23.05
N LEU A 278 0.84 -34.96 23.01
CA LEU A 278 -0.01 -34.48 21.92
C LEU A 278 -0.18 -32.94 21.92
N GLY A 279 -0.36 -32.36 23.10
CA GLY A 279 -0.56 -30.94 23.25
C GLY A 279 0.69 -30.13 23.45
N GLY A 280 1.56 -30.58 24.34
CA GLY A 280 2.69 -29.75 24.73
C GLY A 280 3.88 -29.79 23.80
N TYR A 281 3.86 -30.78 22.90
CA TYR A 281 4.84 -30.99 21.88
C TYR A 281 4.22 -30.64 20.51
N GLU A 282 3.36 -31.50 19.95
CA GLU A 282 2.90 -31.26 18.58
C GLU A 282 2.03 -29.99 18.38
N THR A 283 1.03 -29.85 19.20
CA THR A 283 0.07 -28.78 19.02
C THR A 283 0.65 -27.42 19.31
N THR A 284 1.44 -27.35 20.37
CA THR A 284 2.16 -26.14 20.71
C THR A 284 3.09 -25.70 19.58
N SER A 285 3.76 -26.65 18.94
CA SER A 285 4.66 -26.29 17.80
C SER A 285 4.05 -25.41 16.76
N TRP A 286 2.81 -25.70 16.45
CA TRP A 286 2.13 -24.97 15.40
C TRP A 286 1.68 -23.59 15.82
N LEU A 287 1.32 -23.46 17.09
CA LEU A 287 1.05 -22.13 17.65
C LEU A 287 2.32 -21.26 17.60
N VAL A 288 3.47 -21.84 17.96
CA VAL A 288 4.71 -21.10 17.85
C VAL A 288 5.02 -20.74 16.38
N ALA A 289 4.87 -21.70 15.48
CA ALA A 289 5.10 -21.41 14.08
C ALA A 289 4.23 -20.29 13.50
N ASN A 290 2.96 -20.28 13.86
CA ASN A 290 2.04 -19.30 13.25
C ASN A 290 2.29 -17.93 13.80
N THR A 291 2.70 -17.88 15.04
CA THR A 291 3.05 -16.62 15.63
C THR A 291 4.28 -16.04 14.97
N ILE A 292 5.32 -16.86 14.84
CA ILE A 292 6.51 -16.42 14.11
C ILE A 292 6.21 -15.92 12.73
N HIS A 293 5.50 -16.69 11.95
CA HIS A 293 5.17 -16.23 10.64
C HIS A 293 4.50 -14.89 10.67
N ALA A 294 3.58 -14.68 11.61
CA ALA A 294 2.83 -13.44 11.61
C ALA A 294 3.78 -12.22 11.78
N LEU A 295 4.70 -12.36 12.74
CA LEU A 295 5.74 -11.38 12.96
C LEU A 295 6.66 -11.20 11.74
N LEU A 296 7.21 -12.28 11.20
CA LEU A 296 8.02 -12.17 9.97
C LEU A 296 7.30 -11.49 8.83
N ALA A 297 6.00 -11.72 8.72
CA ALA A 297 5.27 -11.20 7.61
C ALA A 297 4.84 -9.77 7.84
N HIS A 298 5.25 -9.21 8.97
CA HIS A 298 4.90 -7.83 9.34
C HIS A 298 6.09 -7.21 10.09
N PRO A 299 7.15 -6.85 9.34
CA PRO A 299 8.45 -6.50 9.97
C PRO A 299 8.43 -5.23 10.84
N ASP A 300 7.61 -4.25 10.49
CA ASP A 300 7.37 -3.19 11.45
C ASP A 300 6.88 -3.75 12.78
N THR A 301 5.84 -4.61 12.77
CA THR A 301 5.34 -5.18 14.02
C THR A 301 6.46 -5.97 14.70
N LEU A 302 7.25 -6.70 13.95
CA LEU A 302 8.32 -7.49 14.55
C LEU A 302 9.29 -6.60 15.30
N ALA A 303 9.58 -5.45 14.69
CA ALA A 303 10.55 -4.51 15.28
C ALA A 303 10.02 -3.96 16.60
N ARG A 304 8.77 -3.50 16.59
CA ARG A 304 8.13 -3.06 17.82
C ARG A 304 8.22 -4.09 18.92
N VAL A 305 8.02 -5.34 18.56
CA VAL A 305 7.96 -6.40 19.56
C VAL A 305 9.34 -6.65 20.09
N ARG A 306 10.34 -6.56 19.22
CA ARG A 306 11.74 -6.75 19.63
C ARG A 306 12.15 -5.65 20.61
N GLN A 307 11.77 -4.41 20.31
CA GLN A 307 12.04 -3.27 21.22
C GLN A 307 11.24 -3.30 22.55
N ASP A 308 10.01 -3.82 22.54
CA ASP A 308 9.17 -3.95 23.79
C ASP A 308 8.56 -5.37 23.84
N PRO A 309 9.31 -6.35 24.33
CA PRO A 309 8.82 -7.70 24.56
C PRO A 309 7.49 -7.82 25.35
N SER A 310 7.08 -6.78 26.05
CA SER A 310 5.82 -6.85 26.77
C SER A 310 4.64 -6.95 25.76
N LEU A 311 4.91 -6.66 24.50
CA LEU A 311 3.91 -6.76 23.43
C LEU A 311 3.71 -8.20 22.97
N LEU A 312 4.55 -9.10 23.44
CA LEU A 312 4.47 -10.49 23.01
C LEU A 312 3.14 -11.21 23.27
N PRO A 313 2.58 -11.09 24.48
CA PRO A 313 1.27 -11.73 24.70
C PRO A 313 0.21 -11.28 23.71
N ALA A 314 0.18 -10.01 23.36
CA ALA A 314 -0.78 -9.56 22.40
C ALA A 314 -0.42 -10.14 21.06
N ALA A 315 0.87 -10.25 20.78
CA ALA A 315 1.28 -10.72 19.44
C ALA A 315 0.80 -12.14 19.19
N ILE A 316 0.87 -12.90 20.24
CA ILE A 316 0.38 -14.24 20.27
C ILE A 316 -1.18 -14.29 20.21
N GLU A 317 -1.91 -13.54 21.04
CA GLU A 317 -3.36 -13.62 20.95
C GLU A 317 -3.89 -13.16 19.60
N GLU A 318 -3.31 -12.11 19.04
CA GLU A 318 -3.76 -11.62 17.75
C GLU A 318 -3.35 -12.66 16.71
N GLY A 319 -2.24 -13.36 16.96
CA GLY A 319 -1.82 -14.47 16.07
C GLY A 319 -2.90 -15.57 15.94
N MET A 320 -3.48 -15.90 17.10
CA MET A 320 -4.47 -16.92 17.20
C MET A 320 -5.72 -16.52 16.45
N ARG A 321 -6.02 -15.21 16.45
CA ARG A 321 -7.11 -14.76 15.63
C ARG A 321 -6.76 -14.80 14.15
N TRP A 322 -5.58 -14.26 13.80
CA TRP A 322 -5.24 -13.90 12.42
C TRP A 322 -4.90 -15.15 11.61
N CYS A 323 -4.16 -16.03 12.28
CA CYS A 323 -3.71 -17.27 11.66
C CYS A 323 -3.77 -18.41 12.69
N PRO A 324 -4.96 -18.92 12.92
CA PRO A 324 -5.18 -19.93 13.93
C PRO A 324 -4.55 -21.24 13.53
N SER A 325 -4.05 -22.00 14.51
CA SER A 325 -3.47 -23.29 14.26
C SER A 325 -4.43 -24.49 14.37
N SER A 326 -5.59 -24.38 15.04
CA SER A 326 -6.60 -25.46 14.97
C SER A 326 -7.90 -24.88 14.53
N PHE A 327 -8.91 -25.73 14.33
CA PHE A 327 -10.21 -25.24 13.83
C PHE A 327 -11.30 -25.01 14.90
N GLY A 328 -11.06 -25.54 16.10
CA GLY A 328 -12.08 -25.65 17.12
C GLY A 328 -12.10 -27.06 17.64
N VAL A 329 -13.24 -27.70 17.56
CA VAL A 329 -13.38 -28.95 18.25
C VAL A 329 -14.40 -29.82 17.59
N LEU A 330 -14.35 -31.09 17.95
CA LEU A 330 -15.37 -32.04 17.52
C LEU A 330 -16.34 -32.34 18.64
N ARG A 331 -17.57 -32.63 18.27
CA ARG A 331 -18.60 -32.98 19.22
C ARG A 331 -19.59 -33.97 18.58
N MET A 332 -20.19 -34.79 19.43
CA MET A 332 -21.16 -35.79 19.05
C MET A 332 -22.55 -35.30 19.43
N VAL A 333 -23.46 -35.22 18.49
CA VAL A 333 -24.78 -34.81 18.78
C VAL A 333 -25.51 -35.98 19.44
N GLU A 334 -25.99 -35.78 20.66
CA GLU A 334 -26.59 -36.86 21.44
C GLU A 334 -28.09 -36.91 21.29
N ARG A 335 -28.73 -35.88 20.77
CA ARG A 335 -30.16 -35.93 20.49
C ARG A 335 -30.60 -35.09 19.30
N ASP A 336 -31.66 -35.51 18.60
CA ASP A 336 -32.11 -34.79 17.40
C ASP A 336 -32.30 -33.37 17.78
N VAL A 337 -31.71 -32.43 17.07
CA VAL A 337 -31.69 -31.07 17.55
C VAL A 337 -31.92 -30.16 16.35
N ARG A 338 -32.56 -29.02 16.57
CA ARG A 338 -32.75 -28.03 15.50
C ARG A 338 -32.04 -26.76 15.87
N LEU A 339 -31.35 -26.17 14.92
CA LEU A 339 -30.55 -24.96 15.20
C LEU A 339 -31.01 -23.99 14.17
N ASP A 340 -31.87 -23.07 14.58
CA ASP A 340 -32.69 -22.28 13.66
C ASP A 340 -33.37 -23.24 12.68
N ASP A 341 -33.10 -23.10 11.39
CA ASP A 341 -33.76 -23.92 10.38
C ASP A 341 -33.07 -25.26 10.16
N GLN A 342 -31.96 -25.49 10.84
CA GLN A 342 -31.07 -26.60 10.54
C GLN A 342 -31.37 -27.75 11.47
N ALA A 343 -31.19 -28.94 10.98
CA ALA A 343 -31.47 -30.12 11.78
C ALA A 343 -30.25 -31.02 11.86
N LEU A 344 -29.99 -31.56 13.03
CA LEU A 344 -28.92 -32.49 13.20
C LEU A 344 -29.42 -33.71 13.92
N SER A 345 -28.96 -34.88 13.50
CA SER A 345 -29.45 -36.11 14.10
C SER A 345 -28.56 -36.62 15.18
N ALA A 346 -29.18 -37.26 16.16
CA ALA A 346 -28.41 -37.96 17.17
C ALA A 346 -27.48 -38.93 16.46
N GLY A 347 -26.28 -39.04 16.98
CA GLY A 347 -25.28 -39.90 16.40
C GLY A 347 -24.34 -39.21 15.42
N THR A 348 -24.67 -38.02 14.96
CA THR A 348 -23.79 -37.28 14.06
C THR A 348 -22.65 -36.62 14.82
N VAL A 349 -21.43 -36.87 14.36
CA VAL A 349 -20.25 -36.09 14.81
C VAL A 349 -20.17 -34.83 13.99
N VAL A 350 -19.95 -33.70 14.64
CA VAL A 350 -19.86 -32.37 13.99
C VAL A 350 -18.67 -31.61 14.48
N CYS A 351 -18.32 -30.59 13.73
CA CYS A 351 -17.19 -29.80 14.09
C CYS A 351 -17.71 -28.46 14.44
N LEU A 352 -17.32 -27.95 15.60
CA LEU A 352 -17.56 -26.52 15.93
C LEU A 352 -16.36 -25.71 15.50
N ALA A 353 -16.53 -24.96 14.43
CA ALA A 353 -15.44 -24.19 13.86
C ALA A 353 -15.55 -22.81 14.45
N GLY A 354 -15.24 -22.76 15.73
CA GLY A 354 -15.27 -21.48 16.40
C GLY A 354 -14.35 -20.42 15.81
N ILE A 355 -13.27 -20.81 15.11
CA ILE A 355 -12.44 -19.84 14.42
C ILE A 355 -13.12 -19.13 13.23
N ALA A 356 -14.34 -19.46 12.90
CA ALA A 356 -15.04 -18.75 11.83
C ALA A 356 -15.48 -17.36 12.24
N GLY A 357 -15.44 -17.10 13.51
CA GLY A 357 -15.61 -15.79 13.99
C GLY A 357 -14.37 -14.92 14.00
N ASN A 358 -13.18 -15.52 13.87
CA ASN A 358 -11.94 -14.82 13.85
C ASN A 358 -11.91 -13.77 12.77
N TYR A 359 -12.67 -13.92 11.71
CA TYR A 359 -12.68 -12.92 10.65
C TYR A 359 -14.01 -12.26 10.49
N ASP A 360 -14.82 -12.22 11.55
CA ASP A 360 -16.03 -11.41 11.54
C ASP A 360 -15.66 -9.92 11.63
N GLU A 361 -15.85 -9.20 10.53
CA GLU A 361 -15.60 -7.73 10.41
C GLU A 361 -16.23 -6.95 11.59
N THR A 362 -17.44 -7.35 11.99
CA THR A 362 -18.21 -6.68 13.02
C THR A 362 -17.57 -6.78 14.39
N ALA A 363 -16.75 -7.78 14.62
CA ALA A 363 -16.03 -7.90 15.88
C ALA A 363 -14.58 -7.45 15.78
N TYR A 364 -13.98 -7.68 14.64
CA TYR A 364 -12.55 -7.43 14.38
C TYR A 364 -12.43 -6.76 13.00
N PRO A 365 -12.67 -5.44 12.96
CA PRO A 365 -12.60 -4.71 11.70
C PRO A 365 -11.26 -4.89 10.99
N SER A 366 -11.31 -4.97 9.65
CA SER A 366 -10.12 -5.31 8.83
C SER A 366 -9.45 -6.54 9.40
N PRO A 367 -10.21 -7.63 9.42
CA PRO A 367 -9.77 -8.92 9.96
C PRO A 367 -8.52 -9.45 9.28
N GLU A 368 -8.35 -9.19 7.98
CA GLU A 368 -7.12 -9.58 7.28
C GLU A 368 -5.88 -8.95 7.86
N VAL A 369 -6.01 -7.84 8.58
CA VAL A 369 -4.85 -7.14 9.07
C VAL A 369 -4.41 -7.71 10.39
N TYR A 370 -3.12 -8.03 10.49
CA TYR A 370 -2.52 -8.49 11.74
C TYR A 370 -2.23 -7.24 12.57
N ASP A 371 -3.07 -6.96 13.55
CA ASP A 371 -2.96 -5.75 14.37
C ASP A 371 -2.85 -6.07 15.84
N ILE A 372 -1.64 -6.01 16.37
CA ILE A 372 -1.41 -6.39 17.76
C ILE A 372 -1.91 -5.37 18.80
N ASP A 373 -2.51 -4.31 18.30
CA ASP A 373 -3.08 -3.29 19.14
C ASP A 373 -4.56 -3.44 19.34
N ARG A 374 -5.17 -4.51 18.82
CA ARG A 374 -6.62 -4.71 19.04
C ARG A 374 -6.91 -4.83 20.51
N LYS A 375 -7.89 -4.07 20.96
CA LYS A 375 -8.34 -4.15 22.36
C LYS A 375 -9.83 -4.03 22.49
N PRO A 376 -10.43 -4.83 23.33
CA PRO A 376 -9.77 -5.91 24.07
C PRO A 376 -9.13 -6.90 23.15
N LEU A 377 -8.21 -7.73 23.67
CA LEU A 377 -7.61 -8.76 22.84
C LEU A 377 -8.66 -9.72 22.39
N PRO A 378 -8.51 -10.23 21.15
CA PRO A 378 -9.49 -11.15 20.62
C PRO A 378 -9.55 -12.44 21.44
N ALA A 379 -10.79 -12.89 21.65
CA ALA A 379 -11.07 -14.15 22.36
C ALA A 379 -10.43 -15.33 21.60
N ALA A 380 -9.69 -16.16 22.30
CA ALA A 380 -8.99 -17.28 21.72
C ALA A 380 -9.86 -18.50 21.41
N ASN A 381 -10.49 -18.48 20.25
CA ASN A 381 -11.21 -19.66 19.75
C ASN A 381 -10.44 -20.96 19.46
N VAL A 382 -9.13 -20.93 19.39
CA VAL A 382 -8.38 -22.12 19.16
C VAL A 382 -8.29 -23.06 20.31
N PHE A 383 -8.64 -22.63 21.49
CA PHE A 383 -8.51 -23.56 22.62
C PHE A 383 -9.84 -24.23 22.96
N GLY A 384 -10.85 -24.00 22.13
CA GLY A 384 -12.18 -24.58 22.38
C GLY A 384 -13.04 -23.65 23.20
N GLY A 385 -13.78 -24.20 24.11
CA GLY A 385 -14.80 -23.44 24.83
C GLY A 385 -15.48 -24.32 25.86
N GLY A 386 -16.22 -23.67 26.74
CA GLY A 386 -16.96 -24.39 27.78
C GLY A 386 -16.06 -25.18 28.71
N ALA A 387 -16.60 -26.27 29.25
CA ALA A 387 -15.86 -27.00 30.25
C ALA A 387 -14.62 -27.69 29.75
N HIS A 388 -14.56 -28.01 28.44
CA HIS A 388 -13.38 -28.71 27.94
C HIS A 388 -12.24 -27.81 27.42
N PHE A 389 -12.39 -26.49 27.56
CA PHE A 389 -11.44 -25.51 27.07
C PHE A 389 -10.05 -25.91 27.47
N CYS A 390 -9.12 -25.88 26.53
CA CYS A 390 -7.76 -26.45 26.76
C CYS A 390 -7.23 -26.07 28.12
N VAL A 391 -6.91 -27.09 28.89
CA VAL A 391 -6.37 -26.93 30.20
C VAL A 391 -4.85 -26.63 30.10
N GLY A 392 -4.23 -26.95 28.97
CA GLY A 392 -2.83 -26.66 28.80
C GLY A 392 -2.53 -25.28 28.25
N ALA A 393 -3.56 -24.51 27.96
CA ALA A 393 -3.31 -23.20 27.36
C ALA A 393 -2.25 -22.37 28.09
N PRO A 394 -2.30 -22.33 29.41
CA PRO A 394 -1.31 -21.42 30.03
C PRO A 394 0.15 -21.82 29.73
N LEU A 395 0.39 -23.12 29.63
CA LEU A 395 1.71 -23.59 29.25
C LEU A 395 2.04 -23.23 27.82
N ALA A 396 1.12 -23.50 26.92
CA ALA A 396 1.32 -23.16 25.55
C ALA A 396 1.62 -21.69 25.31
N ARG A 397 0.87 -20.79 25.93
CA ARG A 397 1.07 -19.37 25.72
C ARG A 397 2.43 -18.93 26.23
N MET A 398 2.84 -19.54 27.33
CA MET A 398 4.09 -19.23 27.95
C MET A 398 5.24 -19.72 27.07
N GLU A 399 5.16 -20.93 26.52
CA GLU A 399 6.24 -21.44 25.69
C GLU A 399 6.38 -20.51 24.51
N ALA A 400 5.30 -20.03 23.98
CA ALA A 400 5.41 -19.17 22.84
C ALA A 400 6.06 -17.85 23.22
N ARG A 401 5.65 -17.27 24.33
CA ARG A 401 6.21 -15.99 24.75
C ARG A 401 7.72 -16.10 24.98
N VAL A 402 8.11 -17.05 25.79
CA VAL A 402 9.48 -17.18 26.21
C VAL A 402 10.40 -17.62 25.07
N GLY A 403 9.92 -18.52 24.23
CA GLY A 403 10.66 -18.90 23.05
C GLY A 403 10.87 -17.74 22.11
N LEU A 404 9.81 -17.01 21.78
CA LEU A 404 9.98 -15.91 20.86
C LEU A 404 10.84 -14.83 21.42
N GLN A 405 10.73 -14.59 22.72
CA GLN A 405 11.53 -13.50 23.25
C GLN A 405 12.99 -13.84 23.09
N ALA A 406 13.37 -15.08 23.30
CA ALA A 406 14.74 -15.50 23.15
C ALA A 406 15.18 -15.32 21.72
N LEU A 407 14.32 -15.72 20.81
CA LEU A 407 14.65 -15.68 19.41
C LEU A 407 14.89 -14.25 18.95
N LEU A 408 13.98 -13.36 19.27
CA LEU A 408 14.10 -11.97 18.83
C LEU A 408 15.27 -11.23 19.51
N ALA A 409 15.54 -11.55 20.78
CA ALA A 409 16.69 -10.96 21.50
C ALA A 409 17.98 -11.37 20.79
N ARG A 410 18.10 -12.63 20.45
CA ARG A 410 19.33 -13.18 19.93
C ARG A 410 19.62 -12.88 18.46
N PHE A 411 18.61 -12.53 17.68
CA PHE A 411 18.80 -12.27 16.27
C PHE A 411 18.02 -11.06 15.83
N PRO A 412 18.50 -9.89 16.22
CA PRO A 412 17.91 -8.64 15.74
C PRO A 412 17.70 -8.58 14.23
N GLY A 413 18.54 -9.28 13.49
CA GLY A 413 18.45 -9.18 12.04
C GLY A 413 17.39 -10.03 11.43
N LEU A 414 16.74 -10.85 12.27
CA LEU A 414 15.80 -11.86 11.83
C LEU A 414 14.84 -11.37 10.79
N ARG A 415 14.77 -12.07 9.69
CA ARG A 415 13.76 -11.71 8.69
C ARG A 415 13.51 -12.91 7.79
N ALA A 416 12.36 -12.87 7.14
CA ALA A 416 11.97 -13.93 6.21
C ALA A 416 12.90 -13.94 4.99
N VAL A 417 13.16 -15.12 4.44
CA VAL A 417 13.83 -15.21 3.15
C VAL A 417 12.90 -14.72 2.04
N PRO A 418 13.33 -13.73 1.23
CA PRO A 418 12.32 -12.95 0.51
C PRO A 418 11.54 -13.52 -0.61
N GLU A 419 11.92 -14.51 -1.36
CA GLU A 419 10.80 -14.98 -2.16
C GLU A 419 10.76 -16.49 -2.13
N GLU A 420 10.78 -16.99 -0.91
CA GLU A 420 10.39 -18.36 -0.61
C GLU A 420 9.16 -18.20 0.30
N ARG A 421 7.99 -17.94 -0.28
CA ARG A 421 6.76 -17.72 0.50
C ARG A 421 6.31 -19.07 1.09
N PRO A 422 5.98 -19.14 2.39
CA PRO A 422 5.43 -20.38 2.92
C PRO A 422 4.08 -20.66 2.37
N SER A 423 3.72 -21.91 2.40
CA SER A 423 2.36 -22.35 2.03
C SER A 423 1.56 -22.87 3.23
N PHE A 424 0.31 -22.43 3.31
CA PHE A 424 -0.56 -22.71 4.44
C PHE A 424 -1.71 -23.56 4.08
N MET A 425 -1.94 -24.59 4.89
CA MET A 425 -3.17 -25.35 4.82
C MET A 425 -3.43 -26.08 6.10
N TYR A 426 -4.69 -26.43 6.30
CA TYR A 426 -5.05 -27.36 7.39
C TYR A 426 -4.59 -28.72 6.92
N GLY A 427 -3.91 -29.47 7.75
CA GLY A 427 -3.30 -30.70 7.31
C GLY A 427 -1.82 -30.56 6.95
N ALA A 428 -1.22 -29.40 7.20
CA ALA A 428 0.21 -29.24 6.98
C ALA A 428 1.07 -30.36 7.59
N LYS A 429 1.87 -31.00 6.75
CA LYS A 429 2.76 -32.10 7.15
C LYS A 429 2.02 -33.27 7.75
N ASP A 430 0.81 -33.48 7.25
CA ASP A 430 -0.05 -34.53 7.78
C ASP A 430 -0.41 -34.38 9.27
N SER A 431 -0.33 -33.17 9.77
CA SER A 431 -0.69 -32.86 11.09
C SER A 431 -2.20 -32.69 11.10
N VAL A 432 -2.71 -32.28 12.27
CA VAL A 432 -4.07 -31.78 12.40
C VAL A 432 -4.10 -30.26 12.74
N ALA A 433 -3.14 -29.53 12.20
CA ALA A 433 -3.04 -28.10 12.36
C ALA A 433 -3.09 -27.35 11.05
N HIS A 434 -3.47 -26.11 11.12
CA HIS A 434 -3.32 -25.19 9.98
C HIS A 434 -2.07 -24.42 10.24
N GLY A 435 -1.15 -24.43 9.29
CA GLY A 435 0.21 -23.98 9.54
C GLY A 435 1.01 -23.87 8.25
N PRO A 436 2.20 -23.28 8.32
CA PRO A 436 3.05 -23.18 7.17
C PRO A 436 3.73 -24.50 6.91
N ASP A 437 4.14 -24.71 5.65
CA ASP A 437 5.03 -25.87 5.32
C ASP A 437 6.47 -25.64 5.71
N LYS A 438 6.91 -24.39 5.80
CA LYS A 438 8.24 -24.04 6.22
C LYS A 438 8.31 -22.55 6.53
N LEU A 439 9.32 -22.16 7.31
CA LEU A 439 9.56 -20.75 7.64
C LEU A 439 11.04 -20.42 7.49
N PRO A 440 11.50 -20.32 6.24
CA PRO A 440 12.90 -20.02 6.00
C PRO A 440 13.24 -18.59 6.37
N VAL A 441 14.33 -18.43 7.12
CA VAL A 441 14.74 -17.10 7.55
C VAL A 441 16.24 -16.85 7.33
N LEU A 442 16.57 -15.56 7.26
CA LEU A 442 17.92 -15.06 7.42
C LEU A 442 18.04 -14.44 8.81
N LEU A 443 19.10 -14.79 9.53
CA LEU A 443 19.34 -14.26 10.86
C LEU A 443 20.09 -12.89 10.98
N HIS A 444 20.78 -12.44 9.93
CA HIS A 444 21.48 -11.12 9.87
C HIS A 444 21.07 -10.55 8.51
N HIS A 445 21.19 -9.26 8.13
CA HIS A 445 22.17 -8.28 8.59
C HIS A 445 21.87 -7.82 10.03
N HIS A 446 21.20 -6.68 10.21
CA HIS A 446 20.82 -6.24 11.58
C HIS A 446 19.91 -5.01 11.58
N MET B 51 9.89 45.19 -42.93
CA MET B 51 10.15 44.62 -44.27
C MET B 51 11.32 45.29 -45.02
N ASP B 52 12.15 44.42 -45.61
CA ASP B 52 12.96 44.59 -46.82
C ASP B 52 13.65 43.22 -46.96
N PHE B 53 12.82 42.17 -47.06
CA PHE B 53 13.20 40.74 -47.05
C PHE B 53 12.76 40.24 -48.40
N PRO B 54 13.43 39.22 -48.98
CA PRO B 54 12.92 38.69 -50.24
C PRO B 54 11.45 38.35 -50.19
N LEU B 55 10.73 38.69 -51.25
CA LEU B 55 9.33 38.30 -51.35
C LEU B 55 9.21 36.84 -51.69
N ALA B 56 8.14 36.24 -51.21
CA ALA B 56 7.86 34.84 -51.47
C ALA B 56 6.39 34.54 -51.40
N ASN B 57 6.06 33.36 -51.91
CA ASN B 57 4.71 32.88 -51.84
C ASN B 57 4.76 31.38 -51.58
N LEU B 58 4.65 31.01 -50.30
CA LEU B 58 4.93 29.65 -49.84
C LEU B 58 3.69 28.89 -49.37
N PHE B 59 2.62 29.62 -49.05
CA PHE B 59 1.52 29.02 -48.39
C PHE B 59 0.37 28.73 -49.33
N PHE B 60 -0.14 29.75 -50.02
CA PHE B 60 -1.32 29.60 -50.88
C PHE B 60 -0.91 29.17 -52.27
N VAL B 61 -0.41 27.93 -52.38
CA VAL B 61 0.02 27.35 -53.64
C VAL B 61 -0.52 25.94 -53.65
N PRO B 62 -1.44 25.62 -54.57
CA PRO B 62 -1.97 24.25 -54.58
C PRO B 62 -0.96 23.30 -55.16
N SER B 63 -1.03 22.07 -54.71
CA SER B 63 -0.23 20.97 -55.27
C SER B 63 -0.94 19.68 -54.99
N GLU B 64 -0.69 18.70 -55.85
CA GLU B 64 -1.29 17.39 -55.66
C GLU B 64 -0.38 16.57 -54.77
N ASP B 65 0.80 17.08 -54.47
CA ASP B 65 1.74 16.44 -53.62
C ASP B 65 1.62 17.06 -52.24
N ALA B 66 1.18 16.26 -51.27
CA ALA B 66 1.07 16.68 -49.89
C ALA B 66 2.38 17.06 -49.24
N THR B 67 3.49 16.66 -49.86
CA THR B 67 4.79 17.09 -49.35
C THR B 67 5.24 18.47 -49.86
N ALA B 68 4.52 19.05 -50.83
CA ALA B 68 5.01 20.25 -51.50
C ALA B 68 5.21 21.38 -50.50
N PHE B 69 4.25 21.57 -49.63
CA PHE B 69 4.26 22.66 -48.66
C PHE B 69 5.54 22.63 -47.85
N GLY B 70 5.80 21.47 -47.23
CA GLY B 70 7.01 21.33 -46.48
C GLY B 70 8.27 21.58 -47.26
N ARG B 71 8.34 20.99 -48.44
CA ARG B 71 9.52 21.18 -49.26
C ARG B 71 9.69 22.66 -49.66
N ARG B 72 8.61 23.37 -50.05
CA ARG B 72 8.81 24.76 -50.44
C ARG B 72 9.34 25.57 -49.30
N LEU B 73 8.90 25.28 -48.09
CA LEU B 73 9.35 26.04 -46.93
C LEU B 73 10.85 25.78 -46.70
N ARG B 74 11.19 24.51 -46.71
CA ARG B 74 12.56 24.13 -46.53
C ARG B 74 13.42 24.74 -47.64
N ALA B 75 12.97 24.71 -48.88
CA ALA B 75 13.76 25.28 -50.00
C ALA B 75 13.95 26.78 -49.87
N ALA B 76 12.95 27.48 -49.37
CA ALA B 76 13.10 28.93 -49.11
C ALA B 76 14.07 29.18 -47.95
N ALA B 77 14.03 28.30 -46.93
CA ALA B 77 14.94 28.40 -45.80
C ALA B 77 16.38 28.34 -46.25
N GLN B 78 16.65 27.50 -47.24
CA GLN B 78 17.99 27.28 -47.73
C GLN B 78 18.45 28.51 -48.49
N GLN B 79 17.54 29.28 -49.10
CA GLN B 79 17.90 30.54 -49.80
C GLN B 79 18.03 31.74 -48.89
N ALA B 80 17.21 31.84 -47.85
CA ALA B 80 17.16 33.05 -46.98
C ALA B 80 16.48 32.74 -45.67
N PRO B 81 16.86 33.45 -44.63
CA PRO B 81 16.35 33.06 -43.32
C PRO B 81 14.98 33.64 -43.01
N ILE B 82 14.73 34.83 -43.55
CA ILE B 82 13.46 35.46 -43.38
C ILE B 82 12.99 35.90 -44.74
N VAL B 83 11.75 35.56 -45.09
CA VAL B 83 11.13 36.05 -46.28
C VAL B 83 9.87 36.80 -45.93
N PHE B 84 9.40 37.65 -46.84
CA PHE B 84 8.11 38.30 -46.68
C PHE B 84 7.12 37.56 -47.56
N ASP B 85 6.15 36.88 -46.96
CA ASP B 85 5.23 36.13 -47.78
C ASP B 85 4.15 37.08 -48.21
N THR B 86 3.95 37.19 -49.50
CA THR B 86 3.13 38.25 -50.06
C THR B 86 1.63 37.90 -49.96
N ALA B 87 1.32 36.61 -49.91
CA ALA B 87 -0.05 36.17 -49.69
C ALA B 87 -0.42 36.15 -48.24
N PHE B 88 0.51 35.76 -47.41
CA PHE B 88 0.26 35.56 -46.01
C PHE B 88 0.40 36.93 -45.31
N GLY B 89 1.16 37.84 -45.90
CA GLY B 89 1.15 39.22 -45.46
C GLY B 89 2.03 39.58 -44.28
N MET B 90 3.17 38.90 -44.15
CA MET B 90 3.99 38.96 -42.94
C MET B 90 5.37 38.40 -43.18
N PRO B 91 6.38 38.84 -42.41
CA PRO B 91 7.65 38.11 -42.48
C PRO B 91 7.56 36.71 -41.85
N ILE B 92 8.24 35.77 -42.48
CA ILE B 92 8.27 34.39 -42.10
C ILE B 92 9.66 34.04 -41.65
N LEU B 93 9.79 33.56 -40.42
CA LEU B 93 11.05 33.04 -39.95
C LEU B 93 11.16 31.59 -40.31
N LEU B 94 12.21 31.25 -41.00
CA LEU B 94 12.43 29.92 -41.54
C LEU B 94 13.65 29.18 -40.99
N ARG B 95 14.59 29.90 -40.40
CA ARG B 95 15.83 29.34 -39.94
C ARG B 95 15.62 28.77 -38.55
N LYS B 96 16.02 27.52 -38.35
CA LYS B 96 15.83 26.87 -37.06
C LYS B 96 16.42 27.66 -35.90
N SER B 97 17.63 28.17 -36.04
CA SER B 97 18.16 28.91 -34.92
C SER B 97 17.30 30.09 -34.53
N HIS B 98 16.67 30.75 -35.50
CA HIS B 98 15.84 31.93 -35.17
C HIS B 98 14.56 31.55 -34.53
N ILE B 99 14.01 30.47 -35.05
CA ILE B 99 12.79 29.94 -34.49
C ILE B 99 12.92 29.46 -33.07
N THR B 100 13.96 28.71 -32.79
CA THR B 100 14.09 28.09 -31.46
C THR B 100 14.39 29.14 -30.45
N THR B 101 15.22 30.10 -30.85
CA THR B 101 15.45 31.29 -30.02
C THR B 101 14.17 32.05 -29.76
N ALA B 102 13.36 32.24 -30.77
CA ALA B 102 12.15 33.03 -30.60
C ALA B 102 11.12 32.35 -29.73
N TYR B 103 10.97 31.05 -29.84
CA TYR B 103 10.15 30.31 -28.89
C TYR B 103 10.57 30.49 -27.46
N ARG B 104 11.86 30.71 -27.21
CA ARG B 104 12.37 30.90 -25.85
C ARG B 104 12.42 32.36 -25.39
N ASP B 105 12.67 33.31 -26.28
CA ASP B 105 12.81 34.71 -25.84
C ASP B 105 11.45 35.37 -25.91
N THR B 106 10.65 35.04 -24.93
CA THR B 106 9.28 35.37 -24.87
C THR B 106 8.99 36.84 -24.59
N ALA B 107 9.97 37.49 -23.99
CA ALA B 107 9.89 38.93 -23.79
C ALA B 107 10.11 39.72 -25.09
N THR B 108 10.89 39.17 -26.00
CA THR B 108 11.08 39.76 -27.30
C THR B 108 10.08 39.29 -28.33
N PHE B 109 9.59 38.06 -28.20
CA PHE B 109 8.63 37.51 -29.15
C PHE B 109 7.46 36.99 -28.36
N SER B 110 6.39 37.75 -28.33
CA SER B 110 5.33 37.53 -27.37
C SER B 110 4.11 37.08 -28.09
N THR B 111 3.07 36.77 -27.34
CA THR B 111 1.80 36.46 -27.95
C THR B 111 0.78 37.59 -27.75
N ARG B 112 1.25 38.84 -27.57
CA ARG B 112 0.35 39.93 -27.28
C ARG B 112 -0.57 40.30 -28.46
N MET B 113 -0.21 39.96 -29.70
CA MET B 113 -1.15 40.10 -30.78
C MET B 113 -2.48 39.40 -30.55
N PHE B 114 -2.52 38.40 -29.69
CA PHE B 114 -3.80 37.71 -29.43
C PHE B 114 -4.67 38.43 -28.38
N GLN B 115 -4.13 39.45 -27.72
CA GLN B 115 -4.89 40.21 -26.69
C GLN B 115 -6.14 41.01 -27.06
N ALA B 116 -6.17 41.49 -28.29
CA ALA B 116 -7.30 42.20 -28.80
C ALA B 116 -8.08 41.18 -29.64
N GLY B 117 -9.31 40.89 -29.27
CA GLY B 117 -10.13 40.21 -30.24
C GLY B 117 -10.71 39.04 -29.54
N ILE B 118 -11.14 38.06 -30.30
CA ILE B 118 -11.82 36.95 -29.69
C ILE B 118 -10.95 36.06 -28.82
N LEU B 119 -9.64 36.10 -29.00
CA LEU B 119 -8.73 35.30 -28.18
C LEU B 119 -8.38 36.00 -26.87
N ASN B 120 -8.94 37.18 -26.66
CA ASN B 120 -8.65 38.01 -25.49
C ASN B 120 -8.68 37.29 -24.15
N GLY B 121 -9.71 36.50 -23.87
CA GLY B 121 -9.77 35.81 -22.58
C GLY B 121 -8.86 34.62 -22.39
N GLY B 122 -8.23 34.19 -23.48
CA GLY B 122 -7.59 32.90 -23.49
C GLY B 122 -6.18 32.79 -22.93
N LEU B 123 -5.80 31.54 -22.81
CA LEU B 123 -4.50 31.18 -22.28
C LEU B 123 -3.42 31.66 -23.22
N ALA B 124 -3.66 31.54 -24.51
CA ALA B 124 -2.64 31.88 -25.48
C ALA B 124 -2.26 33.33 -25.41
N ALA B 125 -3.20 34.19 -25.03
CA ALA B 125 -2.90 35.62 -24.97
C ALA B 125 -2.17 36.04 -23.70
N MET B 126 -2.05 35.16 -22.73
CA MET B 126 -1.40 35.51 -21.50
C MET B 126 0.09 35.52 -21.64
N GLN B 127 0.76 36.30 -20.82
CA GLN B 127 2.21 36.37 -20.81
C GLN B 127 2.75 36.05 -19.44
N GLY B 128 4.05 35.75 -19.40
CA GLY B 128 4.77 35.54 -18.13
C GLY B 128 4.06 34.75 -17.06
N ASP B 129 3.94 35.32 -15.87
CA ASP B 129 3.49 34.55 -14.71
C ASP B 129 2.03 34.27 -14.79
N GLU B 130 1.27 35.21 -15.36
CA GLU B 130 -0.16 34.98 -15.55
C GLU B 130 -0.38 33.74 -16.42
N HIS B 131 0.42 33.62 -17.47
CA HIS B 131 0.34 32.45 -18.31
C HIS B 131 0.74 31.16 -17.58
N ALA B 132 1.87 31.20 -16.88
CA ALA B 132 2.34 30.07 -16.12
C ALA B 132 1.31 29.57 -15.12
N ARG B 133 0.69 30.48 -14.37
CA ARG B 133 -0.41 30.14 -13.43
C ARG B 133 -1.48 29.38 -14.14
N MET B 134 -1.92 29.92 -15.26
CA MET B 134 -3.10 29.42 -15.91
C MET B 134 -2.83 28.12 -16.66
N ARG B 135 -1.64 28.02 -17.20
CA ARG B 135 -1.19 26.84 -17.92
C ARG B 135 -1.10 25.63 -17.01
N ARG B 136 -0.57 25.82 -15.82
CA ARG B 136 -0.71 24.77 -14.82
C ARG B 136 -2.14 24.26 -14.70
N VAL B 137 -3.11 25.16 -14.63
CA VAL B 137 -4.50 24.73 -14.48
C VAL B 137 -5.01 24.03 -15.74
N TYR B 138 -4.75 24.60 -16.92
CA TYR B 138 -5.15 23.90 -18.16
C TYR B 138 -4.51 22.51 -18.27
N ASN B 139 -3.26 22.38 -17.81
CA ASN B 139 -2.59 21.09 -17.82
C ASN B 139 -3.33 19.99 -17.10
N MET B 140 -4.05 20.32 -16.04
CA MET B 140 -4.82 19.31 -15.29
C MET B 140 -5.92 18.67 -16.13
N PHE B 141 -6.43 19.37 -17.13
CA PHE B 141 -7.51 18.84 -17.91
C PHE B 141 -7.04 17.79 -18.89
N PHE B 142 -5.75 17.69 -19.15
CA PHE B 142 -5.27 16.82 -20.25
C PHE B 142 -4.29 15.76 -19.79
N LEU B 143 -4.37 15.46 -18.48
CA LEU B 143 -3.58 14.41 -17.91
C LEU B 143 -4.01 13.04 -18.44
N PRO B 144 -3.08 12.09 -18.44
CA PRO B 144 -3.36 10.80 -19.04
C PRO B 144 -4.62 10.14 -18.53
N ARG B 145 -4.87 10.24 -17.23
CA ARG B 145 -6.05 9.63 -16.65
C ARG B 145 -7.31 10.27 -17.17
N ALA B 146 -7.37 11.59 -17.14
CA ALA B 146 -8.47 12.37 -17.74
C ALA B 146 -8.68 12.05 -19.21
N VAL B 147 -7.58 11.99 -19.96
CA VAL B 147 -7.67 11.78 -21.38
C VAL B 147 -8.23 10.39 -21.64
N SER B 148 -7.80 9.39 -20.88
CA SER B 148 -8.34 8.01 -21.06
C SER B 148 -9.82 7.94 -20.68
N GLN B 149 -10.24 8.68 -19.65
CA GLN B 149 -11.67 8.79 -19.37
C GLN B 149 -12.45 9.38 -20.55
N TYR B 150 -11.93 10.40 -21.22
CA TYR B 150 -12.64 10.98 -22.38
C TYR B 150 -12.73 9.98 -23.52
N GLU B 151 -11.70 9.15 -23.63
CA GLU B 151 -11.62 8.14 -24.66
C GLU B 151 -12.76 7.14 -24.50
N GLU B 152 -12.95 6.63 -23.28
CA GLU B 152 -13.96 5.61 -23.02
C GLU B 152 -15.36 6.19 -23.07
N ARG B 153 -15.57 7.27 -22.34
CA ARG B 153 -16.87 7.89 -22.23
C ARG B 153 -17.40 8.55 -23.51
N PHE B 154 -16.53 9.07 -24.38
CA PHE B 154 -16.98 9.88 -25.53
C PHE B 154 -16.38 9.57 -26.88
N VAL B 155 -15.06 9.56 -26.95
CA VAL B 155 -14.41 9.54 -28.25
C VAL B 155 -14.55 8.18 -28.92
N ARG B 156 -14.50 7.09 -28.14
CA ARG B 156 -14.69 5.76 -28.77
C ARG B 156 -16.11 5.57 -29.28
N PRO B 157 -17.12 5.79 -28.43
CA PRO B 157 -18.50 5.65 -28.89
C PRO B 157 -18.80 6.52 -30.10
N ILE B 158 -18.46 7.80 -29.97
CA ILE B 158 -18.75 8.75 -31.01
C ILE B 158 -18.01 8.38 -32.28
N SER B 159 -16.78 7.95 -32.14
CA SER B 159 -16.05 7.52 -33.32
C SER B 159 -16.79 6.37 -34.01
N GLU B 160 -17.26 5.40 -33.22
CA GLU B 160 -17.97 4.27 -33.83
C GLU B 160 -19.26 4.73 -34.49
N GLN B 161 -20.05 5.59 -33.85
CA GLN B 161 -21.24 6.10 -34.53
C GLN B 161 -20.90 6.78 -35.84
N VAL B 162 -19.92 7.68 -35.81
CA VAL B 162 -19.54 8.43 -37.02
C VAL B 162 -19.10 7.52 -38.17
N VAL B 163 -18.36 6.48 -37.81
CA VAL B 163 -17.84 5.56 -38.81
C VAL B 163 -18.96 4.69 -39.42
N ASP B 164 -19.85 4.14 -38.58
CA ASP B 164 -20.97 3.30 -39.05
C ASP B 164 -21.89 4.05 -40.02
N ARG B 165 -22.10 5.33 -39.73
CA ARG B 165 -22.87 6.24 -40.55
C ARG B 165 -22.34 6.25 -41.99
N LEU B 166 -21.09 5.85 -42.21
CA LEU B 166 -20.54 5.89 -43.55
C LEU B 166 -20.98 4.73 -44.41
N ALA B 167 -21.29 3.62 -43.78
CA ALA B 167 -21.68 2.40 -44.49
C ALA B 167 -22.89 2.69 -45.35
N GLY B 168 -22.85 2.37 -46.63
CA GLY B 168 -23.99 2.70 -47.44
C GLY B 168 -23.99 4.05 -48.12
N LYS B 169 -23.57 5.15 -47.45
CA LYS B 169 -23.64 6.48 -48.08
C LYS B 169 -23.30 6.31 -49.56
N PRO B 170 -23.91 7.15 -50.45
CA PRO B 170 -23.74 7.00 -51.90
C PRO B 170 -22.30 7.13 -52.39
N ARG B 171 -21.62 8.25 -52.11
CA ARG B 171 -20.19 8.39 -52.49
C ARG B 171 -19.64 9.18 -51.36
N VAL B 172 -18.45 8.80 -50.91
CA VAL B 172 -17.97 9.13 -49.58
C VAL B 172 -16.64 9.90 -49.62
N ASP B 173 -16.61 10.96 -48.83
CA ASP B 173 -15.45 11.86 -48.72
C ASP B 173 -15.01 11.91 -47.25
N LEU B 174 -13.87 11.33 -46.95
CA LEU B 174 -13.44 11.28 -45.56
C LEU B 174 -13.09 12.62 -44.92
N LEU B 175 -12.92 13.65 -45.72
CA LEU B 175 -12.74 14.98 -45.17
C LEU B 175 -14.06 15.43 -44.55
N GLU B 176 -15.07 15.71 -45.38
CA GLU B 176 -16.37 16.19 -44.91
C GLU B 176 -17.15 15.20 -44.07
N ASP B 177 -17.06 13.91 -44.36
CA ASP B 177 -17.90 12.91 -43.68
C ASP B 177 -17.24 12.23 -42.48
N PHE B 178 -15.95 12.42 -42.28
CA PHE B 178 -15.26 11.79 -41.16
C PHE B 178 -14.41 12.77 -40.34
N ALA B 179 -13.46 13.38 -41.01
CA ALA B 179 -12.45 14.18 -40.34
C ALA B 179 -13.06 15.45 -39.80
N MET B 180 -14.08 15.98 -40.48
CA MET B 180 -14.82 17.16 -39.99
C MET B 180 -15.90 16.77 -38.99
N GLU B 181 -16.53 15.64 -39.22
CA GLU B 181 -17.60 15.11 -38.35
C GLU B 181 -17.16 14.75 -36.95
N LEU B 182 -16.12 13.95 -36.85
CA LEU B 182 -15.76 13.40 -35.57
C LEU B 182 -15.42 14.47 -34.51
N PRO B 183 -14.45 15.35 -34.79
CA PRO B 183 -14.04 16.30 -33.74
C PRO B 183 -15.15 17.23 -33.30
N ARG B 184 -16.02 17.61 -34.24
CA ARG B 184 -17.13 18.52 -33.91
C ARG B 184 -18.15 17.81 -32.99
N ARG B 185 -18.46 16.54 -33.30
CA ARG B 185 -19.27 15.72 -32.40
C ARG B 185 -18.65 15.51 -31.05
N VAL B 186 -17.35 15.27 -31.02
CA VAL B 186 -16.69 15.10 -29.73
C VAL B 186 -16.77 16.35 -28.87
N ILE B 187 -16.42 17.51 -29.44
CA ILE B 187 -16.47 18.75 -28.70
C ILE B 187 -17.92 18.96 -28.24
N GLY B 188 -18.88 18.65 -29.12
CA GLY B 188 -20.27 18.67 -28.72
C GLY B 188 -20.44 17.94 -27.40
N GLU B 189 -20.03 16.69 -27.38
CA GLU B 189 -20.28 15.89 -26.21
C GLU B 189 -19.37 16.22 -25.02
N LEU B 190 -18.15 16.65 -25.30
CA LEU B 190 -17.18 16.83 -24.24
C LEU B 190 -17.47 18.00 -23.32
N PHE B 191 -18.09 19.04 -23.89
CA PHE B 191 -18.51 20.20 -23.12
C PHE B 191 -19.96 20.13 -22.65
N GLY B 192 -20.71 19.15 -23.14
CA GLY B 192 -22.08 18.92 -22.72
C GLY B 192 -22.97 19.91 -23.44
N PHE B 193 -22.71 20.09 -24.73
CA PHE B 193 -23.58 20.89 -25.57
C PHE B 193 -24.76 20.05 -26.01
N PRO B 194 -25.90 20.71 -26.26
CA PRO B 194 -27.05 19.91 -26.71
C PRO B 194 -26.82 19.34 -28.10
N ALA B 195 -27.29 18.13 -28.35
CA ALA B 195 -27.18 17.51 -29.69
C ALA B 195 -27.99 18.30 -30.76
N GLU B 196 -29.07 18.96 -30.33
CA GLU B 196 -29.82 20.00 -31.07
C GLU B 196 -28.93 21.11 -31.65
N LYS B 197 -28.01 21.62 -30.84
CA LYS B 197 -27.25 22.83 -31.09
C LYS B 197 -26.00 22.54 -31.91
N LEU B 198 -25.91 21.34 -32.48
CA LEU B 198 -24.74 20.92 -33.25
C LEU B 198 -24.49 21.69 -34.56
N HIS B 199 -25.56 21.97 -35.32
CA HIS B 199 -25.44 22.74 -36.57
C HIS B 199 -25.04 24.21 -36.31
N GLU B 200 -25.70 24.85 -35.35
CA GLU B 200 -25.49 26.30 -35.11
C GLU B 200 -24.08 26.59 -34.56
N THR B 201 -23.60 25.71 -33.69
CA THR B 201 -22.31 25.90 -33.01
C THR B 201 -21.18 26.00 -34.06
N ASP B 202 -21.25 25.05 -34.97
CA ASP B 202 -20.33 24.87 -36.08
C ASP B 202 -20.26 26.15 -36.85
N GLU B 203 -21.42 26.77 -37.14
CA GLU B 203 -21.46 28.00 -37.95
C GLU B 203 -20.81 29.14 -37.19
N ARG B 204 -21.04 29.16 -35.88
CA ARG B 204 -20.47 30.21 -35.06
C ARG B 204 -18.95 30.10 -34.87
N VAL B 205 -18.46 28.88 -34.63
CA VAL B 205 -17.04 28.70 -34.44
C VAL B 205 -16.30 29.10 -35.70
N ARG B 206 -16.85 28.75 -36.86
CA ARG B 206 -16.26 29.05 -38.15
C ARG B 206 -16.26 30.54 -38.40
N ALA B 207 -17.36 31.17 -38.01
CA ALA B 207 -17.51 32.60 -38.19
C ALA B 207 -16.45 33.30 -37.37
N MET B 208 -16.28 32.83 -36.14
CA MET B 208 -15.24 33.37 -35.25
C MET B 208 -13.86 33.17 -35.86
N LEU B 209 -13.55 31.94 -36.26
CA LEU B 209 -12.22 31.61 -36.78
C LEU B 209 -11.93 32.27 -38.12
N ARG B 210 -12.93 32.38 -38.99
CA ARG B 210 -12.78 33.10 -40.23
C ARG B 210 -12.40 34.57 -39.97
N GLY B 211 -12.78 35.13 -38.81
CA GLY B 211 -12.39 36.49 -38.46
C GLY B 211 -10.88 36.60 -38.22
N LEU B 212 -10.25 35.52 -37.76
CA LEU B 212 -8.78 35.47 -37.69
C LEU B 212 -8.35 35.17 -39.11
N VAL B 213 -7.04 35.25 -39.43
CA VAL B 213 -6.54 35.32 -40.85
C VAL B 213 -5.89 36.68 -41.16
N HIS B 216 -7.95 40.64 -44.96
CA HIS B 216 -8.01 40.94 -43.54
C HIS B 216 -8.55 42.36 -43.22
N ASP B 217 -9.84 42.48 -42.87
CA ASP B 217 -10.92 41.54 -43.22
C ASP B 217 -12.09 42.54 -43.49
N PRO B 218 -13.35 42.10 -43.67
CA PRO B 218 -14.42 43.11 -43.90
C PRO B 218 -15.67 43.23 -42.93
N ALA B 219 -16.85 42.69 -43.29
CA ALA B 219 -18.02 42.46 -42.41
C ALA B 219 -18.11 40.98 -41.87
N ALA B 220 -17.06 40.27 -42.25
CA ALA B 220 -16.63 39.05 -41.58
C ALA B 220 -16.38 39.37 -40.13
N VAL B 221 -15.83 40.57 -39.90
CA VAL B 221 -15.59 41.03 -38.53
C VAL B 221 -16.89 41.15 -37.70
N ALA B 222 -17.88 41.86 -38.22
CA ALA B 222 -19.17 41.95 -37.54
C ALA B 222 -19.79 40.59 -37.19
N GLU B 223 -19.81 39.65 -38.14
CA GLU B 223 -20.33 38.29 -37.86
C GLU B 223 -19.49 37.48 -36.84
N SER B 224 -18.19 37.71 -36.87
CA SER B 224 -17.31 37.13 -35.88
C SER B 224 -17.72 37.60 -34.48
N GLN B 225 -17.87 38.90 -34.31
CA GLN B 225 -18.38 39.52 -33.06
C GLN B 225 -19.70 38.94 -32.60
N ARG B 226 -20.66 38.94 -33.53
CA ARG B 226 -21.98 38.41 -33.20
C ARG B 226 -21.87 37.00 -32.67
N ALA B 227 -21.06 36.19 -33.38
CA ALA B 227 -20.89 34.80 -33.04
C ALA B 227 -20.21 34.59 -31.67
N TYR B 228 -19.20 35.43 -31.34
CA TYR B 228 -18.49 35.39 -30.05
C TYR B 228 -19.47 35.57 -28.97
N GLY B 229 -20.34 36.57 -29.11
CA GLY B 229 -21.37 36.83 -28.10
C GLY B 229 -22.35 35.69 -27.96
N GLU B 230 -22.88 35.25 -29.10
CA GLU B 230 -23.80 34.14 -29.07
C GLU B 230 -23.13 32.95 -28.39
N THR B 231 -21.86 32.76 -28.70
CA THR B 231 -21.30 31.50 -28.37
C THR B 231 -21.02 31.55 -26.88
N LEU B 232 -20.68 32.72 -26.37
CA LEU B 232 -20.44 32.89 -24.95
C LEU B 232 -21.77 32.65 -24.23
N GLY B 233 -22.88 32.98 -24.89
CA GLY B 233 -24.18 32.76 -24.29
C GLY B 233 -24.37 31.30 -24.03
N LEU B 234 -24.27 30.53 -25.10
CA LEU B 234 -24.43 29.09 -25.03
C LEU B 234 -23.52 28.48 -23.98
N ILE B 235 -22.27 28.94 -23.95
CA ILE B 235 -21.28 28.37 -23.04
C ILE B 235 -21.64 28.67 -21.60
N THR B 236 -22.20 29.85 -21.37
CA THR B 236 -22.56 30.26 -20.00
C THR B 236 -23.75 29.47 -19.50
N GLU B 237 -24.68 29.28 -20.43
CA GLU B 237 -25.88 28.52 -20.16
C GLU B 237 -25.54 27.08 -19.74
N VAL B 238 -24.73 26.41 -20.56
CA VAL B 238 -24.28 25.05 -20.29
C VAL B 238 -23.61 24.91 -18.92
N VAL B 239 -22.75 25.86 -18.57
CA VAL B 239 -22.02 25.77 -17.29
C VAL B 239 -22.92 25.52 -16.04
N GLU B 240 -24.12 26.08 -16.00
CA GLU B 240 -24.89 26.11 -14.76
C GLU B 240 -25.67 24.83 -14.57
N THR B 246 -20.63 19.20 -11.15
CA THR B 246 -21.80 18.36 -11.42
C THR B 246 -21.45 16.99 -12.07
N SER B 247 -20.73 16.99 -13.20
CA SER B 247 -20.76 15.88 -14.20
C SER B 247 -19.42 15.15 -14.46
N ASP B 248 -19.37 14.34 -15.52
CA ASP B 248 -18.18 13.53 -15.87
C ASP B 248 -17.58 13.85 -17.25
N THR B 249 -18.16 14.86 -17.93
CA THR B 249 -17.60 15.50 -19.14
C THR B 249 -16.31 16.28 -18.86
N LEU B 250 -15.67 16.79 -19.90
CA LEU B 250 -14.49 17.64 -19.73
C LEU B 250 -14.87 18.90 -18.98
N LEU B 251 -16.05 19.42 -19.27
CA LEU B 251 -16.54 20.56 -18.53
C LEU B 251 -16.59 20.29 -17.04
N GLY B 252 -17.02 19.08 -16.67
CA GLY B 252 -17.10 18.70 -15.28
C GLY B 252 -15.74 18.79 -14.62
N GLU B 253 -14.75 18.21 -15.30
CA GLU B 253 -13.35 18.26 -14.86
C GLU B 253 -12.87 19.70 -14.70
N ILE B 254 -13.22 20.57 -15.64
CA ILE B 254 -12.82 21.96 -15.58
C ILE B 254 -13.38 22.63 -14.36
N LEU B 255 -14.68 22.43 -14.11
CA LEU B 255 -15.36 23.09 -13.00
C LEU B 255 -14.82 22.61 -11.68
N ARG B 256 -14.63 21.30 -11.54
CA ARG B 256 -14.02 20.75 -10.32
C ARG B 256 -12.64 21.28 -10.05
N THR B 257 -11.86 21.40 -11.12
CA THR B 257 -10.50 21.87 -11.00
C THR B 257 -10.52 23.36 -10.69
N LEU B 258 -11.46 24.09 -11.28
CA LEU B 258 -11.53 25.53 -11.06
C LEU B 258 -11.85 25.78 -9.59
N LYS B 259 -12.75 24.96 -9.01
CA LYS B 259 -13.10 25.10 -7.60
C LYS B 259 -11.92 24.76 -6.69
N ALA B 260 -11.30 23.61 -6.94
CA ALA B 260 -10.10 23.22 -6.20
C ALA B 260 -9.03 24.33 -6.19
N GLU B 261 -8.94 25.10 -7.28
CA GLU B 261 -7.95 26.16 -7.37
C GLU B 261 -8.48 27.49 -6.86
N HIS B 262 -9.68 27.48 -6.28
CA HIS B 262 -10.26 28.68 -5.71
C HIS B 262 -10.43 29.74 -6.79
N MET B 263 -10.76 29.32 -8.00
CA MET B 263 -11.03 30.28 -9.11
C MET B 263 -12.35 29.85 -9.79
N ASP B 264 -13.36 29.33 -9.05
CA ASP B 264 -14.60 28.84 -9.73
C ASP B 264 -15.53 29.97 -10.20
N THR B 265 -14.96 31.03 -10.77
CA THR B 265 -15.69 32.17 -11.30
C THR B 265 -16.43 31.68 -12.50
N ILE B 266 -17.30 32.54 -13.00
CA ILE B 266 -18.03 32.28 -14.20
C ILE B 266 -17.35 32.85 -15.45
N GLU B 267 -16.77 34.06 -15.39
CA GLU B 267 -16.00 34.60 -16.53
C GLU B 267 -14.82 33.64 -16.84
N ALA B 268 -14.07 33.28 -15.80
CA ALA B 268 -12.92 32.39 -15.97
C ALA B 268 -13.26 31.08 -16.65
N SER B 269 -14.30 30.44 -16.13
CA SER B 269 -14.70 29.15 -16.66
C SER B 269 -15.20 29.26 -18.10
N ARG B 270 -15.95 30.30 -18.41
CA ARG B 270 -16.39 30.55 -19.77
C ARG B 270 -15.25 30.73 -20.77
N GLN B 271 -14.26 31.51 -20.34
CA GLN B 271 -13.17 31.90 -21.22
C GLN B 271 -12.29 30.69 -21.59
N ILE B 272 -12.11 29.82 -20.59
CA ILE B 272 -11.44 28.59 -20.78
C ILE B 272 -12.14 27.75 -21.79
N VAL B 273 -13.44 27.62 -21.66
CA VAL B 273 -14.18 26.71 -22.49
C VAL B 273 -14.07 27.23 -23.90
N LEU B 274 -14.09 28.55 -24.03
CA LEU B 274 -14.00 29.13 -25.36
C LEU B 274 -12.63 28.85 -25.98
N SER B 275 -11.59 29.01 -25.18
CA SER B 275 -10.25 28.77 -25.65
C SER B 275 -10.11 27.36 -26.14
N LEU B 276 -10.70 26.42 -25.41
CA LEU B 276 -10.50 25.03 -25.76
C LEU B 276 -11.21 24.71 -27.08
N ILE B 277 -12.33 25.40 -27.32
CA ILE B 277 -13.06 25.17 -28.55
C ILE B 277 -12.30 25.79 -29.67
N LEU B 278 -11.91 27.05 -29.55
CA LEU B 278 -11.25 27.72 -30.67
C LEU B 278 -9.92 27.01 -31.01
N GLY B 279 -9.18 26.60 -29.99
CA GLY B 279 -8.02 25.76 -30.24
C GLY B 279 -8.28 24.41 -30.86
N GLY B 280 -9.36 23.78 -30.44
CA GLY B 280 -9.57 22.37 -30.76
C GLY B 280 -10.48 21.98 -31.88
N TYR B 281 -11.37 22.87 -32.24
CA TYR B 281 -12.61 22.42 -32.90
C TYR B 281 -12.35 21.99 -34.32
N GLU B 282 -11.72 22.91 -35.04
CA GLU B 282 -11.37 22.73 -36.44
C GLU B 282 -9.96 22.18 -36.69
N THR B 283 -9.05 22.46 -35.77
CA THR B 283 -7.65 22.14 -35.97
C THR B 283 -7.48 20.68 -36.03
N THR B 284 -8.15 20.02 -35.08
CA THR B 284 -8.09 18.59 -34.96
C THR B 284 -8.59 17.90 -36.24
N SER B 285 -9.62 18.44 -36.86
CA SER B 285 -10.07 17.90 -38.14
C SER B 285 -9.00 17.69 -39.17
N TRP B 286 -8.16 18.70 -39.31
CA TRP B 286 -7.17 18.70 -40.37
C TRP B 286 -6.01 17.77 -40.05
N LEU B 287 -5.72 17.62 -38.77
CA LEU B 287 -4.80 16.56 -38.33
C LEU B 287 -5.32 15.19 -38.68
N VAL B 288 -6.59 14.97 -38.46
CA VAL B 288 -7.19 13.68 -38.82
C VAL B 288 -7.16 13.50 -40.33
N ALA B 289 -7.52 14.53 -41.08
CA ALA B 289 -7.51 14.42 -42.53
C ALA B 289 -6.14 14.10 -43.10
N ASN B 290 -5.12 14.75 -42.58
CA ASN B 290 -3.81 14.60 -43.16
C ASN B 290 -3.24 13.23 -42.82
N THR B 291 -3.61 12.72 -41.65
CA THR B 291 -3.18 11.42 -41.31
C THR B 291 -3.81 10.39 -42.23
N ILE B 292 -5.11 10.51 -42.43
CA ILE B 292 -5.81 9.61 -43.33
C ILE B 292 -5.24 9.62 -44.70
N HIS B 293 -5.05 10.79 -45.26
CA HIS B 293 -4.46 10.84 -46.56
C HIS B 293 -3.13 10.12 -46.60
N ALA B 294 -2.31 10.30 -45.57
CA ALA B 294 -0.96 9.70 -45.60
C ALA B 294 -1.06 8.17 -45.70
N LEU B 295 -1.94 7.63 -44.88
CA LEU B 295 -2.25 6.22 -44.95
C LEU B 295 -2.82 5.79 -46.30
N LEU B 296 -3.87 6.45 -46.79
CA LEU B 296 -4.43 6.10 -48.10
C LEU B 296 -3.40 6.16 -49.23
N ALA B 297 -2.47 7.09 -49.12
CA ALA B 297 -1.51 7.26 -50.17
C ALA B 297 -0.38 6.25 -50.06
N HIS B 298 -0.44 5.39 -49.04
CA HIS B 298 0.65 4.43 -48.76
C HIS B 298 0.02 3.14 -48.26
N PRO B 299 -0.60 2.41 -49.18
CA PRO B 299 -1.48 1.31 -48.78
C PRO B 299 -0.77 0.18 -48.04
N ASP B 300 0.49 -0.10 -48.36
CA ASP B 300 1.26 -1.05 -47.53
C ASP B 300 1.27 -0.60 -46.08
N THR B 301 1.60 0.67 -45.86
CA THR B 301 1.57 1.21 -44.52
C THR B 301 0.15 1.12 -43.93
N LEU B 302 -0.89 1.42 -44.71
CA LEU B 302 -2.25 1.36 -44.19
C LEU B 302 -2.60 -0.05 -43.70
N ALA B 303 -2.15 -1.04 -44.45
CA ALA B 303 -2.42 -2.43 -44.12
C ALA B 303 -1.76 -2.79 -42.82
N ARG B 304 -0.47 -2.45 -42.68
CA ARG B 304 0.24 -2.73 -41.45
C ARG B 304 -0.47 -2.16 -40.25
N VAL B 305 -0.98 -0.96 -40.41
CA VAL B 305 -1.57 -0.25 -39.33
C VAL B 305 -2.93 -0.86 -38.99
N ARG B 306 -3.67 -1.31 -40.00
CA ARG B 306 -4.91 -2.04 -39.76
C ARG B 306 -4.65 -3.33 -38.99
N GLN B 307 -3.62 -4.08 -39.35
CA GLN B 307 -3.29 -5.32 -38.66
C GLN B 307 -2.75 -5.08 -37.26
N ASP B 308 -2.06 -3.97 -37.05
CA ASP B 308 -1.41 -3.66 -35.78
C ASP B 308 -1.67 -2.21 -35.39
N PRO B 309 -2.84 -1.96 -34.80
CA PRO B 309 -3.22 -0.61 -34.35
C PRO B 309 -2.24 0.08 -33.39
N SER B 310 -1.30 -0.67 -32.79
CA SER B 310 -0.33 -0.06 -31.92
C SER B 310 0.61 0.84 -32.72
N LEU B 311 0.62 0.68 -34.04
CA LEU B 311 1.38 1.54 -34.93
C LEU B 311 0.75 2.91 -35.19
N LEU B 312 -0.48 3.10 -34.74
CA LEU B 312 -1.19 4.34 -35.02
C LEU B 312 -0.53 5.61 -34.49
N PRO B 313 -0.04 5.57 -33.26
CA PRO B 313 0.60 6.79 -32.78
C PRO B 313 1.74 7.19 -33.66
N ALA B 314 2.52 6.23 -34.14
CA ALA B 314 3.63 6.56 -34.99
C ALA B 314 3.12 7.10 -36.31
N ALA B 315 2.02 6.53 -36.79
CA ALA B 315 1.47 6.95 -38.05
C ALA B 315 1.09 8.42 -38.01
N ILE B 316 0.54 8.82 -36.87
CA ILE B 316 0.16 10.15 -36.64
C ILE B 316 1.37 11.04 -36.47
N GLU B 317 2.35 10.70 -35.62
CA GLU B 317 3.48 11.59 -35.47
C GLU B 317 4.26 11.78 -36.78
N GLU B 318 4.42 10.71 -37.56
CA GLU B 318 5.13 10.83 -38.83
C GLU B 318 4.25 11.60 -39.82
N GLY B 319 2.93 11.48 -39.68
CA GLY B 319 1.99 12.33 -40.44
C GLY B 319 2.24 13.82 -40.25
N MET B 320 2.44 14.20 -39.00
CA MET B 320 2.62 15.57 -38.63
C MET B 320 3.90 16.07 -39.23
N ARG B 321 4.91 15.21 -39.32
CA ARG B 321 6.13 15.61 -40.02
C ARG B 321 5.92 15.73 -41.54
N TRP B 322 5.33 14.70 -42.13
CA TRP B 322 5.34 14.49 -43.58
C TRP B 322 4.33 15.43 -44.28
N CYS B 323 3.18 15.59 -43.66
CA CYS B 323 2.12 16.45 -44.15
C CYS B 323 1.49 17.24 -43.01
N PRO B 324 2.19 18.27 -42.57
CA PRO B 324 1.72 19.02 -41.40
C PRO B 324 0.47 19.80 -41.71
N SER B 325 -0.42 19.94 -40.72
CA SER B 325 -1.63 20.72 -40.88
C SER B 325 -1.56 22.19 -40.47
N SER B 326 -0.58 22.65 -39.70
CA SER B 326 -0.39 24.10 -39.52
C SER B 326 1.07 24.41 -39.82
N PHE B 327 1.49 25.65 -39.65
CA PHE B 327 2.88 26.09 -39.97
C PHE B 327 4.01 26.28 -38.84
N GLY B 328 3.86 26.48 -37.54
CA GLY B 328 2.70 26.79 -36.97
C GLY B 328 2.61 27.79 -35.84
N VAL B 329 3.43 28.86 -35.66
CA VAL B 329 2.91 29.98 -34.82
C VAL B 329 3.19 31.43 -35.21
N LEU B 330 2.39 32.32 -34.65
CA LEU B 330 2.60 33.77 -34.80
C LEU B 330 3.15 34.37 -33.55
N ARG B 331 3.91 35.42 -33.70
CA ARG B 331 4.47 36.12 -32.57
C ARG B 331 4.62 37.59 -32.91
N MET B 332 4.58 38.41 -31.87
CA MET B 332 4.74 39.83 -31.96
C MET B 332 6.12 40.23 -31.50
N VAL B 333 6.84 40.96 -32.31
CA VAL B 333 8.12 41.43 -31.89
C VAL B 333 7.93 42.60 -30.96
N GLU B 334 8.38 42.48 -29.74
CA GLU B 334 8.22 43.54 -28.76
C GLU B 334 9.33 44.56 -28.71
N ARG B 335 10.50 44.27 -29.27
CA ARG B 335 11.57 45.24 -29.30
C ARG B 335 12.44 45.05 -30.52
N ASP B 336 13.06 46.12 -31.00
CA ASP B 336 13.89 46.01 -32.18
C ASP B 336 14.88 44.91 -31.93
N VAL B 337 15.03 43.99 -32.87
CA VAL B 337 15.87 42.84 -32.63
C VAL B 337 16.62 42.49 -33.90
N ARG B 338 17.83 41.95 -33.76
CA ARG B 338 18.66 41.55 -34.92
C ARG B 338 18.86 40.06 -34.82
N LEU B 339 18.74 39.36 -35.92
CA LEU B 339 18.84 37.91 -35.92
C LEU B 339 19.82 37.62 -36.99
N ASP B 340 21.05 37.36 -36.56
CA ASP B 340 22.20 37.42 -37.47
C ASP B 340 22.17 38.76 -38.21
N ASP B 341 22.12 38.73 -39.55
CA ASP B 341 22.15 39.96 -40.32
C ASP B 341 20.78 40.62 -40.45
N GLN B 342 19.74 39.99 -39.93
CA GLN B 342 18.37 40.41 -40.17
C GLN B 342 17.85 41.30 -39.06
N ALA B 343 16.96 42.22 -39.40
CA ALA B 343 16.44 43.15 -38.42
C ALA B 343 14.93 43.12 -38.42
N LEU B 344 14.35 43.13 -37.24
CA LEU B 344 12.92 43.16 -37.10
C LEU B 344 12.53 44.27 -36.14
N SER B 345 11.48 45.00 -36.46
CA SER B 345 11.09 46.14 -35.65
C SER B 345 10.01 45.83 -34.66
N ALA B 346 10.10 46.51 -33.53
CA ALA B 346 9.04 46.38 -32.56
C ALA B 346 7.70 46.69 -33.24
N GLY B 347 6.68 45.93 -32.89
CA GLY B 347 5.38 46.07 -33.46
C GLY B 347 5.09 45.15 -34.63
N THR B 348 6.08 44.54 -35.24
CA THR B 348 5.85 43.60 -36.36
C THR B 348 5.40 42.22 -35.87
N VAL B 349 4.31 41.73 -36.42
CA VAL B 349 3.89 40.36 -36.23
C VAL B 349 4.61 39.49 -37.28
N VAL B 350 5.13 38.37 -36.85
CA VAL B 350 5.87 37.46 -37.71
C VAL B 350 5.36 36.05 -37.52
N CYS B 351 5.73 35.21 -38.47
CA CYS B 351 5.34 33.82 -38.40
C CYS B 351 6.59 32.96 -38.19
N LEU B 352 6.58 32.08 -37.17
CA LEU B 352 7.66 31.12 -36.98
C LEU B 352 7.23 29.85 -37.68
N ALA B 353 7.86 29.59 -38.80
CA ALA B 353 7.49 28.47 -39.61
C ALA B 353 8.33 27.29 -39.22
N GLY B 354 8.04 26.78 -38.06
CA GLY B 354 8.84 25.71 -37.50
C GLY B 354 8.74 24.40 -38.26
N ILE B 355 7.69 24.21 -39.05
CA ILE B 355 7.65 23.03 -39.91
C ILE B 355 8.66 23.06 -41.03
N ALA B 356 9.45 24.12 -41.16
CA ALA B 356 10.47 24.12 -42.19
C ALA B 356 11.57 23.14 -41.86
N GLY B 357 11.65 22.68 -40.61
CA GLY B 357 12.56 21.61 -40.21
C GLY B 357 12.05 20.19 -40.40
N ASN B 358 10.76 20.03 -40.64
CA ASN B 358 10.21 18.72 -40.94
C ASN B 358 10.89 18.03 -42.15
N TYR B 359 11.48 18.79 -43.05
N TYR B 359 11.49 18.79 -43.04
CA TYR B 359 12.09 18.20 -44.25
CA TYR B 359 12.07 18.21 -44.25
C TYR B 359 13.58 18.46 -44.30
C TYR B 359 13.56 18.47 -44.30
N ASP B 360 14.18 18.67 -43.13
CA ASP B 360 15.62 18.68 -43.02
C ASP B 360 16.19 17.25 -43.22
N GLU B 361 16.83 17.00 -44.37
CA GLU B 361 17.45 15.70 -44.77
C GLU B 361 18.39 15.17 -43.69
N THR B 362 19.07 16.08 -43.03
CA THR B 362 19.98 15.81 -41.92
C THR B 362 19.37 15.17 -40.68
N ALA B 363 18.12 15.51 -40.40
CA ALA B 363 17.43 14.99 -39.28
C ALA B 363 16.52 13.83 -39.65
N TYR B 364 15.98 13.88 -40.86
CA TYR B 364 14.98 12.94 -41.32
C TYR B 364 15.33 12.59 -42.77
N PRO B 365 16.28 11.68 -42.95
CA PRO B 365 16.73 11.32 -44.30
C PRO B 365 15.59 10.82 -45.16
N SER B 366 15.60 11.16 -46.45
CA SER B 366 14.46 10.96 -47.33
C SER B 366 13.18 11.50 -46.70
N PRO B 367 13.20 12.82 -46.48
CA PRO B 367 12.07 13.51 -45.84
C PRO B 367 10.79 13.42 -46.63
N GLU B 368 10.86 13.35 -47.96
CA GLU B 368 9.64 13.12 -48.79
C GLU B 368 8.94 11.81 -48.44
N VAL B 369 9.65 10.84 -47.85
CA VAL B 369 9.07 9.50 -47.67
C VAL B 369 8.30 9.44 -46.36
N TYR B 370 7.08 8.92 -46.42
CA TYR B 370 6.23 8.74 -45.24
C TYR B 370 6.64 7.44 -44.64
N ASP B 371 7.45 7.50 -43.58
CA ASP B 371 8.00 6.29 -42.96
C ASP B 371 7.63 6.20 -41.47
N ILE B 372 6.65 5.36 -41.14
CA ILE B 372 6.19 5.29 -39.77
C ILE B 372 7.16 4.57 -38.83
N ASP B 373 8.29 4.11 -39.37
CA ASP B 373 9.29 3.45 -38.58
C ASP B 373 10.43 4.35 -38.14
N ARG B 374 10.34 5.65 -38.42
CA ARG B 374 11.39 6.57 -37.97
C ARG B 374 11.47 6.52 -36.46
N LYS B 375 12.67 6.35 -35.94
CA LYS B 375 12.88 6.40 -34.49
C LYS B 375 14.18 7.05 -34.15
N PRO B 376 14.17 7.95 -33.19
CA PRO B 376 12.98 8.41 -32.46
C PRO B 376 11.97 9.01 -33.36
N LEU B 377 10.72 9.08 -32.89
CA LEU B 377 9.66 9.71 -33.68
C LEU B 377 9.99 11.20 -33.84
N PRO B 378 9.63 11.77 -34.97
CA PRO B 378 9.94 13.15 -35.26
C PRO B 378 9.20 14.14 -34.35
N ALA B 379 9.91 15.20 -33.96
CA ALA B 379 9.39 16.23 -33.07
C ALA B 379 8.25 16.93 -33.73
N ALA B 380 7.15 17.08 -32.99
CA ALA B 380 5.93 17.61 -33.56
C ALA B 380 5.89 19.16 -33.60
N ASN B 381 6.50 19.74 -34.63
CA ASN B 381 6.47 21.17 -34.83
C ASN B 381 5.10 21.82 -35.06
N VAL B 382 4.08 21.05 -35.39
CA VAL B 382 2.76 21.62 -35.58
C VAL B 382 2.08 22.06 -34.32
N PHE B 383 2.60 21.69 -33.18
CA PHE B 383 1.98 22.14 -31.96
C PHE B 383 2.69 23.37 -31.36
N GLY B 384 3.65 23.93 -32.09
CA GLY B 384 4.37 25.11 -31.62
C GLY B 384 5.66 24.81 -30.91
N GLY B 385 5.94 25.56 -29.87
CA GLY B 385 7.17 25.40 -29.12
C GLY B 385 7.14 26.24 -27.87
N GLY B 386 8.16 26.07 -27.06
CA GLY B 386 8.27 26.85 -25.86
C GLY B 386 7.05 26.69 -24.95
N ALA B 387 6.87 27.66 -24.10
CA ALA B 387 5.88 27.56 -23.04
C ALA B 387 4.48 27.50 -23.55
N HIS B 388 4.22 27.97 -24.77
CA HIS B 388 2.85 27.93 -25.30
C HIS B 388 2.49 26.66 -26.06
N PHE B 389 3.40 25.72 -26.14
CA PHE B 389 3.20 24.49 -26.94
C PHE B 389 1.83 23.88 -26.63
N CYS B 390 1.08 23.53 -27.66
CA CYS B 390 -0.34 23.12 -27.51
C CYS B 390 -0.58 22.27 -26.31
N VAL B 391 -1.47 22.75 -25.44
CA VAL B 391 -1.84 22.05 -24.21
C VAL B 391 -2.89 21.03 -24.50
N GLY B 392 -3.54 21.16 -25.65
CA GLY B 392 -4.52 20.17 -26.04
C GLY B 392 -3.95 18.99 -26.80
N ALA B 393 -2.64 18.97 -27.06
CA ALA B 393 -2.11 17.91 -27.89
C ALA B 393 -2.51 16.50 -27.45
N PRO B 394 -2.52 16.22 -26.15
CA PRO B 394 -2.90 14.85 -25.82
C PRO B 394 -4.31 14.48 -26.28
N LEU B 395 -5.23 15.43 -26.22
CA LEU B 395 -6.59 15.16 -26.69
C LEU B 395 -6.59 15.00 -28.18
N ALA B 396 -5.89 15.87 -28.89
CA ALA B 396 -5.85 15.79 -30.36
C ALA B 396 -5.22 14.50 -30.89
N ARG B 397 -4.15 14.03 -30.27
CA ARG B 397 -3.52 12.77 -30.66
C ARG B 397 -4.42 11.59 -30.40
N MET B 398 -5.15 11.66 -29.29
CA MET B 398 -6.12 10.64 -28.91
C MET B 398 -7.34 10.59 -29.83
N GLU B 399 -7.92 11.73 -30.22
CA GLU B 399 -9.02 11.71 -31.17
C GLU B 399 -8.55 11.10 -32.48
N ALA B 400 -7.35 11.42 -32.92
CA ALA B 400 -6.89 10.89 -34.20
C ALA B 400 -6.69 9.39 -34.12
N ARG B 401 -6.09 8.93 -33.03
CA ARG B 401 -5.87 7.51 -32.85
C ARG B 401 -7.18 6.72 -32.84
N VAL B 402 -8.07 7.12 -31.96
CA VAL B 402 -9.31 6.38 -31.74
C VAL B 402 -10.25 6.46 -32.95
N GLY B 403 -10.31 7.61 -33.59
CA GLY B 403 -11.07 7.75 -34.81
C GLY B 403 -10.55 6.86 -35.89
N LEU B 404 -9.26 6.91 -36.16
CA LEU B 404 -8.72 6.11 -37.23
C LEU B 404 -8.85 4.65 -36.93
N GLN B 405 -8.70 4.30 -35.66
CA GLN B 405 -8.78 2.91 -35.33
C GLN B 405 -10.16 2.38 -35.68
N ALA B 406 -11.19 3.15 -35.37
CA ALA B 406 -12.56 2.78 -35.70
C ALA B 406 -12.75 2.64 -37.18
N LEU B 407 -12.22 3.62 -37.90
CA LEU B 407 -12.40 3.66 -39.32
C LEU B 407 -11.77 2.43 -39.98
N LEU B 408 -10.52 2.13 -39.63
CA LEU B 408 -9.83 1.01 -40.24
C LEU B 408 -10.42 -0.35 -39.81
N ALA B 409 -10.91 -0.45 -38.58
CA ALA B 409 -11.55 -1.69 -38.11
C ALA B 409 -12.83 -1.98 -38.88
N ARG B 410 -13.61 -0.95 -39.11
CA ARG B 410 -14.89 -1.09 -39.75
C ARG B 410 -14.85 -1.21 -41.25
N PHE B 411 -13.78 -0.82 -41.92
CA PHE B 411 -13.72 -0.89 -43.39
C PHE B 411 -12.37 -1.39 -43.87
N PRO B 412 -12.13 -2.67 -43.68
CA PRO B 412 -10.91 -3.28 -44.18
C PRO B 412 -10.64 -2.97 -45.63
N GLY B 413 -11.68 -2.73 -46.41
CA GLY B 413 -11.47 -2.52 -47.84
C GLY B 413 -11.04 -1.12 -48.19
N LEU B 414 -11.01 -0.24 -47.20
CA LEU B 414 -10.75 1.18 -47.39
C LEU B 414 -9.63 1.50 -48.36
N ARG B 415 -9.92 2.28 -49.37
CA ARG B 415 -8.99 2.55 -50.42
C ARG B 415 -9.29 3.93 -51.00
N ALA B 416 -8.26 4.66 -51.44
CA ALA B 416 -8.46 5.96 -52.14
C ALA B 416 -9.12 5.69 -53.47
N VAL B 417 -9.95 6.63 -53.92
CA VAL B 417 -10.50 6.55 -55.25
C VAL B 417 -9.40 6.91 -56.24
N PRO B 418 -9.08 6.02 -57.19
CA PRO B 418 -8.07 6.31 -58.21
C PRO B 418 -8.72 7.09 -59.37
N GLU B 419 -8.02 7.87 -60.18
CA GLU B 419 -6.97 8.73 -59.77
C GLU B 419 -7.86 9.99 -59.75
N GLU B 420 -8.40 10.24 -58.57
CA GLU B 420 -9.10 11.45 -58.23
C GLU B 420 -8.26 12.03 -57.06
N ARG B 421 -7.11 12.59 -57.42
CA ARG B 421 -6.07 12.91 -56.45
C ARG B 421 -6.48 14.18 -55.72
N PRO B 422 -6.36 14.19 -54.40
CA PRO B 422 -6.62 15.42 -53.67
C PRO B 422 -5.61 16.53 -53.98
N SER B 423 -6.02 17.75 -53.72
CA SER B 423 -5.17 18.89 -53.85
C SER B 423 -4.89 19.54 -52.49
N PHE B 424 -3.63 19.92 -52.28
CA PHE B 424 -3.20 20.43 -51.00
C PHE B 424 -2.75 21.88 -51.07
N MET B 425 -3.22 22.69 -50.13
CA MET B 425 -2.68 24.02 -49.93
C MET B 425 -3.02 24.55 -48.59
N TYR B 426 -2.22 25.50 -48.17
CA TYR B 426 -2.49 26.20 -46.94
C TYR B 426 -3.59 27.19 -47.23
N GLY B 427 -4.57 27.35 -46.35
CA GLY B 427 -5.54 28.47 -46.49
C GLY B 427 -6.80 28.41 -47.34
N ALA B 428 -6.97 27.33 -48.08
CA ALA B 428 -8.23 27.01 -48.79
C ALA B 428 -9.49 27.21 -47.94
N LYS B 429 -10.48 27.93 -48.48
CA LYS B 429 -11.79 28.15 -47.84
C LYS B 429 -11.70 28.87 -46.52
N ASP B 430 -10.75 29.78 -46.44
CA ASP B 430 -10.49 30.52 -45.22
C ASP B 430 -10.12 29.65 -44.02
N SER B 431 -9.57 28.46 -44.30
CA SER B 431 -9.10 27.57 -43.26
C SER B 431 -7.78 28.19 -42.79
N VAL B 432 -7.32 27.86 -41.58
CA VAL B 432 -5.95 28.23 -41.23
C VAL B 432 -5.04 27.00 -41.25
N ALA B 433 -5.36 26.03 -42.10
CA ALA B 433 -4.64 24.79 -42.18
C ALA B 433 -4.14 24.48 -43.55
N HIS B 434 -3.14 23.61 -43.61
CA HIS B 434 -2.73 22.98 -44.84
C HIS B 434 -3.30 21.61 -44.85
N GLY B 435 -3.94 21.25 -45.93
CA GLY B 435 -4.76 20.02 -45.96
C GLY B 435 -5.30 19.74 -47.35
N PRO B 436 -5.91 18.58 -47.53
CA PRO B 436 -6.51 18.23 -48.81
C PRO B 436 -7.83 18.97 -49.02
N ASP B 437 -8.21 19.17 -50.26
CA ASP B 437 -9.57 19.69 -50.58
C ASP B 437 -10.64 18.64 -50.42
N LYS B 438 -10.28 17.37 -50.58
CA LYS B 438 -11.20 16.25 -50.42
C LYS B 438 -10.43 14.95 -50.31
N LEU B 439 -11.08 13.95 -49.74
CA LEU B 439 -10.50 12.62 -49.58
C LEU B 439 -11.51 11.55 -49.98
N PRO B 440 -11.71 11.40 -51.30
CA PRO B 440 -12.69 10.44 -51.76
C PRO B 440 -12.17 9.05 -51.62
N VAL B 441 -13.01 8.18 -51.07
CA VAL B 441 -12.62 6.80 -50.86
C VAL B 441 -13.70 5.80 -51.32
N LEU B 442 -13.22 4.57 -51.58
CA LEU B 442 -14.07 3.41 -51.69
C LEU B 442 -13.90 2.63 -50.40
N LEU B 443 -15.00 2.21 -49.81
CA LEU B 443 -14.96 1.44 -48.60
C LEU B 443 -14.78 -0.08 -48.81
N HIS B 444 -14.81 -0.51 -50.10
CA HIS B 444 -15.16 -1.87 -50.57
C HIS B 444 -16.43 -2.27 -49.75
N HIS B 445 -16.31 -3.06 -48.68
CA HIS B 445 -17.44 -3.75 -48.00
C HIS B 445 -18.39 -2.75 -47.24
N HIS B 446 -19.12 -3.19 -46.19
CA HIS B 446 -20.11 -2.32 -45.52
C HIS B 446 -20.68 -2.98 -44.29
N MET C 51 45.61 8.25 -38.42
CA MET C 51 44.72 7.12 -38.89
C MET C 51 43.84 7.37 -40.19
N ASP C 52 43.71 8.61 -40.67
CA ASP C 52 42.50 9.09 -41.44
C ASP C 52 42.01 10.27 -40.60
N PHE C 53 41.60 9.95 -39.37
CA PHE C 53 40.81 10.81 -38.55
C PHE C 53 41.60 11.43 -37.37
N PRO C 54 41.33 12.70 -37.07
CA PRO C 54 41.92 13.24 -35.86
C PRO C 54 41.76 12.34 -34.61
N LEU C 55 42.81 12.23 -33.80
CA LEU C 55 42.71 11.59 -32.49
C LEU C 55 42.01 12.42 -31.48
N ALA C 56 41.34 11.77 -30.54
CA ALA C 56 40.54 12.46 -29.51
C ALA C 56 40.39 11.58 -28.31
N ASN C 57 39.98 12.21 -27.24
CA ASN C 57 39.67 11.51 -26.01
C ASN C 57 38.45 12.22 -25.39
N LEU C 58 37.29 11.69 -25.70
CA LEU C 58 36.08 12.36 -25.39
C LEU C 58 35.31 11.74 -24.27
N PHE C 59 35.60 10.51 -23.93
CA PHE C 59 34.75 9.83 -22.97
C PHE C 59 35.34 9.77 -21.60
N PHE C 60 36.54 9.21 -21.48
CA PHE C 60 37.18 9.07 -20.15
C PHE C 60 38.00 10.31 -19.83
N VAL C 61 37.28 11.37 -19.47
CA VAL C 61 37.88 12.62 -19.17
C VAL C 61 37.29 13.20 -17.93
N PRO C 62 38.18 13.67 -17.06
CA PRO C 62 37.61 14.28 -15.87
C PRO C 62 36.68 15.42 -16.26
N SER C 63 35.61 15.62 -15.48
CA SER C 63 34.45 16.44 -15.87
C SER C 63 34.21 17.49 -14.79
N GLU C 64 34.16 18.76 -15.18
CA GLU C 64 34.09 19.82 -14.21
C GLU C 64 32.63 19.91 -13.63
N ASP C 65 31.67 19.59 -14.46
CA ASP C 65 30.27 19.75 -14.09
C ASP C 65 29.47 18.77 -14.97
N ALA C 66 28.18 18.58 -14.65
CA ALA C 66 27.33 17.70 -15.41
C ALA C 66 27.24 18.01 -16.90
N THR C 67 27.52 19.21 -17.24
CA THR C 67 27.47 19.67 -18.62
C THR C 67 28.71 19.37 -19.49
N ALA C 68 29.79 18.98 -18.83
CA ALA C 68 31.08 18.91 -19.52
C ALA C 68 31.02 17.94 -20.67
N PHE C 69 30.35 16.82 -20.42
CA PHE C 69 30.26 15.73 -21.38
C PHE C 69 29.57 16.17 -22.64
N GLY C 70 28.38 16.70 -22.49
CA GLY C 70 27.71 17.29 -23.65
C GLY C 70 28.51 18.35 -24.43
N ARG C 71 29.18 19.28 -23.72
CA ARG C 71 29.96 20.29 -24.37
C ARG C 71 31.14 19.73 -25.12
N ARG C 72 31.85 18.79 -24.52
CA ARG C 72 32.99 18.17 -25.22
C ARG C 72 32.57 17.58 -26.55
N LEU C 73 31.47 16.84 -26.52
CA LEU C 73 31.10 16.09 -27.70
C LEU C 73 30.74 17.07 -28.82
N ARG C 74 29.96 18.09 -28.43
CA ARG C 74 29.59 19.12 -29.34
C ARG C 74 30.77 19.87 -29.89
N ALA C 75 31.72 20.21 -29.02
CA ALA C 75 32.92 20.87 -29.50
C ALA C 75 33.74 20.05 -30.51
N ALA C 76 33.83 18.74 -30.30
CA ALA C 76 34.53 17.90 -31.26
C ALA C 76 33.79 17.82 -32.57
N ALA C 77 32.46 17.76 -32.49
CA ALA C 77 31.66 17.70 -33.72
C ALA C 77 31.86 18.92 -34.61
N GLN C 78 32.07 20.08 -33.96
CA GLN C 78 32.25 21.34 -34.66
C GLN C 78 33.57 21.36 -35.37
N GLN C 79 34.57 20.67 -34.84
CA GLN C 79 35.83 20.58 -35.56
C GLN C 79 35.87 19.57 -36.65
N ALA C 80 35.24 18.44 -36.47
CA ALA C 80 35.41 17.29 -37.42
C ALA C 80 34.27 16.32 -37.28
N PRO C 81 33.87 15.71 -38.39
CA PRO C 81 32.72 14.84 -38.33
C PRO C 81 33.00 13.49 -37.75
N ILE C 82 34.20 13.00 -37.97
CA ILE C 82 34.61 11.69 -37.40
C ILE C 82 35.95 11.85 -36.72
N VAL C 83 36.08 11.39 -35.48
CA VAL C 83 37.33 11.35 -34.79
C VAL C 83 37.63 9.94 -34.33
N PHE C 84 38.89 9.65 -34.04
CA PHE C 84 39.30 8.37 -33.52
C PHE C 84 39.54 8.48 -32.05
N ASP C 85 38.74 7.84 -31.23
CA ASP C 85 38.89 8.02 -29.81
C ASP C 85 39.87 7.01 -29.34
N THR C 86 40.91 7.45 -28.67
CA THR C 86 42.00 6.53 -28.41
C THR C 86 41.71 5.59 -27.25
N ALA C 87 40.80 5.96 -26.34
CA ALA C 87 40.48 5.08 -25.24
C ALA C 87 39.52 4.05 -25.72
N PHE C 88 38.59 4.40 -26.58
CA PHE C 88 37.67 3.37 -27.11
C PHE C 88 38.31 2.58 -28.25
N GLY C 89 39.29 3.15 -28.89
CA GLY C 89 39.95 2.47 -29.97
C GLY C 89 39.17 2.37 -31.22
N MET C 90 38.32 3.36 -31.47
CA MET C 90 37.47 3.27 -32.64
C MET C 90 37.11 4.66 -33.14
N PRO C 91 36.72 4.76 -34.39
CA PRO C 91 36.13 5.97 -34.89
C PRO C 91 34.76 6.27 -34.30
N ILE C 92 34.55 7.55 -34.03
CA ILE C 92 33.32 8.11 -33.45
C ILE C 92 32.69 8.99 -34.51
N LEU C 93 31.46 8.66 -34.89
CA LEU C 93 30.69 9.51 -35.73
C LEU C 93 29.98 10.54 -34.86
N LEU C 94 30.16 11.81 -35.23
CA LEU C 94 29.65 12.97 -34.47
C LEU C 94 28.66 13.85 -35.25
N ARG C 95 28.59 13.73 -36.55
CA ARG C 95 27.78 14.55 -37.37
C ARG C 95 26.38 13.96 -37.46
N LYS C 96 25.36 14.76 -37.20
CA LYS C 96 23.97 14.28 -37.27
C LYS C 96 23.58 13.63 -38.60
N SER C 97 23.92 14.22 -39.72
CA SER C 97 23.51 13.59 -40.97
C SER C 97 24.10 12.22 -41.12
N HIS C 98 25.32 12.04 -40.62
CA HIS C 98 25.92 10.70 -40.70
C HIS C 98 25.25 9.72 -39.75
N ILE C 99 24.99 10.19 -38.55
CA ILE C 99 24.39 9.35 -37.56
C ILE C 99 23.00 8.87 -37.96
N THR C 100 22.22 9.79 -38.44
CA THR C 100 20.85 9.59 -38.81
C THR C 100 20.72 8.65 -40.01
N THR C 101 21.56 8.84 -40.99
CA THR C 101 21.74 7.91 -42.10
C THR C 101 22.18 6.54 -41.62
N ALA C 102 23.15 6.46 -40.72
CA ALA C 102 23.65 5.17 -40.30
C ALA C 102 22.58 4.39 -39.54
N TYR C 103 21.82 5.07 -38.67
CA TYR C 103 20.72 4.38 -37.98
C TYR C 103 19.74 3.73 -38.93
N ARG C 104 19.58 4.28 -40.14
CA ARG C 104 18.63 3.75 -41.12
C ARG C 104 19.17 2.76 -42.10
N ASP C 105 20.46 2.78 -42.37
CA ASP C 105 20.99 1.80 -43.26
C ASP C 105 21.64 0.67 -42.47
N THR C 106 20.81 -0.22 -41.96
CA THR C 106 21.29 -1.32 -41.15
C THR C 106 22.06 -2.37 -41.93
N ALA C 107 21.90 -2.41 -43.23
CA ALA C 107 22.70 -3.34 -44.02
C ALA C 107 24.16 -2.89 -44.12
N THR C 108 24.38 -1.58 -44.10
CA THR C 108 25.72 -1.07 -44.09
C THR C 108 26.26 -0.92 -42.69
N PHE C 109 25.40 -0.60 -41.74
CA PHE C 109 25.79 -0.36 -40.37
C PHE C 109 24.97 -1.26 -39.51
N SER C 110 25.56 -2.37 -39.08
CA SER C 110 24.81 -3.47 -38.46
C SER C 110 25.15 -3.54 -37.00
N THR C 111 24.53 -4.47 -36.30
CA THR C 111 24.93 -4.74 -34.94
C THR C 111 25.69 -6.07 -34.80
N ARG C 112 26.36 -6.53 -35.86
N ARG C 112 26.37 -6.54 -35.86
CA ARG C 112 27.02 -7.86 -35.85
CA ARG C 112 27.05 -7.86 -35.84
C ARG C 112 28.19 -7.95 -34.87
C ARG C 112 28.22 -7.95 -34.88
N MET C 113 28.77 -6.83 -34.48
CA MET C 113 29.75 -6.85 -33.42
C MET C 113 29.20 -7.44 -32.11
N PHE C 114 27.89 -7.45 -31.90
CA PHE C 114 27.38 -8.03 -30.66
C PHE C 114 27.27 -9.52 -30.76
N GLN C 115 27.48 -10.06 -31.95
CA GLN C 115 27.44 -11.49 -32.15
C GLN C 115 28.61 -12.18 -31.50
N ALA C 116 29.66 -11.46 -31.23
CA ALA C 116 30.81 -12.13 -30.63
C ALA C 116 30.77 -12.29 -29.13
N GLY C 117 29.90 -11.59 -28.45
CA GLY C 117 30.03 -11.51 -26.99
C GLY C 117 28.83 -12.06 -26.26
N ILE C 118 28.63 -11.57 -25.05
CA ILE C 118 27.58 -12.07 -24.20
C ILE C 118 26.17 -11.81 -24.68
N LEU C 119 25.99 -10.85 -25.58
CA LEU C 119 24.69 -10.55 -26.14
C LEU C 119 24.39 -11.40 -27.35
N ASN C 120 25.29 -12.28 -27.72
CA ASN C 120 25.01 -13.12 -28.85
C ASN C 120 23.82 -14.00 -28.52
N GLY C 121 22.89 -14.10 -29.44
CA GLY C 121 21.62 -14.80 -29.12
C GLY C 121 20.48 -13.91 -28.62
N GLY C 122 20.81 -12.71 -28.19
CA GLY C 122 19.80 -11.72 -27.82
C GLY C 122 19.27 -10.93 -28.98
N LEU C 123 18.34 -10.02 -28.68
CA LEU C 123 17.73 -9.18 -29.68
C LEU C 123 18.71 -8.27 -30.39
N ALA C 124 19.59 -7.63 -29.62
CA ALA C 124 20.43 -6.62 -30.18
C ALA C 124 21.36 -7.18 -31.21
N ALA C 125 21.72 -8.46 -31.08
CA ALA C 125 22.65 -9.04 -32.04
C ALA C 125 21.98 -9.48 -33.32
N MET C 126 20.66 -9.44 -33.36
CA MET C 126 19.96 -9.97 -34.52
C MET C 126 19.96 -8.98 -35.65
N GLN C 127 19.78 -9.48 -36.87
CA GLN C 127 19.72 -8.66 -38.01
C GLN C 127 18.48 -8.95 -38.82
N GLY C 128 18.16 -8.03 -39.73
CA GLY C 128 17.07 -8.19 -40.65
C GLY C 128 15.78 -8.80 -40.11
N ASP C 129 15.30 -9.87 -40.74
CA ASP C 129 13.96 -10.35 -40.45
C ASP C 129 13.95 -11.05 -39.13
N GLU C 130 15.06 -11.71 -38.78
CA GLU C 130 15.15 -12.36 -37.47
C GLU C 130 14.96 -11.31 -36.36
N HIS C 131 15.58 -10.14 -36.56
CA HIS C 131 15.43 -9.08 -35.62
C HIS C 131 14.00 -8.56 -35.57
N ALA C 132 13.43 -8.32 -36.73
CA ALA C 132 12.05 -7.84 -36.81
C ALA C 132 11.05 -8.73 -36.10
N ARG C 133 11.15 -10.04 -36.33
CA ARG C 133 10.35 -11.03 -35.66
C ARG C 133 10.44 -10.87 -34.16
N MET C 134 11.65 -10.78 -33.65
CA MET C 134 11.85 -10.90 -32.22
C MET C 134 11.51 -9.59 -31.57
N ARG C 135 11.75 -8.52 -32.30
CA ARG C 135 11.42 -7.18 -31.85
C ARG C 135 9.90 -7.04 -31.67
N ARG C 136 9.10 -7.57 -32.61
CA ARG C 136 7.65 -7.63 -32.48
C ARG C 136 7.30 -8.19 -31.12
N VAL C 137 7.93 -9.28 -30.73
CA VAL C 137 7.62 -9.91 -29.48
C VAL C 137 8.02 -9.04 -28.33
N TYR C 138 9.27 -8.54 -28.34
CA TYR C 138 9.70 -7.66 -27.23
C TYR C 138 8.74 -6.46 -27.13
N ASN C 139 8.32 -5.90 -28.26
CA ASN C 139 7.40 -4.77 -28.26
C ASN C 139 6.11 -5.01 -27.47
N MET C 140 5.59 -6.23 -27.49
CA MET C 140 4.35 -6.52 -26.82
C MET C 140 4.49 -6.11 -25.37
N PHE C 141 5.70 -6.25 -24.78
CA PHE C 141 5.84 -6.05 -23.35
C PHE C 141 5.97 -4.60 -23.03
N PHE C 142 6.10 -3.71 -24.01
CA PHE C 142 6.30 -2.29 -23.70
C PHE C 142 5.29 -1.33 -24.33
N LEU C 143 4.17 -1.90 -24.76
CA LEU C 143 3.07 -1.13 -25.27
C LEU C 143 2.44 -0.27 -24.16
N PRO C 144 1.82 0.84 -24.53
CA PRO C 144 1.30 1.78 -23.54
C PRO C 144 0.36 1.14 -22.52
N ARG C 145 -0.45 0.19 -22.97
CA ARG C 145 -1.38 -0.49 -22.07
C ARG C 145 -0.61 -1.34 -21.05
N ALA C 146 0.33 -2.15 -21.55
CA ALA C 146 1.21 -2.93 -20.68
C ALA C 146 1.99 -2.08 -19.70
N VAL C 147 2.55 -0.99 -20.19
CA VAL C 147 3.36 -0.14 -19.37
C VAL C 147 2.52 0.45 -18.27
N SER C 148 1.27 0.83 -18.57
CA SER C 148 0.42 1.41 -17.52
C SER C 148 -0.01 0.36 -16.50
N GLN C 149 -0.23 -0.85 -16.95
CA GLN C 149 -0.40 -1.93 -15.98
C GLN C 149 0.82 -2.10 -15.03
N TYR C 150 2.05 -2.02 -15.53
CA TYR C 150 3.22 -2.15 -14.67
C TYR C 150 3.30 -1.01 -13.66
N GLU C 151 2.84 0.15 -14.09
CA GLU C 151 2.84 1.32 -13.25
C GLU C 151 1.95 1.12 -12.02
N GLU C 152 0.71 0.65 -12.23
CA GLU C 152 -0.29 0.47 -11.15
C GLU C 152 0.13 -0.68 -10.25
N ARG C 153 0.42 -1.83 -10.86
CA ARG C 153 0.76 -3.07 -10.15
C ARG C 153 2.06 -3.08 -9.40
N PHE C 154 3.07 -2.35 -9.83
CA PHE C 154 4.26 -2.34 -8.97
C PHE C 154 5.14 -1.15 -8.99
N VAL C 155 5.25 -0.36 -10.05
CA VAL C 155 6.22 0.76 -9.98
C VAL C 155 5.73 1.85 -9.05
N ARG C 156 4.43 2.12 -9.03
CA ARG C 156 3.91 3.11 -8.04
C ARG C 156 4.08 2.62 -6.60
N PRO C 157 3.62 1.40 -6.27
CA PRO C 157 3.79 0.92 -4.90
C PRO C 157 5.25 0.90 -4.47
N ILE C 158 6.08 0.29 -5.32
CA ILE C 158 7.48 0.14 -5.01
C ILE C 158 8.14 1.49 -4.88
N SER C 159 7.78 2.41 -5.74
CA SER C 159 8.38 3.70 -5.59
C SER C 159 7.94 4.34 -4.28
N GLU C 160 6.68 4.20 -3.88
CA GLU C 160 6.29 4.72 -2.54
C GLU C 160 7.05 4.03 -1.43
N GLN C 161 7.19 2.72 -1.46
CA GLN C 161 7.97 2.07 -0.39
C GLN C 161 9.37 2.62 -0.35
N VAL C 162 10.04 2.67 -1.49
CA VAL C 162 11.43 3.12 -1.55
C VAL C 162 11.61 4.52 -0.99
N VAL C 163 10.66 5.37 -1.29
CA VAL C 163 10.71 6.76 -0.86
C VAL C 163 10.45 6.90 0.65
N ASP C 164 9.42 6.22 1.18
CA ASP C 164 9.15 6.26 2.64
C ASP C 164 10.33 5.78 3.47
N ARG C 165 11.02 4.76 2.96
CA ARG C 165 12.22 4.18 3.57
C ARG C 165 13.26 5.28 3.84
N LEU C 166 13.19 6.40 3.11
CA LEU C 166 14.23 7.42 3.24
C LEU C 166 14.00 8.28 4.46
N ALA C 167 12.75 8.40 4.88
CA ALA C 167 12.37 9.24 6.02
C ALA C 167 13.21 9.03 7.29
N GLY C 168 13.43 7.78 7.70
CA GLY C 168 14.28 7.53 8.88
C GLY C 168 15.70 8.06 8.74
N LYS C 169 16.28 7.85 7.55
CA LYS C 169 17.72 7.61 7.37
C LYS C 169 18.64 8.75 7.79
N PRO C 170 19.83 8.41 8.31
CA PRO C 170 20.75 9.41 8.87
C PRO C 170 21.26 10.41 7.84
N ARG C 171 21.87 9.93 6.75
CA ARG C 171 22.49 10.80 5.73
C ARG C 171 22.12 10.36 4.31
N VAL C 172 21.05 10.93 3.73
CA VAL C 172 20.55 10.40 2.47
C VAL C 172 21.38 10.72 1.22
N ASP C 173 21.63 9.67 0.42
CA ASP C 173 22.27 9.77 -0.90
C ASP C 173 21.29 9.22 -1.95
N LEU C 174 20.70 10.10 -2.74
CA LEU C 174 19.70 9.68 -3.69
C LEU C 174 20.20 8.83 -4.84
N LEU C 175 21.52 8.75 -5.03
CA LEU C 175 22.07 7.78 -5.96
C LEU C 175 21.87 6.36 -5.38
N GLU C 176 22.62 5.99 -4.33
CA GLU C 176 22.47 4.66 -3.75
C GLU C 176 21.14 4.35 -3.20
N ASP C 177 20.49 5.32 -2.56
CA ASP C 177 19.28 5.05 -1.78
C ASP C 177 17.99 5.21 -2.53
N PHE C 178 18.05 5.78 -3.73
CA PHE C 178 16.83 6.01 -4.51
C PHE C 178 16.96 5.58 -5.98
N ALA C 179 17.93 6.14 -6.67
CA ALA C 179 18.10 5.92 -8.11
C ALA C 179 18.59 4.49 -8.42
N MET C 180 19.39 3.92 -7.52
CA MET C 180 19.83 2.53 -7.69
C MET C 180 18.82 1.58 -7.14
N GLU C 181 18.18 1.99 -6.03
CA GLU C 181 17.26 1.18 -5.28
C GLU C 181 15.99 0.91 -6.10
N LEU C 182 15.38 1.92 -6.65
CA LEU C 182 14.08 1.77 -7.23
C LEU C 182 14.09 0.80 -8.42
N PRO C 183 14.94 1.04 -9.44
CA PRO C 183 14.96 0.11 -10.58
C PRO C 183 15.29 -1.35 -10.20
N ARG C 184 16.15 -1.52 -9.20
CA ARG C 184 16.53 -2.79 -8.74
C ARG C 184 15.35 -3.50 -8.12
N ARG C 185 14.62 -2.79 -7.27
CA ARG C 185 13.42 -3.34 -6.69
C ARG C 185 12.36 -3.60 -7.68
N VAL C 186 12.23 -2.76 -8.66
CA VAL C 186 11.26 -3.06 -9.71
C VAL C 186 11.59 -4.34 -10.47
N ILE C 187 12.85 -4.52 -10.87
CA ILE C 187 13.24 -5.71 -11.56
C ILE C 187 13.10 -6.89 -10.62
N GLY C 188 13.45 -6.68 -9.36
CA GLY C 188 13.17 -7.68 -8.33
C GLY C 188 11.74 -8.19 -8.41
N GLU C 189 10.78 -7.28 -8.43
CA GLU C 189 9.37 -7.69 -8.47
C GLU C 189 8.97 -8.32 -9.78
N LEU C 190 9.55 -7.86 -10.87
CA LEU C 190 9.25 -8.45 -12.18
C LEU C 190 9.69 -9.89 -12.27
N PHE C 191 10.75 -10.22 -11.58
CA PHE C 191 11.32 -11.56 -11.62
C PHE C 191 10.75 -12.47 -10.53
N GLY C 192 10.09 -11.89 -9.52
CA GLY C 192 9.79 -12.63 -8.31
C GLY C 192 11.09 -13.05 -7.64
N PHE C 193 12.07 -12.15 -7.54
CA PHE C 193 13.41 -12.55 -7.07
C PHE C 193 13.98 -11.46 -6.20
N PRO C 194 14.80 -11.83 -5.21
CA PRO C 194 15.01 -10.81 -4.17
C PRO C 194 15.88 -9.72 -4.69
N ALA C 195 15.60 -8.50 -4.26
CA ALA C 195 16.35 -7.33 -4.68
C ALA C 195 17.80 -7.34 -4.15
N GLU C 196 18.05 -7.92 -2.99
CA GLU C 196 19.43 -7.97 -2.52
C GLU C 196 20.28 -8.90 -3.35
N LYS C 197 19.69 -9.92 -3.97
CA LYS C 197 20.52 -10.84 -4.74
C LYS C 197 20.99 -10.11 -6.00
N LEU C 198 20.15 -9.22 -6.53
CA LEU C 198 20.49 -8.47 -7.74
C LEU C 198 21.53 -7.45 -7.38
N HIS C 199 21.42 -6.91 -6.19
CA HIS C 199 22.36 -5.94 -5.74
C HIS C 199 23.78 -6.50 -5.78
N GLU C 200 23.94 -7.78 -5.47
CA GLU C 200 25.28 -8.39 -5.42
C GLU C 200 25.85 -8.55 -6.84
N THR C 201 25.03 -8.41 -7.89
CA THR C 201 25.54 -8.53 -9.25
C THR C 201 26.11 -7.26 -9.82
N ASP C 202 25.91 -6.15 -9.14
CA ASP C 202 26.47 -4.85 -9.55
C ASP C 202 27.79 -4.84 -10.32
N GLU C 203 28.87 -5.32 -9.70
CA GLU C 203 30.21 -5.24 -10.31
C GLU C 203 30.29 -6.15 -11.55
N ARG C 204 29.55 -7.26 -11.51
CA ARG C 204 29.46 -8.12 -12.62
C ARG C 204 28.64 -7.56 -13.73
N VAL C 205 27.55 -6.90 -13.40
CA VAL C 205 26.75 -6.22 -14.43
C VAL C 205 27.59 -5.16 -15.21
N ARG C 206 28.41 -4.42 -14.48
CA ARG C 206 29.27 -3.41 -15.09
C ARG C 206 30.43 -3.96 -15.92
N ALA C 207 30.97 -5.05 -15.43
CA ALA C 207 32.02 -5.76 -16.16
C ALA C 207 31.43 -6.31 -17.48
N MET C 208 30.20 -6.82 -17.41
CA MET C 208 29.51 -7.25 -18.59
C MET C 208 29.39 -6.13 -19.56
N LEU C 209 28.87 -4.99 -19.08
CA LEU C 209 28.67 -3.83 -19.97
C LEU C 209 29.96 -3.23 -20.56
N ARG C 210 31.02 -3.14 -19.76
CA ARG C 210 32.28 -2.56 -20.25
C ARG C 210 32.83 -3.24 -21.47
N GLY C 211 32.63 -4.54 -21.54
CA GLY C 211 33.09 -5.35 -22.68
C GLY C 211 32.25 -5.23 -23.93
N LEU C 212 31.04 -4.73 -23.77
CA LEU C 212 30.20 -4.50 -24.91
C LEU C 212 30.54 -3.16 -25.54
N VAL C 213 31.33 -2.31 -24.87
CA VAL C 213 31.68 -1.03 -25.42
C VAL C 213 33.13 -1.06 -25.94
N ARG C 214 34.08 -1.48 -25.10
CA ARG C 214 35.50 -1.51 -25.45
C ARG C 214 35.89 -2.86 -25.98
N MET C 215 35.36 -3.22 -27.10
CA MET C 215 35.51 -4.61 -27.54
C MET C 215 36.77 -4.87 -28.35
N HIS C 216 37.54 -3.85 -28.62
CA HIS C 216 38.90 -4.08 -29.10
C HIS C 216 39.86 -4.36 -27.93
N ASP C 217 39.39 -4.30 -26.71
CA ASP C 217 40.22 -4.55 -25.55
C ASP C 217 40.06 -5.97 -24.96
N PRO C 218 41.08 -6.85 -25.19
CA PRO C 218 41.05 -8.24 -24.72
C PRO C 218 40.65 -8.39 -23.29
N ALA C 219 41.14 -7.55 -22.42
CA ALA C 219 40.85 -7.75 -21.03
C ALA C 219 39.41 -7.40 -20.74
N ALA C 220 38.89 -6.32 -21.35
CA ALA C 220 37.50 -5.95 -21.12
C ALA C 220 36.55 -7.02 -21.65
N VAL C 221 36.89 -7.58 -22.80
CA VAL C 221 36.09 -8.63 -23.41
C VAL C 221 36.11 -9.88 -22.55
N ALA C 222 37.29 -10.30 -22.15
CA ALA C 222 37.43 -11.44 -21.25
C ALA C 222 36.62 -11.29 -19.96
N GLU C 223 36.73 -10.16 -19.29
CA GLU C 223 36.01 -9.93 -18.02
C GLU C 223 34.48 -9.89 -18.23
N SER C 224 34.06 -9.44 -19.39
CA SER C 224 32.65 -9.45 -19.70
C SER C 224 32.11 -10.88 -19.73
N GLN C 225 32.75 -11.74 -20.51
CA GLN C 225 32.43 -13.14 -20.57
C GLN C 225 32.54 -13.79 -19.21
N ARG C 226 33.59 -13.54 -18.47
CA ARG C 226 33.73 -14.12 -17.16
C ARG C 226 32.54 -13.80 -16.28
N ALA C 227 32.17 -12.53 -16.28
CA ALA C 227 31.10 -12.05 -15.42
C ALA C 227 29.74 -12.62 -15.83
N TYR C 228 29.52 -12.77 -17.12
CA TYR C 228 28.29 -13.41 -17.56
C TYR C 228 28.24 -14.82 -16.98
N GLY C 229 29.36 -15.56 -17.08
CA GLY C 229 29.41 -16.95 -16.63
C GLY C 229 29.09 -17.01 -15.17
N GLU C 230 29.67 -16.09 -14.43
CA GLU C 230 29.43 -15.96 -12.97
C GLU C 230 28.00 -15.54 -12.60
N THR C 231 27.20 -15.09 -13.58
CA THR C 231 25.85 -14.63 -13.39
C THR C 231 24.83 -15.59 -14.06
N LEU C 232 25.32 -16.46 -14.92
CA LEU C 232 24.44 -17.43 -15.54
C LEU C 232 23.61 -18.22 -14.55
N GLY C 233 24.19 -18.55 -13.41
CA GLY C 233 23.49 -19.34 -12.43
C GLY C 233 22.22 -18.65 -11.98
N LEU C 234 22.37 -17.43 -11.48
CA LEU C 234 21.26 -16.58 -11.08
C LEU C 234 20.24 -16.39 -12.19
N ILE C 235 20.70 -16.15 -13.40
CA ILE C 235 19.80 -15.89 -14.50
C ILE C 235 19.01 -17.13 -14.82
N THR C 236 19.67 -18.27 -14.72
CA THR C 236 19.06 -19.50 -15.14
C THR C 236 18.04 -19.88 -14.10
N GLU C 237 18.35 -19.60 -12.85
CA GLU C 237 17.49 -19.91 -11.71
C GLU C 237 16.20 -19.17 -11.89
N VAL C 238 16.31 -17.88 -12.15
CA VAL C 238 15.14 -17.03 -12.38
C VAL C 238 14.25 -17.59 -13.49
N VAL C 239 14.86 -18.04 -14.55
CA VAL C 239 14.16 -18.62 -15.69
C VAL C 239 13.41 -19.88 -15.28
N GLU C 240 14.07 -20.69 -14.48
CA GLU C 240 13.50 -21.90 -13.99
C GLU C 240 12.31 -21.60 -13.08
N ARG C 241 12.43 -20.63 -12.16
CA ARG C 241 11.30 -20.36 -11.25
C ARG C 241 10.08 -19.89 -12.02
N GLU C 242 10.29 -19.07 -13.02
CA GLU C 242 9.20 -18.41 -13.65
C GLU C 242 8.67 -19.14 -14.82
N SER C 243 9.37 -20.16 -15.24
CA SER C 243 8.84 -20.86 -16.37
C SER C 243 7.94 -21.98 -15.94
N ARG C 244 7.96 -22.31 -14.66
CA ARG C 244 6.93 -23.15 -13.99
C ARG C 244 5.53 -22.67 -14.26
N ASP C 245 4.58 -23.59 -14.34
CA ASP C 245 3.15 -23.19 -14.51
C ASP C 245 2.60 -22.42 -13.29
N THR C 246 3.16 -22.62 -12.09
CA THR C 246 2.64 -21.95 -10.88
C THR C 246 2.99 -20.43 -10.83
N SER C 247 3.51 -19.87 -11.91
CA SER C 247 4.26 -18.61 -11.84
C SER C 247 3.32 -17.45 -11.96
N ASP C 248 3.50 -16.41 -11.16
CA ASP C 248 2.56 -15.28 -11.11
C ASP C 248 3.19 -13.92 -11.46
N THR C 249 4.48 -13.91 -11.77
CA THR C 249 5.20 -12.70 -12.12
C THR C 249 5.05 -12.22 -13.57
N LEU C 250 5.47 -10.98 -13.80
CA LEU C 250 5.44 -10.45 -15.19
C LEU C 250 6.43 -11.25 -16.07
N LEU C 251 7.55 -11.65 -15.48
CA LEU C 251 8.44 -12.51 -16.19
C LEU C 251 7.74 -13.80 -16.67
N GLY C 252 6.89 -14.40 -15.84
CA GLY C 252 6.17 -15.61 -16.21
C GLY C 252 5.34 -15.35 -17.44
N GLU C 253 4.65 -14.23 -17.44
CA GLU C 253 3.85 -13.83 -18.59
C GLU C 253 4.72 -13.71 -19.83
N ILE C 254 5.89 -13.11 -19.66
CA ILE C 254 6.80 -12.88 -20.81
C ILE C 254 7.24 -14.22 -21.39
N LEU C 255 7.60 -15.17 -20.52
CA LEU C 255 8.04 -16.50 -20.96
C LEU C 255 6.94 -17.30 -21.63
N ARG C 256 5.75 -17.28 -21.06
CA ARG C 256 4.56 -17.86 -21.75
C ARG C 256 4.34 -17.25 -23.14
N THR C 257 4.51 -15.94 -23.28
CA THR C 257 4.39 -15.30 -24.58
C THR C 257 5.49 -15.74 -25.52
N LEU C 258 6.69 -15.92 -25.00
CA LEU C 258 7.79 -16.40 -25.82
C LEU C 258 7.48 -17.78 -26.33
N LYS C 259 6.92 -18.63 -25.47
CA LYS C 259 6.57 -20.00 -25.85
C LYS C 259 5.51 -20.00 -26.91
N ALA C 260 4.46 -19.23 -26.66
CA ALA C 260 3.40 -19.08 -27.66
C ALA C 260 3.95 -18.66 -29.04
N GLU C 261 5.02 -17.86 -29.05
CA GLU C 261 5.62 -17.40 -30.29
C GLU C 261 6.71 -18.31 -30.80
N HIS C 262 6.85 -19.48 -30.19
CA HIS C 262 7.87 -20.43 -30.57
C HIS C 262 9.28 -19.89 -30.44
N MET C 263 9.52 -19.12 -29.40
CA MET C 263 10.82 -18.64 -29.11
C MET C 263 11.24 -19.14 -27.76
N ASP C 264 10.71 -20.24 -27.28
CA ASP C 264 11.07 -20.73 -25.92
C ASP C 264 12.29 -21.64 -25.93
N THR C 265 13.43 -21.08 -26.27
CA THR C 265 14.72 -21.71 -26.14
C THR C 265 15.34 -21.19 -24.91
N ILE C 266 16.37 -21.83 -24.41
CA ILE C 266 16.96 -21.25 -23.26
C ILE C 266 17.76 -19.98 -23.51
N GLU C 267 18.40 -19.87 -24.66
CA GLU C 267 19.17 -18.64 -25.02
C GLU C 267 18.20 -17.43 -24.98
N ALA C 268 17.06 -17.54 -25.66
CA ALA C 268 16.09 -16.47 -25.68
C ALA C 268 15.61 -16.05 -24.29
N SER C 269 15.29 -17.02 -23.44
CA SER C 269 14.87 -16.73 -22.08
C SER C 269 15.95 -16.07 -21.24
N ARG C 270 17.15 -16.58 -21.34
CA ARG C 270 18.28 -15.94 -20.67
C ARG C 270 18.56 -14.51 -21.15
N GLN C 271 18.42 -14.30 -22.44
CA GLN C 271 18.71 -13.00 -23.02
C GLN C 271 17.72 -11.95 -22.60
N ILE C 272 16.46 -12.33 -22.53
CA ILE C 272 15.39 -11.43 -22.01
C ILE C 272 15.69 -11.06 -20.58
N VAL C 273 16.10 -12.01 -19.78
CA VAL C 273 16.33 -11.73 -18.38
C VAL C 273 17.51 -10.82 -18.30
N LEU C 274 18.48 -11.09 -19.17
CA LEU C 274 19.71 -10.31 -19.18
C LEU C 274 19.41 -8.85 -19.57
N SER C 275 18.58 -8.68 -20.58
CA SER C 275 18.28 -7.38 -21.05
C SER C 275 17.56 -6.63 -19.90
N LEU C 276 16.70 -7.28 -19.11
CA LEU C 276 15.97 -6.59 -18.04
C LEU C 276 16.91 -6.20 -16.92
N ILE C 277 17.96 -6.98 -16.70
CA ILE C 277 18.98 -6.59 -15.73
C ILE C 277 19.86 -5.45 -16.24
N LEU C 278 20.44 -5.57 -17.45
CA LEU C 278 21.37 -4.56 -18.00
C LEU C 278 20.67 -3.21 -18.21
N GLY C 279 19.47 -3.25 -18.75
CA GLY C 279 18.72 -2.05 -19.06
C GLY C 279 17.79 -1.56 -17.98
N GLY C 280 17.05 -2.47 -17.37
CA GLY C 280 15.98 -2.05 -16.45
C GLY C 280 16.40 -1.81 -15.03
N TYR C 281 17.61 -2.24 -14.73
CA TYR C 281 18.24 -2.06 -13.47
C TYR C 281 19.43 -1.08 -13.63
N GLU C 282 20.53 -1.47 -14.24
CA GLU C 282 21.74 -0.63 -14.23
C GLU C 282 21.58 0.69 -15.03
N THR C 283 21.16 0.58 -16.27
CA THR C 283 21.14 1.67 -17.17
C THR C 283 20.06 2.63 -16.75
N THR C 284 18.91 2.12 -16.37
CA THR C 284 17.85 2.95 -15.86
C THR C 284 18.29 3.74 -14.63
N SER C 285 19.01 3.14 -13.72
CA SER C 285 19.46 3.86 -12.53
C SER C 285 20.08 5.22 -12.81
N TRP C 286 20.92 5.25 -13.83
CA TRP C 286 21.69 6.42 -14.16
C TRP C 286 20.82 7.50 -14.81
N LEU C 287 19.81 7.09 -15.54
CA LEU C 287 18.83 8.01 -16.03
C LEU C 287 18.10 8.65 -14.87
N VAL C 288 17.73 7.86 -13.86
CA VAL C 288 17.01 8.44 -12.74
C VAL C 288 17.94 9.37 -12.01
N ALA C 289 19.16 8.95 -11.82
CA ALA C 289 20.09 9.80 -11.13
C ALA C 289 20.36 11.15 -11.79
N ASN C 290 20.53 11.13 -13.10
CA ASN C 290 20.83 12.35 -13.79
C ASN C 290 19.62 13.27 -13.83
N THR C 291 18.44 12.72 -13.89
CA THR C 291 17.26 13.54 -13.80
C THR C 291 17.11 14.23 -12.44
N ILE C 292 17.27 13.49 -11.37
CA ILE C 292 17.28 14.05 -10.05
C ILE C 292 18.26 15.15 -9.90
N HIS C 293 19.48 14.89 -10.29
CA HIS C 293 20.47 15.90 -10.16
C HIS C 293 20.05 17.19 -10.86
N ALA C 294 19.47 17.05 -12.04
CA ALA C 294 19.17 18.21 -12.85
C ALA C 294 18.18 19.05 -12.07
N LEU C 295 17.16 18.40 -11.53
CA LEU C 295 16.20 19.06 -10.66
C LEU C 295 16.82 19.69 -9.41
N LEU C 296 17.60 18.94 -8.64
CA LEU C 296 18.26 19.49 -7.44
C LEU C 296 19.13 20.66 -7.76
N ALA C 297 19.78 20.63 -8.90
CA ALA C 297 20.69 21.69 -9.26
C ALA C 297 19.95 22.92 -9.80
N HIS C 298 18.62 22.86 -9.86
CA HIS C 298 17.80 23.92 -10.42
C HIS C 298 16.49 24.00 -9.59
N PRO C 299 16.57 24.49 -8.35
CA PRO C 299 15.50 24.42 -7.42
C PRO C 299 14.23 25.14 -7.84
N ASP C 300 14.33 26.25 -8.58
CA ASP C 300 13.11 26.82 -9.17
C ASP C 300 12.39 25.81 -10.06
N THR C 301 13.14 25.16 -10.97
CA THR C 301 12.53 24.11 -11.78
C THR C 301 11.95 22.98 -10.91
N LEU C 302 12.65 22.59 -9.86
CA LEU C 302 12.19 21.49 -8.98
C LEU C 302 10.85 21.86 -8.35
N ALA C 303 10.74 23.12 -7.96
CA ALA C 303 9.50 23.58 -7.35
C ALA C 303 8.38 23.47 -8.36
N ARG C 304 8.60 23.97 -9.55
CA ARG C 304 7.54 23.94 -10.54
C ARG C 304 7.06 22.54 -10.76
N VAL C 305 8.01 21.61 -10.77
CA VAL C 305 7.71 20.22 -11.08
C VAL C 305 6.95 19.57 -9.93
N ARG C 306 7.32 19.94 -8.72
CA ARG C 306 6.55 19.51 -7.54
C ARG C 306 5.09 20.01 -7.62
N GLN C 307 4.88 21.26 -7.99
CA GLN C 307 3.53 21.83 -8.06
C GLN C 307 2.74 21.33 -9.26
N ASP C 308 3.43 20.96 -10.33
CA ASP C 308 2.76 20.45 -11.54
C ASP C 308 3.48 19.20 -12.11
N PRO C 309 3.13 18.01 -11.59
CA PRO C 309 3.79 16.74 -11.98
C PRO C 309 3.64 16.42 -13.44
N SER C 310 2.77 17.10 -14.15
CA SER C 310 2.64 16.86 -15.57
C SER C 310 3.91 17.33 -16.31
N LEU C 311 4.72 18.13 -15.63
CA LEU C 311 5.98 18.58 -16.18
C LEU C 311 7.07 17.51 -16.15
N LEU C 312 6.82 16.40 -15.46
CA LEU C 312 7.86 15.38 -15.26
C LEU C 312 8.42 14.75 -16.51
N PRO C 313 7.56 14.42 -17.46
CA PRO C 313 8.10 13.91 -18.71
C PRO C 313 9.04 14.85 -19.40
N ALA C 314 8.74 16.15 -19.38
CA ALA C 314 9.64 17.10 -19.98
C ALA C 314 10.90 17.21 -19.17
N ALA C 315 10.78 17.13 -17.85
CA ALA C 315 11.97 17.19 -17.01
C ALA C 315 12.99 16.09 -17.37
N ILE C 316 12.44 14.93 -17.66
CA ILE C 316 13.19 13.78 -18.02
C ILE C 316 13.77 13.89 -19.42
N GLU C 317 12.98 14.27 -20.41
CA GLU C 317 13.52 14.38 -21.75
C GLU C 317 14.57 15.44 -21.83
N GLU C 318 14.36 16.55 -21.14
CA GLU C 318 15.35 17.63 -21.15
C GLU C 318 16.58 17.18 -20.37
N GLY C 319 16.36 16.41 -19.30
CA GLY C 319 17.47 15.77 -18.62
C GLY C 319 18.41 15.00 -19.61
N MET C 320 17.79 14.22 -20.51
CA MET C 320 18.49 13.34 -21.38
C MET C 320 19.30 14.16 -22.33
N ARG C 321 18.79 15.34 -22.69
CA ARG C 321 19.60 16.26 -23.48
C ARG C 321 20.74 16.91 -22.70
N TRP C 322 20.42 17.42 -21.52
CA TRP C 322 21.31 18.29 -20.76
C TRP C 322 22.45 17.50 -20.13
N CYS C 323 22.08 16.33 -19.58
CA CYS C 323 23.03 15.47 -18.88
C CYS C 323 22.73 14.02 -19.24
N PRO C 324 23.11 13.61 -20.46
CA PRO C 324 22.82 12.25 -20.96
C PRO C 324 23.59 11.21 -20.22
N SER C 325 22.97 10.06 -20.00
CA SER C 325 23.60 8.99 -19.20
C SER C 325 24.37 8.00 -20.08
N SER C 326 24.17 7.92 -21.40
CA SER C 326 25.04 7.13 -22.30
C SER C 326 25.47 7.96 -23.50
N PHE C 327 26.29 7.42 -24.40
CA PHE C 327 26.78 8.19 -25.56
C PHE C 327 26.06 8.01 -26.89
N GLY C 328 25.30 6.93 -26.96
CA GLY C 328 24.83 6.41 -28.22
C GLY C 328 25.15 4.95 -28.29
N VAL C 329 25.76 4.55 -29.38
CA VAL C 329 25.63 3.20 -29.81
C VAL C 329 26.79 2.77 -30.65
N LEU C 330 27.03 1.48 -30.72
CA LEU C 330 28.04 0.96 -31.61
C LEU C 330 27.40 0.33 -32.84
N ARG C 331 28.17 0.26 -33.92
CA ARG C 331 27.77 -0.35 -35.13
C ARG C 331 28.97 -0.82 -35.87
N MET C 332 28.75 -1.81 -36.72
CA MET C 332 29.80 -2.44 -37.50
C MET C 332 29.61 -2.06 -38.92
N VAL C 333 30.63 -1.60 -39.57
CA VAL C 333 30.48 -1.23 -40.95
C VAL C 333 30.62 -2.48 -41.76
N GLU C 334 29.62 -2.78 -42.53
CA GLU C 334 29.62 -4.02 -43.32
C GLU C 334 30.18 -3.90 -44.69
N ARG C 335 30.26 -2.68 -45.23
CA ARG C 335 30.85 -2.46 -46.56
C ARG C 335 31.56 -1.13 -46.64
N ASP C 336 32.58 -1.03 -47.49
CA ASP C 336 33.28 0.24 -47.62
C ASP C 336 32.23 1.31 -47.87
N VAL C 337 32.25 2.41 -47.13
CA VAL C 337 31.22 3.40 -47.29
C VAL C 337 31.84 4.83 -47.19
N ARG C 338 31.24 5.82 -47.88
CA ARG C 338 31.73 7.21 -47.89
C ARG C 338 30.68 8.07 -47.25
N LEU C 339 31.07 9.00 -46.40
CA LEU C 339 30.11 9.83 -45.74
C LEU C 339 30.67 11.21 -45.95
N ASP C 340 30.11 11.89 -46.95
CA ASP C 340 30.73 13.09 -47.55
C ASP C 340 32.15 12.73 -47.96
N ASP C 341 33.12 13.43 -47.41
CA ASP C 341 34.50 13.26 -47.73
C ASP C 341 35.16 12.11 -46.95
N GLN C 342 34.45 11.53 -45.99
CA GLN C 342 35.01 10.58 -45.03
C GLN C 342 34.80 9.16 -45.55
N ALA C 343 35.72 8.28 -45.25
CA ALA C 343 35.64 6.91 -45.72
C ALA C 343 35.75 5.93 -44.54
N LEU C 344 34.92 4.92 -44.54
CA LEU C 344 35.01 3.89 -43.53
C LEU C 344 35.08 2.52 -44.17
N SER C 345 35.93 1.65 -43.64
CA SER C 345 36.12 0.33 -44.27
C SER C 345 35.23 -0.72 -43.67
N ALA C 346 34.87 -1.68 -44.50
CA ALA C 346 34.21 -2.87 -44.01
C ALA C 346 35.03 -3.52 -42.92
N GLY C 347 34.35 -3.94 -41.86
CA GLY C 347 34.99 -4.49 -40.69
C GLY C 347 35.30 -3.54 -39.59
N THR C 348 35.16 -2.27 -39.80
CA THR C 348 35.39 -1.32 -38.72
C THR C 348 34.17 -1.16 -37.82
N VAL C 349 34.41 -1.28 -36.54
CA VAL C 349 33.42 -0.93 -35.57
C VAL C 349 33.51 0.55 -35.31
N VAL C 350 32.36 1.22 -35.19
CA VAL C 350 32.31 2.63 -34.96
C VAL C 350 31.30 2.93 -33.90
N CYS C 351 31.41 4.12 -33.37
CA CYS C 351 30.46 4.57 -32.39
C CYS C 351 29.65 5.71 -32.96
N LEU C 352 28.31 5.64 -32.91
CA LEU C 352 27.46 6.75 -33.30
C LEU C 352 27.17 7.51 -32.01
N ALA C 353 27.79 8.68 -31.87
CA ALA C 353 27.68 9.48 -30.65
C ALA C 353 26.57 10.48 -30.84
N GLY C 354 25.38 9.97 -30.86
CA GLY C 354 24.25 10.82 -31.20
C GLY C 354 24.12 11.96 -30.23
N ILE C 355 24.57 11.80 -28.99
CA ILE C 355 24.43 12.88 -28.02
C ILE C 355 25.28 14.10 -28.37
N ALA C 356 26.03 14.02 -29.46
CA ALA C 356 26.78 15.20 -29.91
C ALA C 356 25.94 16.35 -30.45
N GLY C 357 24.70 16.08 -30.81
CA GLY C 357 23.75 17.08 -31.09
C GLY C 357 23.03 17.68 -29.89
N ASN C 358 23.13 17.07 -28.72
CA ASN C 358 22.42 17.57 -27.56
C ASN C 358 22.77 19.02 -27.25
N TYR C 359 23.96 19.45 -27.62
CA TYR C 359 24.38 20.85 -27.28
C TYR C 359 24.51 21.69 -28.51
N ASP C 360 23.84 21.31 -29.58
CA ASP C 360 23.73 22.18 -30.73
C ASP C 360 22.92 23.50 -30.44
N GLU C 361 23.61 24.65 -30.33
CA GLU C 361 22.99 26.01 -30.01
C GLU C 361 21.85 26.31 -30.99
N THR C 362 21.99 25.87 -32.21
CA THR C 362 21.01 26.04 -33.25
C THR C 362 19.66 25.40 -33.00
N ALA C 363 19.68 24.26 -32.34
CA ALA C 363 18.48 23.51 -32.04
C ALA C 363 18.00 23.79 -30.62
N TYR C 364 18.94 24.03 -29.73
CA TYR C 364 18.70 24.14 -28.35
C TYR C 364 19.53 25.29 -27.85
N PRO C 365 19.05 26.50 -28.05
CA PRO C 365 19.75 27.71 -27.59
C PRO C 365 20.04 27.72 -26.11
N SER C 366 21.21 28.23 -25.74
CA SER C 366 21.75 28.11 -24.37
C SER C 366 21.66 26.66 -23.92
N PRO C 367 22.34 25.79 -24.64
CA PRO C 367 22.31 24.35 -24.39
C PRO C 367 22.81 23.99 -23.00
N GLU C 368 23.76 24.76 -22.44
CA GLU C 368 24.17 24.56 -21.02
C GLU C 368 23.00 24.70 -20.03
N VAL C 369 21.90 25.34 -20.42
CA VAL C 369 20.85 25.62 -19.49
C VAL C 369 19.88 24.48 -19.51
N TYR C 370 19.50 24.04 -18.30
CA TYR C 370 18.48 23.03 -18.13
C TYR C 370 17.14 23.72 -18.17
N ASP C 371 16.44 23.61 -19.28
CA ASP C 371 15.19 24.31 -19.49
C ASP C 371 14.08 23.34 -19.86
N ILE C 372 13.18 23.08 -18.93
CA ILE C 372 12.15 22.11 -19.20
C ILE C 372 11.00 22.61 -20.01
N ASP C 373 11.11 23.84 -20.45
CA ASP C 373 10.13 24.41 -21.36
C ASP C 373 10.55 24.38 -22.77
N ARG C 374 11.66 23.73 -23.11
CA ARG C 374 11.98 23.51 -24.53
C ARG C 374 10.99 22.58 -25.20
N LYS C 375 10.32 23.03 -26.24
CA LYS C 375 9.26 22.25 -26.86
C LYS C 375 9.36 22.62 -28.31
N PRO C 376 9.15 21.68 -29.20
CA PRO C 376 8.96 20.27 -28.93
C PRO C 376 10.10 19.70 -28.12
N LEU C 377 9.85 18.61 -27.41
CA LEU C 377 10.85 18.05 -26.53
C LEU C 377 12.02 17.52 -27.27
N PRO C 378 13.22 17.78 -26.72
CA PRO C 378 14.42 17.40 -27.49
C PRO C 378 14.39 15.91 -27.78
N ALA C 379 14.77 15.57 -29.00
CA ALA C 379 14.87 14.19 -29.42
C ALA C 379 15.87 13.44 -28.50
N ALA C 380 15.44 12.29 -27.98
CA ALA C 380 16.26 11.54 -27.08
C ALA C 380 17.23 10.81 -27.98
N ASN C 381 18.52 10.96 -27.70
CA ASN C 381 19.63 10.36 -28.44
C ASN C 381 20.27 9.29 -27.62
N VAL C 382 19.91 9.23 -26.35
CA VAL C 382 20.46 8.20 -25.50
C VAL C 382 19.92 6.82 -25.77
N PHE C 383 18.81 6.70 -26.49
CA PHE C 383 18.22 5.37 -26.72
C PHE C 383 18.60 4.76 -28.06
N GLY C 384 19.50 5.41 -28.79
CA GLY C 384 19.86 4.97 -30.11
C GLY C 384 18.97 5.52 -31.21
N GLY C 385 18.66 4.69 -32.19
CA GLY C 385 17.91 5.11 -33.35
C GLY C 385 17.63 3.98 -34.32
N GLY C 386 16.80 4.26 -35.30
CA GLY C 386 16.38 3.23 -36.26
C GLY C 386 15.68 2.02 -35.68
N ALA C 387 15.80 0.90 -36.36
CA ALA C 387 15.12 -0.33 -35.91
C ALA C 387 15.58 -0.88 -34.58
N HIS C 388 16.80 -0.57 -34.12
CA HIS C 388 17.24 -1.04 -32.79
C HIS C 388 16.96 -0.13 -31.60
N PHE C 389 16.31 1.01 -31.85
CA PHE C 389 16.01 1.98 -30.83
C PHE C 389 15.48 1.29 -29.57
N CYS C 390 16.03 1.61 -28.41
CA CYS C 390 15.75 0.89 -27.16
C CYS C 390 14.29 0.59 -27.07
N VAL C 391 14.00 -0.71 -26.94
CA VAL C 391 12.65 -1.22 -26.83
C VAL C 391 12.20 -1.10 -25.39
N GLY C 392 13.10 -0.88 -24.47
CA GLY C 392 12.68 -0.67 -23.10
C GLY C 392 12.43 0.76 -22.73
N ALA C 393 12.68 1.70 -23.62
CA ALA C 393 12.54 3.09 -23.22
C ALA C 393 11.20 3.39 -22.52
N PRO C 394 10.10 2.88 -22.99
CA PRO C 394 8.88 3.27 -22.30
C PRO C 394 8.86 2.88 -20.83
N LEU C 395 9.47 1.76 -20.49
CA LEU C 395 9.53 1.37 -19.10
C LEU C 395 10.50 2.26 -18.35
N ALA C 396 11.66 2.52 -18.94
CA ALA C 396 12.63 3.42 -18.31
C ALA C 396 12.08 4.84 -18.02
N ARG C 397 11.35 5.42 -18.97
CA ARG C 397 10.77 6.72 -18.77
C ARG C 397 9.74 6.73 -17.66
N MET C 398 8.97 5.65 -17.62
CA MET C 398 7.90 5.50 -16.67
C MET C 398 8.46 5.29 -15.27
N GLU C 399 9.54 4.52 -15.12
CA GLU C 399 10.14 4.37 -13.80
C GLU C 399 10.64 5.70 -13.32
N ALA C 400 11.27 6.46 -14.20
CA ALA C 400 11.75 7.76 -13.79
C ALA C 400 10.59 8.71 -13.39
N ARG C 401 9.53 8.77 -14.17
CA ARG C 401 8.42 9.65 -13.86
C ARG C 401 7.77 9.30 -12.51
N VAL C 402 7.39 8.04 -12.35
CA VAL C 402 6.67 7.61 -11.18
C VAL C 402 7.55 7.65 -9.93
N GLY C 403 8.82 7.30 -10.06
CA GLY C 403 9.72 7.40 -8.95
C GLY C 403 9.86 8.83 -8.48
N LEU C 404 10.15 9.73 -9.43
CA LEU C 404 10.36 11.13 -9.04
C LEU C 404 9.08 11.75 -8.49
N GLN C 405 7.96 11.37 -9.04
CA GLN C 405 6.73 11.89 -8.56
C GLN C 405 6.53 11.56 -7.09
N ALA C 406 6.82 10.32 -6.73
CA ALA C 406 6.71 9.91 -5.34
C ALA C 406 7.67 10.71 -4.46
N LEU C 407 8.89 10.87 -4.93
CA LEU C 407 9.93 11.48 -4.15
C LEU C 407 9.56 12.90 -3.84
N LEU C 408 9.14 13.64 -4.87
CA LEU C 408 8.83 15.06 -4.69
C LEU C 408 7.54 15.27 -3.87
N ALA C 409 6.55 14.38 -4.02
CA ALA C 409 5.34 14.45 -3.20
C ALA C 409 5.65 14.25 -1.71
N ARG C 410 6.51 13.29 -1.41
CA ARG C 410 6.78 12.92 -0.06
C ARG C 410 7.77 13.81 0.68
N PHE C 411 8.60 14.56 -0.03
CA PHE C 411 9.57 15.43 0.63
C PHE C 411 9.61 16.82 -0.03
N PRO C 412 8.60 17.65 0.24
CA PRO C 412 8.56 19.05 -0.25
C PRO C 412 9.80 19.85 0.11
N GLY C 413 10.47 19.48 1.19
CA GLY C 413 11.68 20.19 1.57
C GLY C 413 12.92 19.76 0.84
N LEU C 414 12.81 18.72 0.01
CA LEU C 414 13.96 18.17 -0.70
C LEU C 414 14.91 19.20 -1.27
N ARG C 415 16.19 19.10 -0.96
CA ARG C 415 17.15 19.96 -1.61
C ARG C 415 18.54 19.35 -1.47
N ALA C 416 19.44 19.78 -2.36
CA ALA C 416 20.81 19.31 -2.36
C ALA C 416 21.50 19.78 -1.09
N VAL C 417 22.45 19.00 -0.61
CA VAL C 417 23.31 19.42 0.48
C VAL C 417 24.24 20.43 -0.11
N PRO C 418 24.20 21.65 0.44
CA PRO C 418 25.13 22.64 -0.07
C PRO C 418 26.50 22.29 0.42
N GLU C 419 27.43 22.55 -0.45
CA GLU C 419 28.84 22.39 -0.17
C GLU C 419 29.30 20.99 -0.47
N GLU C 420 28.43 20.11 -0.95
CA GLU C 420 28.90 18.79 -1.43
C GLU C 420 28.41 18.64 -2.85
N ARG C 421 29.07 19.30 -3.78
N ARG C 421 29.08 19.28 -3.80
CA ARG C 421 28.62 19.25 -5.17
CA ARG C 421 28.66 19.21 -5.21
C ARG C 421 29.08 17.87 -5.77
C ARG C 421 29.08 17.84 -5.76
N PRO C 422 28.18 17.19 -6.50
CA PRO C 422 28.55 15.89 -7.08
C PRO C 422 29.53 16.03 -8.17
N SER C 423 30.22 14.93 -8.43
CA SER C 423 31.17 14.88 -9.47
C SER C 423 30.66 13.91 -10.54
N PHE C 424 30.78 14.35 -11.79
CA PHE C 424 30.36 13.59 -12.94
C PHE C 424 31.51 13.08 -13.73
N MET C 425 31.41 11.83 -14.19
CA MET C 425 32.22 11.41 -15.30
C MET C 425 31.60 10.24 -16.01
N TYR C 426 32.04 10.06 -17.25
CA TYR C 426 31.70 8.89 -18.02
C TYR C 426 32.58 7.86 -17.41
N GLY C 427 32.01 6.71 -17.10
CA GLY C 427 32.72 5.70 -16.34
C GLY C 427 32.43 5.69 -14.83
N ALA C 428 31.47 6.47 -14.36
CA ALA C 428 31.13 6.52 -12.93
C ALA C 428 30.94 5.13 -12.33
N LYS C 429 31.71 4.80 -11.30
CA LYS C 429 31.67 3.48 -10.61
C LYS C 429 32.02 2.31 -11.52
N ASP C 430 32.90 2.56 -12.47
CA ASP C 430 33.27 1.59 -13.49
C ASP C 430 32.05 1.13 -14.40
N SER C 431 31.02 1.97 -14.49
CA SER C 431 29.85 1.71 -15.31
C SER C 431 30.20 2.15 -16.71
N VAL C 432 29.24 2.04 -17.61
CA VAL C 432 29.35 2.63 -18.92
C VAL C 432 28.44 3.81 -19.04
N ALA C 433 28.17 4.47 -17.96
CA ALA C 433 27.28 5.62 -17.97
C ALA C 433 28.04 6.87 -17.57
N HIS C 434 27.49 7.97 -17.94
CA HIS C 434 27.93 9.25 -17.43
C HIS C 434 26.96 9.57 -16.33
N GLY C 435 27.44 9.82 -15.13
CA GLY C 435 26.56 10.03 -13.96
C GLY C 435 27.32 10.60 -12.75
N PRO C 436 26.61 10.93 -11.68
CA PRO C 436 27.24 11.54 -10.50
C PRO C 436 27.84 10.48 -9.63
N ASP C 437 28.80 10.84 -8.78
CA ASP C 437 29.36 9.91 -7.79
C ASP C 437 28.49 9.80 -6.59
N LYS C 438 27.69 10.81 -6.29
CA LYS C 438 26.75 10.79 -5.19
C LYS C 438 25.79 11.96 -5.31
N LEU C 439 24.65 11.83 -4.66
CA LEU C 439 23.63 12.84 -4.67
C LEU C 439 23.12 13.04 -3.24
N PRO C 440 23.92 13.72 -2.40
CA PRO C 440 23.53 13.95 -1.02
C PRO C 440 22.46 15.00 -0.89
N VAL C 441 21.41 14.70 -0.14
CA VAL C 441 20.32 15.60 0.02
C VAL C 441 19.87 15.76 1.45
N LEU C 442 19.20 16.87 1.70
CA LEU C 442 18.41 17.10 2.90
C LEU C 442 16.98 16.99 2.54
N LEU C 443 16.20 16.32 3.35
CA LEU C 443 14.78 16.15 3.09
C LEU C 443 13.75 17.13 3.76
N HIS C 444 14.13 17.82 4.87
CA HIS C 444 13.13 18.41 5.88
C HIS C 444 12.00 17.35 6.25
N HIS C 445 12.29 16.18 6.84
CA HIS C 445 13.61 15.57 6.91
C HIS C 445 13.44 14.25 7.67
N ASP D 52 -33.14 13.19 14.99
CA ASP D 52 -32.58 11.98 14.31
C ASP D 52 -33.08 10.66 14.96
N PHE D 53 -32.72 10.49 16.25
CA PHE D 53 -32.68 9.20 16.94
C PHE D 53 -33.79 9.00 17.98
N PRO D 54 -34.33 7.78 18.10
CA PRO D 54 -35.25 7.52 19.18
C PRO D 54 -34.76 7.94 20.55
N LEU D 55 -35.68 8.54 21.32
CA LEU D 55 -35.39 8.96 22.66
C LEU D 55 -35.47 7.78 23.57
N ALA D 56 -34.64 7.79 24.59
CA ALA D 56 -34.57 6.69 25.52
C ALA D 56 -34.07 7.20 26.86
N ASN D 57 -34.23 6.35 27.85
CA ASN D 57 -33.76 6.62 29.16
C ASN D 57 -33.22 5.31 29.76
N LEU D 58 -31.93 5.11 29.59
CA LEU D 58 -31.30 3.85 29.87
C LEU D 58 -30.38 3.93 31.06
N PHE D 59 -29.94 5.11 31.46
CA PHE D 59 -28.86 5.21 32.43
C PHE D 59 -29.36 5.46 33.82
N PHE D 60 -30.13 6.53 33.98
CA PHE D 60 -30.61 6.91 35.31
C PHE D 60 -31.91 6.18 35.65
N VAL D 61 -31.81 4.87 35.86
CA VAL D 61 -32.91 4.04 36.22
C VAL D 61 -32.41 3.09 37.28
N PRO D 62 -32.87 3.22 38.51
CA PRO D 62 -32.37 2.30 39.55
C PRO D 62 -32.95 0.91 39.35
N SER D 63 -32.24 -0.09 39.80
CA SER D 63 -32.74 -1.43 39.83
C SER D 63 -32.01 -2.23 40.88
N GLU D 64 -32.67 -3.25 41.35
CA GLU D 64 -32.14 -4.11 42.39
C GLU D 64 -31.39 -5.25 41.69
N ASP D 65 -31.49 -5.32 40.37
CA ASP D 65 -30.78 -6.31 39.57
C ASP D 65 -29.61 -5.64 38.94
N ALA D 66 -28.44 -6.04 39.40
CA ALA D 66 -27.16 -5.52 38.92
C ALA D 66 -26.92 -5.69 37.43
N THR D 67 -27.68 -6.55 36.77
CA THR D 67 -27.57 -6.69 35.31
C THR D 67 -28.55 -5.79 34.52
N ALA D 68 -29.44 -5.08 35.23
CA ALA D 68 -30.50 -4.34 34.53
C ALA D 68 -29.90 -3.38 33.51
N PHE D 69 -28.87 -2.64 33.93
CA PHE D 69 -28.25 -1.59 33.12
C PHE D 69 -27.75 -2.12 31.80
N GLY D 70 -26.88 -3.09 31.88
CA GLY D 70 -26.46 -3.77 30.71
C GLY D 70 -27.59 -4.33 29.83
N ARG D 71 -28.60 -4.94 30.45
CA ARG D 71 -29.71 -5.47 29.68
C ARG D 71 -30.57 -4.46 29.01
N ARG D 72 -30.85 -3.37 29.69
CA ARG D 72 -31.55 -2.29 29.07
C ARG D 72 -30.83 -1.81 27.81
N LEU D 73 -29.50 -1.70 27.88
CA LEU D 73 -28.73 -1.17 26.77
C LEU D 73 -28.83 -2.14 25.63
N ARG D 74 -28.62 -3.39 25.95
CA ARG D 74 -28.72 -4.42 24.95
C ARG D 74 -30.14 -4.44 24.34
N ALA D 75 -31.19 -4.32 25.16
CA ALA D 75 -32.56 -4.37 24.61
C ALA D 75 -32.80 -3.22 23.65
N ALA D 76 -32.26 -2.07 24.00
CA ALA D 76 -32.41 -0.92 23.14
C ALA D 76 -31.60 -1.17 21.85
N ALA D 77 -30.44 -1.82 21.95
CA ALA D 77 -29.64 -2.10 20.77
C ALA D 77 -30.43 -2.91 19.78
N GLN D 78 -31.27 -3.80 20.28
CA GLN D 78 -32.04 -4.68 19.41
C GLN D 78 -33.12 -3.88 18.71
N GLN D 79 -33.60 -2.82 19.33
CA GLN D 79 -34.62 -1.96 18.69
C GLN D 79 -34.01 -0.94 17.73
N ALA D 80 -32.82 -0.41 18.05
CA ALA D 80 -32.20 0.68 17.27
C ALA D 80 -30.70 0.80 17.61
N PRO D 81 -29.91 1.12 16.64
CA PRO D 81 -28.44 1.11 16.84
C PRO D 81 -27.86 2.34 17.56
N ILE D 82 -28.55 3.46 17.43
CA ILE D 82 -28.28 4.63 18.18
C ILE D 82 -29.52 5.21 18.78
N VAL D 83 -29.44 5.55 20.05
CA VAL D 83 -30.52 6.25 20.68
C VAL D 83 -30.01 7.53 21.32
N PHE D 84 -30.90 8.46 21.58
CA PHE D 84 -30.54 9.65 22.32
C PHE D 84 -31.02 9.50 23.72
N ASP D 85 -30.11 9.43 24.66
CA ASP D 85 -30.55 9.25 26.02
C ASP D 85 -30.86 10.61 26.60
N THR D 86 -32.09 10.81 27.04
CA THR D 86 -32.56 12.11 27.38
C THR D 86 -32.10 12.54 28.73
N ALA D 87 -31.79 11.62 29.62
CA ALA D 87 -31.33 12.01 30.96
C ALA D 87 -29.86 12.24 30.94
N PHE D 88 -29.14 11.42 30.22
CA PHE D 88 -27.69 11.55 30.14
C PHE D 88 -27.24 12.59 29.11
N GLY D 89 -28.08 12.87 28.13
CA GLY D 89 -27.86 14.01 27.29
C GLY D 89 -27.01 13.89 26.06
N MET D 90 -26.95 12.74 25.42
CA MET D 90 -26.14 12.54 24.14
C MET D 90 -26.54 11.28 23.42
N PRO D 91 -26.11 11.14 22.15
CA PRO D 91 -26.41 9.86 21.47
C PRO D 91 -25.52 8.76 21.98
N ILE D 92 -26.12 7.58 22.07
CA ILE D 92 -25.48 6.37 22.57
C ILE D 92 -25.37 5.39 21.45
N LEU D 93 -24.16 4.95 21.15
CA LEU D 93 -23.95 3.87 20.18
C LEU D 93 -24.02 2.55 20.91
N LEU D 94 -24.89 1.69 20.41
CA LEU D 94 -25.21 0.44 21.04
C LEU D 94 -24.79 -0.81 20.26
N ARG D 95 -24.59 -0.71 18.96
CA ARG D 95 -24.31 -1.90 18.13
C ARG D 95 -22.84 -2.19 18.14
N LYS D 96 -22.49 -3.44 18.34
CA LYS D 96 -21.09 -3.87 18.36
C LYS D 96 -20.32 -3.49 17.10
N SER D 97 -20.92 -3.67 15.93
CA SER D 97 -20.17 -3.30 14.74
C SER D 97 -19.84 -1.82 14.68
N HIS D 98 -20.73 -0.96 15.16
CA HIS D 98 -20.42 0.47 15.20
C HIS D 98 -19.37 0.80 16.23
N ILE D 99 -19.49 0.19 17.38
CA ILE D 99 -18.56 0.43 18.44
C ILE D 99 -17.15 -0.02 18.11
N THR D 100 -17.00 -1.19 17.52
CA THR D 100 -15.65 -1.74 17.22
C THR D 100 -14.97 -0.93 16.12
N THR D 101 -15.74 -0.58 15.12
CA THR D 101 -15.28 0.34 14.10
C THR D 101 -14.87 1.67 14.70
N ALA D 102 -15.66 2.20 15.62
CA ALA D 102 -15.35 3.53 16.14
C ALA D 102 -14.09 3.49 16.96
N TYR D 103 -13.92 2.45 17.76
CA TYR D 103 -12.69 2.33 18.54
C TYR D 103 -11.45 2.34 17.68
N ARG D 104 -11.57 1.89 16.44
CA ARG D 104 -10.43 1.83 15.53
C ARG D 104 -10.27 3.04 14.62
N ASP D 105 -11.35 3.73 14.20
CA ASP D 105 -11.24 4.86 13.29
C ASP D 105 -11.11 6.11 14.17
N THR D 106 -9.94 6.28 14.78
CA THR D 106 -9.74 7.41 15.68
C THR D 106 -9.73 8.78 15.00
N ALA D 107 -9.50 8.81 13.71
CA ALA D 107 -9.57 10.07 13.00
C ALA D 107 -11.01 10.53 12.85
N THR D 108 -11.95 9.60 12.75
CA THR D 108 -13.37 9.96 12.72
C THR D 108 -13.98 10.06 14.14
N PHE D 109 -13.47 9.26 15.08
CA PHE D 109 -13.99 9.23 16.41
C PHE D 109 -12.83 9.41 17.32
N SER D 110 -12.67 10.62 17.80
CA SER D 110 -11.44 11.02 18.47
C SER D 110 -11.70 11.23 19.93
N THR D 111 -10.65 11.54 20.68
CA THR D 111 -10.81 11.91 22.04
C THR D 111 -10.62 13.40 22.27
N ARG D 112 -10.87 14.21 21.24
CA ARG D 112 -10.55 15.66 21.33
C ARG D 112 -11.46 16.42 22.32
N MET D 113 -12.63 15.89 22.64
CA MET D 113 -13.41 16.47 23.69
C MET D 113 -12.66 16.55 24.99
N PHE D 114 -11.65 15.71 25.21
CA PHE D 114 -10.90 15.81 26.46
C PHE D 114 -9.90 16.95 26.47
N GLN D 115 -9.66 17.55 25.30
CA GLN D 115 -8.69 18.65 25.16
C GLN D 115 -9.19 19.91 25.81
N ALA D 116 -10.49 20.02 26.01
CA ALA D 116 -11.05 21.22 26.61
C ALA D 116 -11.15 21.18 28.13
N GLY D 117 -10.78 20.10 28.77
CA GLY D 117 -11.00 19.96 30.22
C GLY D 117 -9.75 19.59 30.95
N ILE D 118 -9.91 19.05 32.15
CA ILE D 118 -8.78 18.82 33.02
C ILE D 118 -7.79 17.79 32.52
N LEU D 119 -8.21 16.94 31.61
CA LEU D 119 -7.33 15.91 31.10
C LEU D 119 -6.51 16.42 29.95
N ASN D 120 -6.66 17.69 29.62
CA ASN D 120 -5.87 18.24 28.56
C ASN D 120 -4.39 18.22 28.92
N GLY D 121 -3.55 17.74 28.00
CA GLY D 121 -2.16 17.46 28.32
C GLY D 121 -1.84 16.05 28.79
N GLY D 122 -2.84 15.30 29.20
CA GLY D 122 -2.68 13.91 29.59
C GLY D 122 -2.74 12.98 28.41
N LEU D 123 -2.58 11.70 28.68
CA LEU D 123 -2.54 10.72 27.65
C LEU D 123 -3.86 10.62 26.86
N ALA D 124 -4.99 10.65 27.56
CA ALA D 124 -6.27 10.37 26.92
C ALA D 124 -6.61 11.41 25.90
N ALA D 125 -6.12 12.64 26.11
CA ALA D 125 -6.46 13.72 25.18
C ALA D 125 -5.59 13.72 23.96
N MET D 126 -4.57 12.90 23.95
CA MET D 126 -3.65 12.91 22.83
C MET D 126 -4.22 12.18 21.65
N GLN D 127 -3.76 12.51 20.46
CA GLN D 127 -4.20 11.84 19.25
C GLN D 127 -2.99 11.33 18.47
N GLY D 128 -3.28 10.46 17.50
CA GLY D 128 -2.28 9.91 16.59
C GLY D 128 -0.91 9.56 17.17
N ASP D 129 0.15 10.13 16.57
CA ASP D 129 1.51 9.70 16.91
C ASP D 129 1.89 10.21 18.27
N GLU D 130 1.38 11.37 18.65
CA GLU D 130 1.70 11.89 19.97
C GLU D 130 1.18 10.93 21.03
N HIS D 131 -0.01 10.40 20.78
CA HIS D 131 -0.58 9.43 21.68
C HIS D 131 0.21 8.10 21.71
N ALA D 132 0.53 7.58 20.55
CA ALA D 132 1.36 6.40 20.44
C ALA D 132 2.69 6.49 21.17
N ARG D 133 3.41 7.59 20.98
CA ARG D 133 4.66 7.87 21.71
C ARG D 133 4.46 7.74 23.20
N MET D 134 3.45 8.43 23.72
CA MET D 134 3.30 8.58 25.15
C MET D 134 2.72 7.29 25.78
N ARG D 135 1.89 6.60 25.00
CA ARG D 135 1.33 5.31 25.41
C ARG D 135 2.43 4.26 25.59
N ARG D 136 3.37 4.20 24.64
CA ARG D 136 4.58 3.36 24.80
C ARG D 136 5.19 3.58 26.16
N VAL D 137 5.32 4.83 26.56
CA VAL D 137 5.90 5.09 27.85
C VAL D 137 5.00 4.66 28.98
N TYR D 138 3.71 5.01 28.93
CA TYR D 138 2.79 4.62 30.03
C TYR D 138 2.74 3.08 30.17
N ASN D 139 2.82 2.38 29.04
CA ASN D 139 2.92 0.93 29.05
C ASN D 139 4.01 0.35 29.96
N MET D 140 5.15 1.01 30.11
CA MET D 140 6.24 0.57 31.02
C MET D 140 5.90 0.59 32.50
N PHE D 141 4.93 1.39 32.86
CA PHE D 141 4.59 1.57 34.28
C PHE D 141 3.84 0.42 34.90
N PHE D 142 3.20 -0.36 34.04
CA PHE D 142 2.25 -1.38 34.52
C PHE D 142 2.62 -2.80 34.07
N LEU D 143 3.91 -3.01 33.83
CA LEU D 143 4.44 -4.31 33.47
C LEU D 143 4.35 -5.26 34.65
N PRO D 144 4.27 -6.57 34.35
CA PRO D 144 4.01 -7.58 35.40
C PRO D 144 4.98 -7.49 36.57
N ARG D 145 6.24 -7.22 36.29
CA ARG D 145 7.25 -7.17 37.37
C ARG D 145 6.94 -5.96 38.25
N ALA D 146 6.72 -4.79 37.63
CA ALA D 146 6.33 -3.59 38.38
C ALA D 146 5.04 -3.80 39.20
N VAL D 147 4.04 -4.42 38.57
CA VAL D 147 2.78 -4.60 39.20
C VAL D 147 2.96 -5.53 40.38
N SER D 148 3.80 -6.54 40.23
CA SER D 148 4.06 -7.46 41.31
C SER D 148 4.84 -6.84 42.46
N GLN D 149 5.77 -5.94 42.16
CA GLN D 149 6.41 -5.16 43.21
C GLN D 149 5.41 -4.33 44.01
N TYR D 150 4.43 -3.69 43.34
CA TYR D 150 3.44 -2.89 44.06
C TYR D 150 2.50 -3.82 44.92
N GLU D 151 2.28 -5.04 44.45
CA GLU D 151 1.51 -6.04 45.19
C GLU D 151 2.18 -6.38 46.52
N GLU D 152 3.48 -6.70 46.48
CA GLU D 152 4.20 -7.13 47.67
C GLU D 152 4.36 -5.99 48.65
N ARG D 153 4.87 -4.88 48.12
CA ARG D 153 5.25 -3.70 48.90
C ARG D 153 4.09 -2.96 49.53
N PHE D 154 2.95 -2.93 48.87
CA PHE D 154 1.85 -2.06 49.32
C PHE D 154 0.48 -2.73 49.40
N VAL D 155 0.05 -3.36 48.31
CA VAL D 155 -1.35 -3.76 48.17
C VAL D 155 -1.68 -4.94 49.08
N ARG D 156 -0.79 -5.91 49.22
CA ARG D 156 -1.09 -7.01 50.15
C ARG D 156 -1.14 -6.55 51.63
N PRO D 157 -0.09 -5.87 52.12
CA PRO D 157 -0.11 -5.39 53.51
C PRO D 157 -1.32 -4.52 53.82
N ILE D 158 -1.51 -3.52 52.97
CA ILE D 158 -2.61 -2.60 53.16
C ILE D 158 -3.96 -3.30 53.08
N SER D 159 -4.10 -4.27 52.16
CA SER D 159 -5.33 -5.03 52.10
C SER D 159 -5.55 -5.75 53.41
N GLU D 160 -4.52 -6.38 53.96
CA GLU D 160 -4.67 -7.04 55.26
C GLU D 160 -5.03 -6.08 56.39
N GLN D 161 -4.38 -4.92 56.48
CA GLN D 161 -4.80 -3.94 57.49
C GLN D 161 -6.26 -3.54 57.33
N VAL D 162 -6.65 -3.16 56.11
CA VAL D 162 -8.03 -2.69 55.86
C VAL D 162 -9.07 -3.73 56.26
N VAL D 163 -8.75 -4.98 55.98
CA VAL D 163 -9.67 -6.07 56.26
C VAL D 163 -9.79 -6.32 57.76
N ASP D 164 -8.65 -6.37 58.47
CA ASP D 164 -8.65 -6.60 59.93
C ASP D 164 -9.42 -5.53 60.70
N ARG D 165 -9.32 -4.29 60.23
CA ARG D 165 -10.08 -3.16 60.75
C ARG D 165 -11.58 -3.43 60.76
N LEU D 166 -12.07 -4.37 59.93
CA LEU D 166 -13.53 -4.61 59.86
C LEU D 166 -14.02 -5.46 61.00
N ALA D 167 -13.12 -6.28 61.54
CA ALA D 167 -13.47 -7.21 62.64
C ALA D 167 -14.24 -6.62 63.83
N GLY D 168 -13.77 -5.51 64.35
CA GLY D 168 -14.51 -4.88 65.45
C GLY D 168 -15.93 -4.47 65.06
N LYS D 169 -16.06 -3.92 63.86
CA LYS D 169 -17.09 -2.90 63.54
C LYS D 169 -18.54 -3.32 63.75
N PRO D 170 -19.40 -2.37 64.19
CA PRO D 170 -20.81 -2.66 64.48
C PRO D 170 -21.63 -3.15 63.27
N ARG D 171 -21.69 -2.37 62.18
CA ARG D 171 -22.54 -2.67 61.02
C ARG D 171 -21.80 -2.49 59.71
N VAL D 172 -21.19 -3.55 59.19
CA VAL D 172 -20.27 -3.38 58.05
C VAL D 172 -20.95 -3.13 56.70
N ASP D 173 -20.45 -2.14 55.98
CA ASP D 173 -20.80 -1.86 54.59
C ASP D 173 -19.54 -1.98 53.74
N LEU D 174 -19.44 -3.02 52.94
CA LEU D 174 -18.23 -3.26 52.17
C LEU D 174 -17.98 -2.24 51.11
N LEU D 175 -18.97 -1.44 50.75
CA LEU D 175 -18.74 -0.34 49.80
C LEU D 175 -17.88 0.74 50.47
N GLU D 176 -18.45 1.45 51.45
CA GLU D 176 -17.70 2.47 52.20
C GLU D 176 -16.47 1.95 52.99
N ASP D 177 -16.54 0.76 53.58
CA ASP D 177 -15.51 0.30 54.54
C ASP D 177 -14.46 -0.56 53.93
N PHE D 178 -14.66 -0.97 52.69
CA PHE D 178 -13.66 -1.85 52.06
C PHE D 178 -13.30 -1.40 50.66
N ALA D 179 -14.30 -1.33 49.79
CA ALA D 179 -14.08 -1.07 48.39
C ALA D 179 -13.60 0.37 48.15
N MET D 180 -14.09 1.32 48.96
CA MET D 180 -13.64 2.70 48.88
C MET D 180 -12.35 2.89 49.66
N GLU D 181 -12.22 2.19 50.78
CA GLU D 181 -11.07 2.30 51.65
C GLU D 181 -9.78 1.78 51.02
N LEU D 182 -9.80 0.59 50.49
CA LEU D 182 -8.56 -0.04 50.03
C LEU D 182 -7.84 0.77 48.94
N PRO D 183 -8.50 1.07 47.81
CA PRO D 183 -7.80 1.78 46.75
C PRO D 183 -7.25 3.16 47.17
N ARG D 184 -7.99 3.83 48.05
CA ARG D 184 -7.56 5.13 48.55
C ARG D 184 -6.34 5.00 49.43
N ARG D 185 -6.33 4.05 50.35
CA ARG D 185 -5.12 3.75 51.11
C ARG D 185 -3.92 3.31 50.26
N VAL D 186 -4.15 2.53 49.23
CA VAL D 186 -3.09 2.15 48.37
C VAL D 186 -2.46 3.36 47.72
N ILE D 187 -3.28 4.22 47.13
CA ILE D 187 -2.72 5.39 46.49
C ILE D 187 -2.04 6.28 47.58
N GLY D 188 -2.68 6.39 48.73
CA GLY D 188 -2.14 7.12 49.89
C GLY D 188 -0.70 6.79 50.25
N GLU D 189 -0.41 5.52 50.42
CA GLU D 189 0.91 5.11 50.84
C GLU D 189 1.94 5.36 49.76
N LEU D 190 1.53 5.18 48.52
CA LEU D 190 2.42 5.34 47.39
C LEU D 190 2.83 6.81 47.19
N PHE D 191 2.06 7.73 47.73
CA PHE D 191 2.37 9.15 47.67
C PHE D 191 3.00 9.71 48.94
N GLY D 192 2.91 8.97 50.04
CA GLY D 192 3.18 9.50 51.38
C GLY D 192 2.10 10.40 51.93
N PHE D 193 1.07 9.89 52.58
CA PHE D 193 -0.03 10.71 53.07
C PHE D 193 -0.55 10.28 54.44
N LYS D 197 -5.29 13.06 54.40
CA LYS D 197 -5.61 14.04 53.37
C LYS D 197 -6.47 13.56 52.14
N LEU D 198 -6.37 12.30 51.72
CA LEU D 198 -6.92 11.89 50.42
C LEU D 198 -8.46 11.73 50.44
N HIS D 199 -8.96 11.21 51.54
CA HIS D 199 -10.40 11.11 51.86
C HIS D 199 -10.97 12.52 52.04
N GLU D 200 -10.06 13.51 52.16
CA GLU D 200 -10.37 14.94 51.97
C GLU D 200 -10.65 15.37 50.48
N THR D 201 -9.96 14.73 49.52
CA THR D 201 -10.18 14.99 48.09
C THR D 201 -11.39 14.22 47.49
N ASP D 202 -11.93 13.25 48.21
CA ASP D 202 -13.04 12.44 47.72
C ASP D 202 -14.13 13.21 46.86
N GLU D 203 -14.72 14.31 47.39
CA GLU D 203 -15.76 15.04 46.61
C GLU D 203 -15.12 15.78 45.44
N ARG D 204 -13.84 16.15 45.59
CA ARG D 204 -13.10 16.75 44.47
C ARG D 204 -12.85 15.80 43.35
N VAL D 205 -12.49 14.58 43.70
CA VAL D 205 -12.22 13.57 42.69
C VAL D 205 -13.47 13.26 41.83
N ARG D 206 -14.62 13.17 42.49
CA ARG D 206 -15.89 12.94 41.82
C ARG D 206 -16.35 14.15 40.98
N ALA D 207 -16.07 15.33 41.50
CA ALA D 207 -16.35 16.54 40.78
C ALA D 207 -15.53 16.58 39.54
N MET D 208 -14.26 16.23 39.66
CA MET D 208 -13.40 16.17 38.51
C MET D 208 -13.99 15.24 37.49
N LEU D 209 -14.35 14.03 37.92
CA LEU D 209 -14.85 13.02 36.96
C LEU D 209 -16.18 13.37 36.32
N ARG D 210 -17.12 13.91 37.10
CA ARG D 210 -18.43 14.24 36.58
C ARG D 210 -18.35 15.13 35.39
N GLY D 211 -17.39 16.04 35.42
CA GLY D 211 -17.17 16.97 34.32
C GLY D 211 -16.53 16.36 33.09
N LEU D 212 -15.94 15.19 33.24
CA LEU D 212 -15.44 14.47 32.08
C LEU D 212 -16.48 13.66 31.37
N VAL D 213 -17.64 13.49 31.97
CA VAL D 213 -18.69 12.68 31.35
C VAL D 213 -19.87 13.52 30.91
N ARG D 214 -20.31 14.37 31.81
CA ARG D 214 -21.46 15.24 31.63
C ARG D 214 -20.99 16.56 31.02
N MET D 215 -20.32 16.55 29.88
CA MET D 215 -19.62 17.76 29.43
C MET D 215 -20.48 18.75 28.64
N HIS D 216 -21.73 18.38 28.43
CA HIS D 216 -22.78 19.24 27.98
C HIS D 216 -23.47 19.93 29.19
N ASP D 217 -22.99 19.68 30.43
CA ASP D 217 -23.47 20.39 31.63
C ASP D 217 -22.49 21.45 32.19
N PRO D 218 -22.78 22.73 31.92
CA PRO D 218 -21.89 23.86 32.24
C PRO D 218 -21.41 23.82 33.67
N ALA D 219 -22.28 23.46 34.57
CA ALA D 219 -21.91 23.50 35.95
C ALA D 219 -20.96 22.40 36.27
N ALA D 220 -21.20 21.22 35.75
CA ALA D 220 -20.33 20.10 36.03
C ALA D 220 -18.97 20.37 35.45
N VAL D 221 -18.93 20.94 34.25
CA VAL D 221 -17.64 21.27 33.61
C VAL D 221 -16.85 22.28 34.44
N ALA D 222 -17.49 23.37 34.81
CA ALA D 222 -16.88 24.33 35.65
C ALA D 222 -16.35 23.73 36.94
N GLU D 223 -17.17 22.95 37.63
CA GLU D 223 -16.77 22.40 38.98
C GLU D 223 -15.62 21.37 38.85
N SER D 224 -15.57 20.71 37.71
CA SER D 224 -14.45 19.85 37.40
C SER D 224 -13.11 20.63 37.36
N GLN D 225 -13.03 21.66 36.50
CA GLN D 225 -11.91 22.58 36.39
C GLN D 225 -11.58 23.21 37.76
N ARG D 226 -12.59 23.69 38.50
CA ARG D 226 -12.32 24.23 39.83
C ARG D 226 -11.63 23.23 40.76
N ALA D 227 -12.16 22.02 40.83
CA ALA D 227 -11.66 20.98 41.70
C ALA D 227 -10.23 20.63 41.29
N TYR D 228 -9.94 20.57 40.00
CA TYR D 228 -8.58 20.26 39.59
C TYR D 228 -7.62 21.31 40.07
N GLY D 229 -7.97 22.57 39.88
CA GLY D 229 -7.13 23.69 40.31
C GLY D 229 -6.87 23.63 41.81
N GLU D 230 -7.93 23.34 42.59
CA GLU D 230 -7.83 23.17 44.03
C GLU D 230 -7.01 21.93 44.46
N THR D 231 -6.69 21.03 43.53
CA THR D 231 -5.92 19.82 43.81
C THR D 231 -4.54 19.86 43.12
N LEU D 232 -4.34 20.77 42.18
CA LEU D 232 -3.04 20.96 41.57
C LEU D 232 -1.91 21.16 42.59
N GLY D 233 -2.19 21.82 43.72
CA GLY D 233 -1.16 22.02 44.71
C GLY D 233 -0.63 20.70 45.21
N LEU D 234 -1.53 19.92 45.77
CA LEU D 234 -1.22 18.58 46.26
C LEU D 234 -0.50 17.71 45.20
N ILE D 235 -0.97 17.79 43.98
CA ILE D 235 -0.39 16.99 42.92
C ILE D 235 1.06 17.42 42.63
N THR D 236 1.30 18.72 42.70
CA THR D 236 2.64 19.25 42.36
C THR D 236 3.60 18.91 43.45
N GLU D 237 3.10 18.97 44.69
CA GLU D 237 3.87 18.62 45.86
C GLU D 237 4.36 17.17 45.76
N VAL D 238 3.44 16.25 45.53
CA VAL D 238 3.77 14.85 45.33
C VAL D 238 4.85 14.66 44.25
N VAL D 239 4.72 15.39 43.14
CA VAL D 239 5.69 15.29 42.04
C VAL D 239 7.08 15.75 42.46
N GLU D 240 7.12 16.85 43.22
CA GLU D 240 8.37 17.45 43.66
C GLU D 240 9.08 16.55 44.66
N ARG D 241 8.34 16.00 45.62
CA ARG D 241 8.91 15.11 46.63
C ARG D 241 9.37 13.81 45.98
N GLU D 242 9.35 13.66 44.63
CA GLU D 242 10.15 12.62 43.95
C GLU D 242 11.48 13.12 43.32
N SER D 243 11.90 14.35 43.61
CA SER D 243 13.35 14.63 43.67
C SER D 243 13.82 14.04 45.03
N ARG D 244 14.48 12.88 44.95
CA ARG D 244 14.79 11.94 46.08
C ARG D 244 14.51 10.46 45.65
N ASP D 245 14.52 9.54 46.62
CA ASP D 245 14.33 8.09 46.35
C ASP D 245 12.90 7.81 45.82
N THR D 249 9.48 3.17 45.42
CA THR D 249 8.06 3.48 45.35
C THR D 249 7.74 3.50 43.87
N LEU D 250 6.54 3.05 43.51
CA LEU D 250 6.21 2.85 42.09
C LEU D 250 6.15 4.18 41.33
N LEU D 251 5.64 5.22 41.98
CA LEU D 251 5.66 6.54 41.38
C LEU D 251 7.08 6.97 41.00
N GLY D 252 8.04 6.69 41.88
CA GLY D 252 9.43 7.05 41.62
C GLY D 252 9.90 6.39 40.34
N GLU D 253 9.65 5.08 40.23
CA GLU D 253 9.97 4.33 39.00
C GLU D 253 9.34 4.98 37.78
N ILE D 254 8.06 5.37 37.91
CA ILE D 254 7.35 5.95 36.76
C ILE D 254 8.04 7.23 36.33
N LEU D 255 8.38 8.09 37.29
CA LEU D 255 8.98 9.37 36.97
C LEU D 255 10.38 9.21 36.35
N ARG D 256 11.17 8.31 36.92
CA ARG D 256 12.48 7.97 36.34
C ARG D 256 12.34 7.47 34.92
N THR D 257 11.34 6.67 34.65
CA THR D 257 11.06 6.24 33.28
C THR D 257 10.68 7.38 32.33
N LEU D 258 9.87 8.29 32.83
CA LEU D 258 9.43 9.43 32.04
C LEU D 258 10.66 10.26 31.63
N LYS D 259 11.56 10.44 32.59
CA LYS D 259 12.80 11.18 32.36
C LYS D 259 13.71 10.45 31.35
N ALA D 260 13.96 9.18 31.60
CA ALA D 260 14.72 8.35 30.67
C ALA D 260 14.21 8.45 29.25
N GLU D 261 12.90 8.59 29.07
CA GLU D 261 12.31 8.73 27.73
C GLU D 261 12.18 10.17 27.26
N HIS D 262 12.77 11.10 28.00
CA HIS D 262 12.82 12.49 27.59
C HIS D 262 11.42 13.07 27.51
N MET D 263 10.52 12.63 28.40
CA MET D 263 9.18 13.20 28.47
C MET D 263 8.94 13.79 29.83
N ASP D 264 9.99 14.20 30.54
CA ASP D 264 9.81 14.68 31.91
C ASP D 264 9.30 16.13 32.02
N THR D 265 8.31 16.49 31.21
CA THR D 265 7.68 17.81 31.36
C THR D 265 6.87 17.85 32.67
N ILE D 266 6.52 19.03 33.18
CA ILE D 266 5.73 19.08 34.42
C ILE D 266 4.25 18.72 34.19
N GLU D 267 3.68 19.08 33.03
CA GLU D 267 2.32 18.68 32.69
C GLU D 267 2.24 17.13 32.70
N ALA D 268 3.17 16.48 32.03
CA ALA D 268 3.18 15.02 31.97
C ALA D 268 3.17 14.36 33.36
N SER D 269 4.03 14.84 34.22
CA SER D 269 4.18 14.33 35.53
C SER D 269 2.88 14.53 36.35
N ARG D 270 2.29 15.68 36.22
CA ARG D 270 1.01 15.97 36.88
C ARG D 270 -0.14 15.09 36.37
N GLN D 271 -0.15 14.87 35.08
CA GLN D 271 -1.20 14.09 34.46
C GLN D 271 -1.14 12.60 34.89
N ILE D 272 0.07 12.09 35.04
CA ILE D 272 0.26 10.75 35.57
C ILE D 272 -0.29 10.62 36.95
N VAL D 273 0.03 11.60 37.77
CA VAL D 273 -0.39 11.54 39.17
C VAL D 273 -1.90 11.63 39.21
N LEU D 274 -2.44 12.41 38.27
CA LEU D 274 -3.86 12.61 38.18
C LEU D 274 -4.55 11.32 37.75
N SER D 275 -3.98 10.63 36.77
CA SER D 275 -4.45 9.32 36.39
C SER D 275 -4.49 8.36 37.58
N LEU D 276 -3.48 8.36 38.44
CA LEU D 276 -3.46 7.43 39.57
C LEU D 276 -4.53 7.73 40.56
N ILE D 277 -4.87 9.00 40.65
CA ILE D 277 -5.90 9.38 41.57
C ILE D 277 -7.26 9.02 40.98
N LEU D 278 -7.50 9.37 39.75
CA LEU D 278 -8.81 9.14 39.17
C LEU D 278 -9.13 7.65 38.94
N GLY D 279 -8.15 6.93 38.41
CA GLY D 279 -8.30 5.55 38.10
C GLY D 279 -8.01 4.66 39.30
N GLY D 280 -6.96 4.95 40.04
CA GLY D 280 -6.51 4.01 41.04
C GLY D 280 -7.23 4.11 42.37
N TYR D 281 -7.98 5.20 42.57
CA TYR D 281 -8.70 5.51 43.80
C TYR D 281 -10.23 5.40 43.53
N GLU D 282 -10.84 6.35 42.83
CA GLU D 282 -12.31 6.17 42.55
C GLU D 282 -12.74 4.96 41.67
N THR D 283 -12.16 4.85 40.49
CA THR D 283 -12.68 3.97 39.48
C THR D 283 -12.46 2.51 39.87
N THR D 284 -11.30 2.26 40.43
CA THR D 284 -10.98 0.97 40.98
C THR D 284 -11.90 0.57 42.14
N SER D 285 -12.28 1.49 43.00
CA SER D 285 -13.27 1.19 44.02
C SER D 285 -14.52 0.50 43.54
N TRP D 286 -15.08 0.99 42.45
CA TRP D 286 -16.32 0.48 41.97
C TRP D 286 -16.16 -0.92 41.33
N LEU D 287 -15.01 -1.17 40.71
CA LEU D 287 -14.70 -2.50 40.21
C LEU D 287 -14.66 -3.45 41.39
N VAL D 288 -14.09 -3.01 42.49
CA VAL D 288 -14.02 -3.89 43.66
C VAL D 288 -15.43 -4.12 44.18
N ALA D 289 -16.22 -3.07 44.27
CA ALA D 289 -17.53 -3.21 44.83
C ALA D 289 -18.41 -4.14 44.03
N ASN D 290 -18.31 -4.03 42.70
CA ASN D 290 -19.16 -4.81 41.84
C ASN D 290 -18.73 -6.28 41.90
N THR D 291 -17.46 -6.53 42.10
CA THR D 291 -16.99 -7.91 42.19
C THR D 291 -17.49 -8.54 43.44
N ILE D 292 -17.35 -7.85 44.52
CA ILE D 292 -17.89 -8.31 45.80
C ILE D 292 -19.35 -8.61 45.74
N HIS D 293 -20.12 -7.69 45.20
CA HIS D 293 -21.53 -7.93 45.11
C HIS D 293 -21.84 -9.20 44.33
N ALA D 294 -21.11 -9.43 43.24
CA ALA D 294 -21.37 -10.58 42.41
C ALA D 294 -21.16 -11.88 43.21
N LEU D 295 -20.06 -11.93 43.92
CA LEU D 295 -19.80 -13.01 44.84
C LEU D 295 -20.83 -13.16 45.95
N LEU D 296 -21.15 -12.09 46.67
CA LEU D 296 -22.17 -12.15 47.76
C LEU D 296 -23.52 -12.58 47.24
N ALA D 297 -23.85 -12.17 46.03
CA ALA D 297 -25.14 -12.54 45.45
C ALA D 297 -25.16 -13.99 44.90
N HIS D 298 -24.04 -14.72 45.04
CA HIS D 298 -23.92 -16.05 44.50
C HIS D 298 -23.03 -16.83 45.48
N PRO D 299 -23.58 -17.19 46.63
CA PRO D 299 -22.75 -17.73 47.71
C PRO D 299 -22.07 -19.05 47.38
N ASP D 300 -22.67 -19.90 46.56
CA ASP D 300 -21.93 -21.08 46.11
C ASP D 300 -20.63 -20.67 45.39
N THR D 301 -20.73 -19.71 44.46
CA THR D 301 -19.55 -19.24 43.80
C THR D 301 -18.56 -18.60 44.79
N LEU D 302 -19.04 -17.85 45.76
CA LEU D 302 -18.18 -17.24 46.77
C LEU D 302 -17.39 -18.31 47.54
N ALA D 303 -18.07 -19.42 47.87
CA ALA D 303 -17.44 -20.50 48.60
C ALA D 303 -16.32 -21.11 47.78
N ARG D 304 -16.61 -21.40 46.53
CA ARG D 304 -15.59 -21.95 45.67
C ARG D 304 -14.35 -21.07 45.63
N VAL D 305 -14.58 -19.77 45.55
CA VAL D 305 -13.51 -18.84 45.35
C VAL D 305 -12.70 -18.71 46.63
N ARG D 306 -13.38 -18.78 47.77
CA ARG D 306 -12.68 -18.85 49.06
C ARG D 306 -11.79 -20.10 49.17
N GLN D 307 -12.32 -21.27 48.78
CA GLN D 307 -11.54 -22.53 48.83
C GLN D 307 -10.39 -22.56 47.78
N ASP D 308 -10.57 -21.86 46.66
CA ASP D 308 -9.59 -21.87 45.57
C ASP D 308 -9.40 -20.46 44.99
N PRO D 309 -8.55 -19.65 45.64
CA PRO D 309 -8.28 -18.29 45.22
C PRO D 309 -7.77 -18.15 43.78
N SER D 310 -7.35 -19.25 43.15
CA SER D 310 -6.91 -19.15 41.78
C SER D 310 -8.10 -18.84 40.84
N LEU D 311 -9.30 -19.00 41.37
CA LEU D 311 -10.52 -18.64 40.65
C LEU D 311 -10.82 -17.14 40.65
N LEU D 312 -10.05 -16.36 41.42
CA LEU D 312 -10.33 -14.93 41.53
C LEU D 312 -10.28 -14.15 40.25
N PRO D 313 -9.25 -14.39 39.44
CA PRO D 313 -9.19 -13.64 38.20
C PRO D 313 -10.39 -13.85 37.32
N ALA D 314 -10.89 -15.08 37.26
CA ALA D 314 -12.11 -15.33 36.50
C ALA D 314 -13.32 -14.67 37.16
N ALA D 315 -13.34 -14.66 38.49
CA ALA D 315 -14.45 -14.04 39.18
C ALA D 315 -14.55 -12.56 38.82
N ILE D 316 -13.37 -11.93 38.71
CA ILE D 316 -13.29 -10.54 38.37
C ILE D 316 -13.64 -10.30 36.91
N GLU D 317 -13.09 -11.07 35.98
CA GLU D 317 -13.45 -10.84 34.59
C GLU D 317 -14.93 -11.05 34.31
N GLU D 318 -15.49 -12.10 34.90
CA GLU D 318 -16.91 -12.39 34.70
C GLU D 318 -17.74 -11.31 35.42
N GLY D 319 -17.22 -10.80 36.53
CA GLY D 319 -17.78 -9.59 37.17
C GLY D 319 -17.93 -8.41 36.20
N MET D 320 -16.89 -8.16 35.40
CA MET D 320 -16.87 -7.06 34.53
C MET D 320 -17.87 -7.23 33.45
N ARG D 321 -18.11 -8.47 33.05
CA ARG D 321 -19.19 -8.74 32.10
C ARG D 321 -20.56 -8.56 32.74
N TRP D 322 -20.72 -9.17 33.91
CA TRP D 322 -22.05 -9.37 34.52
C TRP D 322 -22.58 -8.08 35.16
N CYS D 323 -21.68 -7.39 35.82
CA CYS D 323 -21.98 -6.12 36.46
C CYS D 323 -20.86 -5.11 36.23
N PRO D 324 -20.85 -4.54 35.06
CA PRO D 324 -19.81 -3.60 34.72
C PRO D 324 -19.91 -2.31 35.50
N SER D 325 -18.78 -1.70 35.85
CA SER D 325 -18.73 -0.41 36.57
C SER D 325 -18.71 0.83 35.71
N SER D 326 -18.40 0.77 34.43
CA SER D 326 -18.63 1.95 33.54
C SER D 326 -19.43 1.49 32.32
N PHE D 327 -19.76 2.40 31.40
CA PHE D 327 -20.53 2.04 30.21
C PHE D 327 -19.75 1.81 28.93
N GLY D 328 -18.49 2.21 28.95
CA GLY D 328 -17.68 2.35 27.76
C GLY D 328 -17.04 3.73 27.81
N VAL D 329 -17.19 4.50 26.77
CA VAL D 329 -16.33 5.66 26.59
C VAL D 329 -17.03 6.72 25.83
N LEU D 330 -16.48 7.93 25.90
CA LEU D 330 -16.96 9.02 25.06
C LEU D 330 -16.05 9.25 23.89
N ARG D 331 -16.60 9.74 22.80
CA ARG D 331 -15.83 10.09 21.61
C ARG D 331 -16.48 11.23 20.89
N MET D 332 -15.66 12.00 20.17
CA MET D 332 -16.08 13.15 19.42
C MET D 332 -16.11 12.79 17.97
N VAL D 333 -17.23 13.01 17.33
CA VAL D 333 -17.27 12.72 15.89
C VAL D 333 -16.62 13.85 15.12
N GLU D 334 -15.58 13.55 14.39
CA GLU D 334 -14.81 14.58 13.71
C GLU D 334 -15.29 14.90 12.30
N ARG D 335 -16.06 14.02 11.69
CA ARG D 335 -16.61 14.30 10.38
C ARG D 335 -17.97 13.67 10.21
N ASP D 336 -18.82 14.29 9.39
CA ASP D 336 -20.14 13.72 9.15
C ASP D 336 -19.95 12.26 8.76
N VAL D 337 -20.64 11.35 9.39
CA VAL D 337 -20.39 9.95 9.16
C VAL D 337 -21.71 9.22 9.16
N ARG D 338 -21.76 8.13 8.40
CA ARG D 338 -22.97 7.34 8.27
C ARG D 338 -22.67 5.96 8.78
N LEU D 339 -23.55 5.40 9.60
CA LEU D 339 -23.32 4.10 10.19
C LEU D 339 -24.56 3.30 9.95
N ASP D 340 -24.51 2.37 8.98
CA ASP D 340 -25.69 1.57 8.61
C ASP D 340 -27.03 2.37 8.58
N ASP D 341 -27.06 3.48 7.86
CA ASP D 341 -28.34 4.25 7.69
C ASP D 341 -28.66 5.22 8.85
N GLN D 342 -27.73 5.35 9.79
CA GLN D 342 -27.70 6.40 10.81
C GLN D 342 -26.68 7.44 10.42
N ALA D 343 -26.95 8.68 10.80
CA ALA D 343 -26.05 9.76 10.49
C ALA D 343 -25.61 10.47 11.75
N LEU D 344 -24.33 10.77 11.83
CA LEU D 344 -23.81 11.56 12.92
C LEU D 344 -23.04 12.75 12.39
N SER D 345 -23.23 13.90 13.00
CA SER D 345 -22.60 15.11 12.52
C SER D 345 -21.30 15.38 13.19
N ALA D 346 -20.39 15.94 12.43
CA ALA D 346 -19.16 16.45 13.01
C ALA D 346 -19.51 17.35 14.18
N GLY D 347 -18.75 17.21 15.25
CA GLY D 347 -18.94 18.02 16.43
C GLY D 347 -19.77 17.38 17.49
N THR D 348 -20.47 16.31 17.17
CA THR D 348 -21.24 15.60 18.18
C THR D 348 -20.37 14.70 19.04
N VAL D 349 -20.48 14.88 20.33
CA VAL D 349 -19.97 13.93 21.26
C VAL D 349 -20.97 12.77 21.42
N VAL D 350 -20.48 11.54 21.42
CA VAL D 350 -21.29 10.36 21.56
C VAL D 350 -20.70 9.44 22.56
N CYS D 351 -21.52 8.48 22.96
CA CYS D 351 -21.08 7.50 23.96
C CYS D 351 -21.04 6.14 23.26
N LEU D 352 -19.93 5.44 23.35
CA LEU D 352 -19.85 4.05 22.87
C LEU D 352 -20.17 3.17 24.06
N ALA D 353 -21.36 2.57 24.05
CA ALA D 353 -21.81 1.80 25.16
C ALA D 353 -21.43 0.37 24.88
N GLY D 354 -20.14 0.13 24.96
CA GLY D 354 -19.61 -1.16 24.61
C GLY D 354 -19.99 -2.31 25.52
N ILE D 355 -20.44 -2.01 26.71
CA ILE D 355 -20.98 -3.03 27.56
C ILE D 355 -22.37 -3.53 27.12
N ALA D 356 -23.00 -2.98 26.08
CA ALA D 356 -24.23 -3.59 25.57
C ALA D 356 -23.90 -5.03 25.09
N GLY D 357 -22.72 -5.27 24.56
CA GLY D 357 -22.36 -6.58 24.10
C GLY D 357 -22.06 -7.57 25.22
N ASN D 358 -21.93 -7.11 26.46
CA ASN D 358 -21.78 -8.02 27.60
C ASN D 358 -22.94 -8.97 27.71
N TYR D 359 -24.10 -8.60 27.17
CA TYR D 359 -25.32 -9.34 27.39
C TYR D 359 -25.87 -9.78 26.07
N ASP D 360 -25.03 -9.88 25.07
CA ASP D 360 -25.42 -10.55 23.84
C ASP D 360 -25.53 -12.08 24.07
N GLU D 361 -26.74 -12.62 24.07
CA GLU D 361 -27.02 -14.10 24.27
C GLU D 361 -26.15 -15.00 23.35
N THR D 362 -25.90 -14.52 22.16
CA THR D 362 -25.12 -15.17 21.15
C THR D 362 -23.65 -15.41 21.47
N ALA D 363 -23.11 -14.54 22.28
CA ALA D 363 -21.73 -14.64 22.75
C ALA D 363 -21.61 -15.18 24.14
N TYR D 364 -22.57 -14.87 24.98
CA TYR D 364 -22.57 -15.26 26.37
C TYR D 364 -23.97 -15.74 26.74
N PRO D 365 -24.26 -17.00 26.48
CA PRO D 365 -25.58 -17.57 26.73
C PRO D 365 -25.98 -17.48 28.18
N SER D 366 -27.26 -17.23 28.45
CA SER D 366 -27.74 -16.85 29.79
C SER D 366 -26.85 -15.74 30.38
N PRO D 367 -26.87 -14.57 29.69
CA PRO D 367 -26.03 -13.42 30.08
C PRO D 367 -26.39 -12.86 31.47
N GLU D 368 -27.66 -12.99 31.92
CA GLU D 368 -28.04 -12.67 33.32
C GLU D 368 -27.29 -13.48 34.35
N VAL D 369 -26.76 -14.63 33.99
CA VAL D 369 -26.19 -15.52 35.01
C VAL D 369 -24.74 -15.20 35.20
N TYR D 370 -24.34 -15.11 36.47
CA TYR D 370 -22.95 -14.93 36.85
C TYR D 370 -22.32 -16.27 36.83
N ASP D 371 -21.56 -16.55 35.82
CA ASP D 371 -20.88 -17.81 35.75
C ASP D 371 -19.37 -17.67 35.59
N ILE D 372 -18.61 -17.94 36.65
CA ILE D 372 -17.16 -17.80 36.58
C ILE D 372 -16.42 -18.86 35.77
N ASP D 373 -17.19 -19.82 35.27
CA ASP D 373 -16.63 -20.88 34.43
C ASP D 373 -16.70 -20.60 32.95
N ARG D 374 -17.16 -19.42 32.55
CA ARG D 374 -17.19 -19.12 31.13
C ARG D 374 -15.81 -19.19 30.58
N LYS D 375 -15.68 -19.86 29.45
CA LYS D 375 -14.41 -19.96 28.76
C LYS D 375 -14.59 -19.98 27.26
N PRO D 376 -13.74 -19.28 26.52
CA PRO D 376 -12.84 -18.27 27.08
C PRO D 376 -13.49 -17.21 27.99
N LEU D 377 -12.69 -16.52 28.81
CA LEU D 377 -13.20 -15.45 29.68
C LEU D 377 -13.70 -14.35 28.83
N PRO D 378 -14.72 -13.69 29.30
CA PRO D 378 -15.33 -12.67 28.48
C PRO D 378 -14.39 -11.46 28.32
N ALA D 379 -14.40 -10.89 27.13
CA ALA D 379 -13.68 -9.68 26.84
C ALA D 379 -14.15 -8.53 27.73
N ALA D 380 -13.21 -7.80 28.30
CA ALA D 380 -13.49 -6.70 29.25
C ALA D 380 -13.78 -5.35 28.58
N ASN D 381 -15.01 -5.17 28.15
CA ASN D 381 -15.47 -3.89 27.63
C ASN D 381 -15.49 -2.64 28.52
N VAL D 382 -15.34 -2.80 29.83
CA VAL D 382 -15.25 -1.66 30.71
C VAL D 382 -13.96 -0.91 30.64
N PHE D 383 -12.95 -1.49 30.02
CA PHE D 383 -11.68 -0.79 29.93
C PHE D 383 -11.55 -0.05 28.59
N GLY D 384 -12.62 -0.02 27.79
CA GLY D 384 -12.63 0.69 26.51
C GLY D 384 -12.21 -0.23 25.40
N GLY D 385 -11.47 0.31 24.47
CA GLY D 385 -11.13 -0.42 23.27
C GLY D 385 -10.20 0.38 22.40
N GLY D 386 -9.66 -0.31 21.40
CA GLY D 386 -8.69 0.29 20.51
C GLY D 386 -7.46 0.86 21.23
N ALA D 387 -6.86 1.86 20.62
CA ALA D 387 -5.62 2.37 21.13
C ALA D 387 -5.70 3.04 22.49
N HIS D 388 -6.85 3.50 22.92
CA HIS D 388 -6.97 4.10 24.27
C HIS D 388 -7.35 3.19 25.42
N PHE D 389 -7.44 1.89 25.17
CA PHE D 389 -7.81 0.94 26.16
C PHE D 389 -7.05 1.16 27.44
N CYS D 390 -7.71 1.15 28.59
CA CYS D 390 -7.11 1.47 29.86
C CYS D 390 -5.77 0.85 30.01
N VAL D 391 -4.79 1.70 30.24
CA VAL D 391 -3.41 1.30 30.42
C VAL D 391 -3.17 0.91 31.88
N GLY D 392 -4.07 1.32 32.77
CA GLY D 392 -4.00 0.94 34.18
C GLY D 392 -4.70 -0.36 34.53
N ALA D 393 -5.29 -1.03 33.55
CA ALA D 393 -5.98 -2.29 33.88
C ALA D 393 -5.20 -3.28 34.71
N PRO D 394 -3.95 -3.52 34.38
CA PRO D 394 -3.27 -4.51 35.25
C PRO D 394 -3.27 -4.15 36.74
N LEU D 395 -3.16 -2.87 37.05
CA LEU D 395 -3.13 -2.46 38.43
C LEU D 395 -4.50 -2.67 39.03
N ALA D 396 -5.51 -2.27 38.30
CA ALA D 396 -6.87 -2.41 38.79
C ALA D 396 -7.27 -3.87 39.05
N ARG D 397 -6.90 -4.77 38.15
CA ARG D 397 -7.20 -6.21 38.32
C ARG D 397 -6.50 -6.79 39.50
N MET D 398 -5.27 -6.32 39.75
CA MET D 398 -4.48 -6.76 40.86
C MET D 398 -5.04 -6.27 42.19
N GLU D 399 -5.46 -5.00 42.28
CA GLU D 399 -5.96 -4.52 43.55
C GLU D 399 -7.22 -5.31 43.88
N ALA D 400 -8.04 -5.61 42.87
CA ALA D 400 -9.25 -6.38 43.12
C ALA D 400 -8.94 -7.80 43.59
N ARG D 401 -8.02 -8.46 42.92
CA ARG D 401 -7.64 -9.81 43.34
C ARG D 401 -7.14 -9.85 44.78
N VAL D 402 -6.17 -9.00 45.07
CA VAL D 402 -5.48 -9.07 46.34
C VAL D 402 -6.37 -8.62 47.50
N GLY D 403 -7.14 -7.59 47.27
CA GLY D 403 -8.10 -7.16 48.26
C GLY D 403 -9.11 -8.24 48.56
N LEU D 404 -9.71 -8.81 47.52
CA LEU D 404 -10.74 -9.83 47.77
C LEU D 404 -10.16 -11.05 48.40
N GLN D 405 -8.95 -11.39 48.01
CA GLN D 405 -8.34 -12.53 48.61
C GLN D 405 -8.20 -12.35 50.12
N ALA D 406 -7.79 -11.18 50.55
CA ALA D 406 -7.65 -10.89 51.97
C ALA D 406 -8.98 -10.96 52.69
N LEU D 407 -9.98 -10.39 52.05
CA LEU D 407 -11.28 -10.32 52.65
C LEU D 407 -11.84 -11.71 52.87
N LEU D 408 -11.79 -12.55 51.85
CA LEU D 408 -12.36 -13.89 51.95
C LEU D 408 -11.59 -14.79 52.88
N ALA D 409 -10.27 -14.62 52.94
CA ALA D 409 -9.44 -15.40 53.87
C ALA D 409 -9.83 -15.09 55.30
N ARG D 410 -10.01 -13.81 55.58
CA ARG D 410 -10.22 -13.35 56.92
C ARG D 410 -11.63 -13.50 57.46
N PHE D 411 -12.63 -13.65 56.60
CA PHE D 411 -14.01 -13.80 57.05
C PHE D 411 -14.75 -14.88 56.30
N PRO D 412 -14.43 -16.14 56.63
CA PRO D 412 -15.13 -17.27 56.01
C PRO D 412 -16.65 -17.18 56.12
N GLY D 413 -17.15 -16.53 57.16
CA GLY D 413 -18.58 -16.44 57.37
C GLY D 413 -19.25 -15.37 56.54
N LEU D 414 -18.45 -14.60 55.80
CA LEU D 414 -18.95 -13.48 55.00
C LEU D 414 -20.24 -13.81 54.26
N ARG D 415 -21.27 -13.02 54.48
CA ARG D 415 -22.59 -13.21 53.86
C ARG D 415 -23.21 -11.84 53.63
N ALA D 416 -24.05 -11.70 52.61
CA ALA D 416 -24.88 -10.50 52.46
C ALA D 416 -25.92 -10.46 53.58
N VAL D 417 -26.29 -9.26 54.01
CA VAL D 417 -27.37 -9.07 54.95
C VAL D 417 -28.64 -9.33 54.17
N PRO D 418 -29.44 -10.30 54.62
CA PRO D 418 -30.47 -10.78 53.70
C PRO D 418 -31.62 -9.83 53.45
N GLU D 419 -31.90 -8.92 54.34
CA GLU D 419 -33.12 -8.16 54.07
C GLU D 419 -32.87 -6.77 53.47
N GLU D 420 -31.64 -6.48 53.05
CA GLU D 420 -31.24 -5.14 52.61
C GLU D 420 -30.57 -5.23 51.26
N ARG D 421 -31.35 -5.29 50.21
CA ARG D 421 -30.79 -5.57 48.91
C ARG D 421 -30.21 -4.27 48.40
N PRO D 422 -29.01 -4.31 47.83
CA PRO D 422 -28.50 -3.12 47.20
C PRO D 422 -29.27 -2.67 45.97
N SER D 423 -29.13 -1.39 45.66
CA SER D 423 -29.69 -0.82 44.44
C SER D 423 -28.59 -0.31 43.50
N PHE D 424 -28.78 -0.54 42.21
CA PHE D 424 -27.81 -0.23 41.21
C PHE D 424 -28.29 0.81 40.23
N MET D 425 -27.47 1.82 40.03
CA MET D 425 -27.71 2.87 39.05
C MET D 425 -26.39 3.38 38.49
N TYR D 426 -26.36 3.74 37.23
CA TYR D 426 -25.27 4.51 36.73
C TYR D 426 -25.44 5.85 37.38
N GLY D 427 -24.38 6.41 37.96
CA GLY D 427 -24.48 7.63 38.73
C GLY D 427 -24.53 7.40 40.21
N ALA D 428 -24.34 6.17 40.64
CA ALA D 428 -24.37 5.85 42.07
C ALA D 428 -23.51 6.81 42.89
N LYS D 429 -24.11 7.47 43.88
CA LYS D 429 -23.39 8.42 44.78
C LYS D 429 -22.79 9.62 44.07
N ASP D 430 -23.48 10.06 43.02
CA ASP D 430 -22.98 11.12 42.17
C ASP D 430 -21.56 10.76 41.58
N SER D 431 -21.26 9.48 41.42
CA SER D 431 -20.07 9.04 40.76
C SER D 431 -20.34 9.01 39.29
N VAL D 432 -19.34 8.58 38.55
CA VAL D 432 -19.53 8.29 37.14
C VAL D 432 -19.54 6.75 36.88
N ALA D 433 -19.89 5.96 37.86
CA ALA D 433 -19.87 4.52 37.77
C ALA D 433 -21.28 3.93 37.90
N HIS D 434 -21.45 2.72 37.41
CA HIS D 434 -22.62 1.89 37.70
C HIS D 434 -22.21 0.99 38.85
N GLY D 435 -22.97 0.98 39.93
CA GLY D 435 -22.52 0.33 41.14
C GLY D 435 -23.62 0.31 42.16
N PRO D 436 -23.42 -0.41 43.24
CA PRO D 436 -24.42 -0.50 44.29
C PRO D 436 -24.41 0.75 45.16
N ASP D 437 -25.52 1.05 45.80
CA ASP D 437 -25.58 2.12 46.79
C ASP D 437 -24.98 1.71 48.11
N LYS D 438 -24.95 0.42 48.40
CA LYS D 438 -24.34 -0.11 49.64
C LYS D 438 -24.22 -1.61 49.54
N LEU D 439 -23.34 -2.18 50.35
CA LEU D 439 -23.13 -3.60 50.40
C LEU D 439 -23.04 -4.06 51.84
N PRO D 440 -24.19 -4.11 52.51
CA PRO D 440 -24.19 -4.52 53.93
C PRO D 440 -23.95 -6.00 54.08
N VAL D 441 -23.03 -6.36 54.98
CA VAL D 441 -22.70 -7.75 55.18
C VAL D 441 -22.64 -8.12 56.65
N LEU D 442 -22.77 -9.42 56.89
CA LEU D 442 -22.44 -10.07 58.15
C LEU D 442 -21.18 -10.83 57.95
N LEU D 443 -20.25 -10.70 58.88
CA LEU D 443 -18.96 -11.38 58.81
C LEU D 443 -18.84 -12.80 59.44
N HIS D 444 -19.79 -13.20 60.30
CA HIS D 444 -19.83 -14.58 60.89
C HIS D 444 -21.22 -15.34 60.64
N HIS D 445 -21.52 -16.53 61.18
CA HIS D 445 -21.08 -17.10 62.45
C HIS D 445 -19.80 -17.99 62.47
N HIS D 446 -18.81 -17.72 61.59
CA HIS D 446 -17.45 -18.27 61.75
C HIS D 446 -16.76 -17.62 62.94
CHA HEM E . -8.19 -29.63 25.11
CHB HEM E . -3.89 -30.62 26.97
CHC HEM E . -1.90 -27.22 24.13
CHD HEM E . -6.06 -27.08 21.74
C1A HEM E . -7.16 -30.14 25.86
C2A HEM E . -7.35 -31.16 26.84
C3A HEM E . -6.14 -31.45 27.36
C4A HEM E . -5.21 -30.62 26.68
CMA HEM E . -5.86 -32.45 28.46
CAA HEM E . -8.64 -31.77 27.26
CBA HEM E . -9.23 -30.83 28.31
CGA HEM E . -10.66 -31.20 28.73
O1A HEM E . -11.34 -31.98 28.02
O2A HEM E . -11.15 -30.72 29.77
C1B HEM E . -2.96 -29.76 26.39
C2B HEM E . -1.62 -29.66 26.85
C3B HEM E . -1.10 -28.67 26.07
C4B HEM E . -2.08 -28.20 25.10
CMB HEM E . -0.90 -30.45 27.93
CAB HEM E . 0.27 -28.26 26.26
CBB HEM E . 0.66 -27.11 25.75
C1C HEM E . -2.84 -26.90 23.16
C2C HEM E . -2.67 -26.06 22.05
C3C HEM E . -3.88 -26.05 21.42
C4C HEM E . -4.76 -26.87 22.12
CMC HEM E . -1.46 -25.26 21.63
CAC HEM E . -4.36 -25.34 20.25
CBC HEM E . -3.69 -24.36 19.67
C1D HEM E . -6.94 -27.77 22.51
C2D HEM E . -8.32 -27.79 22.11
C3D HEM E . -8.95 -28.52 23.07
C4D HEM E . -7.90 -28.89 24.03
CMD HEM E . -8.97 -27.13 20.91
CAD HEM E . -10.43 -28.73 23.21
CBD HEM E . -11.01 -30.07 22.86
CGD HEM E . -12.48 -30.05 23.21
O1D HEM E . -13.13 -31.07 22.85
O2D HEM E . -13.00 -29.01 23.79
NA HEM E . -5.83 -29.82 25.81
NB HEM E . -3.17 -28.87 25.43
NC HEM E . -4.12 -27.31 23.20
ND HEM E . -6.71 -28.40 23.65
FE HEM E . -5.02 -28.64 24.49
C1 GOL F . -5.33 -31.45 21.67
O1 GOL F . -4.94 -31.91 20.37
C2 GOL F . -4.69 -32.28 22.79
O2 GOL F . -3.74 -31.34 23.29
C3 GOL F . -5.66 -32.72 23.94
O3 GOL F . -6.32 -34.02 23.89
C1 GOL G . -23.57 -14.47 12.39
O1 GOL G . -23.07 -14.93 11.08
C2 GOL G . -23.04 -15.34 13.53
O2 GOL G . -21.62 -15.44 13.54
C3 GOL G . -23.53 -14.87 14.89
O3 GOL G . -24.26 -15.94 15.57
C1 GOL H . -15.66 -23.75 -2.66
O1 GOL H . -14.83 -24.87 -3.03
C2 GOL H . -16.68 -24.18 -1.62
O2 GOL H . -15.97 -24.47 -0.44
C3 GOL H . -17.74 -23.07 -1.35
O3 GOL H . -18.87 -23.38 -0.43
S DMS I . 4.11 -4.33 8.15
O DMS I . 5.54 -4.45 8.56
C1 DMS I . 3.16 -3.85 9.54
C2 DMS I . 3.82 -3.12 6.95
C1 GOL J . -7.80 -31.97 19.10
O1 GOL J . -6.44 -31.46 18.97
C2 GOL J . -8.07 -33.17 20.08
O2 GOL J . -6.89 -33.96 20.28
C3 GOL J . -8.74 -32.73 21.43
O3 GOL J . -8.18 -33.24 22.67
S SO4 K . -8.58 -17.51 28.63
O1 SO4 K . -8.08 -18.86 29.04
O2 SO4 K . -8.30 -17.28 27.16
O3 SO4 K . -10.04 -17.40 28.93
O4 SO4 K . -7.94 -16.51 29.55
S SO4 L . 22.12 -15.38 7.55
O1 SO4 L . 23.14 -14.97 8.56
O2 SO4 L . 22.66 -16.25 6.47
O3 SO4 L . 21.13 -16.21 8.26
O4 SO4 L . 21.58 -14.12 6.98
O1 MES M . -28.12 -28.02 30.22
C2 MES M . -26.85 -27.91 30.86
C3 MES M . -26.54 -26.45 31.09
N4 MES M . -26.58 -25.67 29.82
C5 MES M . -27.73 -26.00 28.88
C6 MES M . -28.14 -27.49 28.89
C7 MES M . -26.47 -24.21 30.14
C8 MES M . -27.43 -23.37 29.30
S MES M . -26.83 -21.86 29.05
O1S MES M . -25.54 -22.02 28.32
O2S MES M . -27.73 -21.18 28.10
O3S MES M . -26.67 -21.28 30.40
S SO4 N . -30.04 -24.58 32.09
O1 SO4 N . -28.66 -24.38 32.56
O2 SO4 N . -30.10 -24.81 30.63
O3 SO4 N . -30.63 -25.77 32.74
O4 SO4 N . -30.81 -23.35 32.37
S SO4 O . 26.38 -14.59 15.73
O1 SO4 O . 27.66 -14.78 15.03
O2 SO4 O . 25.38 -15.52 15.12
O3 SO4 O . 25.93 -13.16 15.58
O4 SO4 O . 26.70 -15.05 17.11
CHA HEM P . -1.85 26.21 -28.56
CHB HEM P . -1.86 23.68 -32.60
CHC HEM P . -5.41 20.89 -30.91
CHD HEM P . -5.92 24.04 -27.30
C1A HEM P . -1.53 25.69 -29.76
C2A HEM P . -0.47 26.16 -30.55
C3A HEM P . -0.51 25.45 -31.70
C4A HEM P . -1.60 24.58 -31.63
CMA HEM P . 0.44 25.55 -32.84
CAA HEM P . 0.58 27.17 -30.18
CBA HEM P . 0.05 28.60 -30.14
CGA HEM P . 1.21 29.58 -29.97
O1A HEM P . 2.27 29.26 -29.33
O2A HEM P . 1.04 30.73 -30.49
C1B HEM P . -2.80 22.68 -32.44
C2B HEM P . -2.95 21.69 -33.42
C3B HEM P . -3.97 20.93 -32.95
C4B HEM P . -4.41 21.45 -31.66
CMB HEM P . -2.13 21.54 -34.69
CAB HEM P . -4.51 19.74 -33.50
CBB HEM P . -3.90 19.13 -34.50
C1C HEM P . -5.88 21.49 -29.77
C2C HEM P . -6.96 21.04 -28.98
C3C HEM P . -7.11 21.97 -27.98
C4C HEM P . -6.10 22.96 -28.14
CMC HEM P . -7.76 19.79 -29.22
CAC HEM P . -8.00 22.00 -26.82
CBC HEM P . -8.73 20.98 -26.46
C1D HEM P . -4.84 24.85 -27.41
C2D HEM P . -4.55 25.88 -26.43
C3D HEM P . -3.40 26.48 -26.73
C4D HEM P . -3.01 25.79 -27.93
CMD HEM P . -5.38 26.16 -25.24
CAD HEM P . -2.71 27.59 -26.01
CBD HEM P . -1.64 27.07 -25.08
CGD HEM P . -0.78 28.12 -24.39
O1D HEM P . -0.22 27.88 -23.28
O2D HEM P . -0.57 29.24 -24.90
NA HEM P . -2.23 24.74 -30.44
NB HEM P . -3.65 22.48 -31.45
NC HEM P . -5.42 22.64 -29.24
ND HEM P . -3.87 24.80 -28.30
FE HEM P . -3.75 23.66 -29.80
S SO4 Q . 9.92 8.10 -29.18
O1 SO4 Q . 10.08 8.91 -30.43
O2 SO4 Q . 9.62 6.70 -29.62
O3 SO4 Q . 8.75 8.59 -28.39
O4 SO4 Q . 11.16 8.22 -28.33
S SO4 R . 18.48 25.35 -40.74
O1 SO4 R . 19.63 25.45 -39.79
O2 SO4 R . 18.93 25.70 -42.13
O3 SO4 R . 17.86 24.00 -40.74
O4 SO4 R . 17.44 26.28 -40.22
C1 GOL S . 6.27 15.91 -29.31
O1 GOL S . 7.49 15.99 -30.08
C2 GOL S . 6.43 16.15 -27.80
O2 GOL S . 7.07 17.38 -27.38
C3 GOL S . 5.07 16.15 -27.14
O3 GOL S . 5.09 14.84 -26.59
S DMS T . 18.79 32.21 -20.53
O DMS T . 19.07 31.91 -21.93
C1 DMS T . 17.81 31.10 -19.65
C2 DMS T . 20.36 31.89 -19.91
S SO4 U . 3.23 2.13 -50.22
O1 SO4 U . 4.33 1.47 -50.97
O2 SO4 U . 2.88 3.32 -51.03
O3 SO4 U . 2.01 1.28 -50.09
O4 SO4 U . 3.73 2.53 -48.86
S SO4 V . 0.69 42.11 -20.19
O1 SO4 V . 1.36 40.79 -20.06
O2 SO4 V . 0.21 42.32 -21.57
O3 SO4 V . 1.66 43.19 -19.85
O4 SO4 V . -0.47 42.17 -19.24
CHA HEM W . 18.97 -1.23 -26.82
CHB HEM W . 19.84 2.55 -24.01
CHC HEM W . 16.68 0.84 -20.86
CHD HEM W . 16.24 -3.11 -23.36
C1A HEM W . 19.45 -0.07 -26.35
C2A HEM W . 20.42 0.69 -27.01
C3A HEM W . 20.66 1.77 -26.19
C4A HEM W . 19.82 1.65 -25.06
CMA HEM W . 21.62 2.89 -26.46
CAA HEM W . 21.09 0.41 -28.33
CBA HEM W . 20.13 0.88 -29.38
CGA HEM W . 20.80 0.73 -30.74
O1A HEM W . 20.41 1.55 -31.67
O2A HEM W . 21.71 -0.14 -30.92
C1B HEM W . 19.05 2.40 -22.90
C2B HEM W . 18.95 3.37 -21.85
C3B HEM W . 18.06 2.83 -20.99
C4B HEM W . 17.61 1.59 -21.52
CMB HEM W . 19.66 4.70 -21.70
CAB HEM W . 17.48 3.34 -19.84
CBB HEM W . 17.47 4.62 -19.67
C1C HEM W . 16.26 -0.37 -21.21
C2C HEM W . 15.30 -1.12 -20.51
C3C HEM W . 15.20 -2.26 -21.24
C4C HEM W . 16.07 -2.18 -22.36
CMC HEM W . 14.47 -0.86 -19.23
CAC HEM W . 14.34 -3.27 -20.75
CBC HEM W . 14.37 -4.46 -21.29
C1D HEM W . 16.95 -2.87 -24.54
C2D HEM W . 17.04 -3.89 -25.60
C3D HEM W . 17.77 -3.36 -26.59
C4D HEM W . 18.15 -2.02 -26.08
CMD HEM W . 16.40 -5.25 -25.59
CAD HEM W . 18.13 -4.00 -27.92
CBD HEM W . 17.13 -3.56 -28.92
CGD HEM W . 17.41 -3.86 -30.38
O1D HEM W . 18.60 -3.97 -30.80
O2D HEM W . 16.42 -3.89 -31.22
NA HEM W . 19.08 0.51 -25.18
NB HEM W . 18.23 1.42 -22.64
NC HEM W . 16.67 -0.97 -22.31
ND HEM W . 17.61 -1.74 -24.89
FE HEM W . 17.92 -0.23 -23.80
S SO4 X . 23.18 -12.64 -40.04
O1 SO4 X . 23.67 -11.25 -40.23
O2 SO4 X . 24.19 -13.59 -40.57
O3 SO4 X . 21.88 -12.76 -40.78
O4 SO4 X . 22.93 -12.93 -38.61
S SO4 Y . 32.45 18.30 -42.59
O1 SO4 Y . 33.69 18.57 -41.79
O2 SO4 Y . 32.74 17.27 -43.66
O3 SO4 Y . 31.31 17.85 -41.75
O4 SO4 Y . 32.14 19.64 -43.14
C1 GOL Z . 24.69 17.34 -39.09
O1 GOL Z . 24.76 17.31 -40.54
C2 GOL Z . 25.14 18.63 -38.33
O2 GOL Z . 24.00 19.02 -37.55
C3 GOL Z . 26.22 18.50 -37.28
O3 GOL Z . 25.44 18.41 -36.12
C1 GOL AA . 22.31 -3.98 -25.10
O1 GOL AA . 21.02 -4.39 -25.57
C2 GOL AA . 22.85 -2.59 -25.49
O2 GOL AA . 22.69 -2.42 -26.89
C3 GOL AA . 24.35 -2.45 -25.12
O3 GOL AA . 24.64 -1.26 -24.36
C1 GOL BA . 22.33 -0.87 -21.88
O1 GOL BA . 23.51 -0.64 -22.69
C2 GOL BA . 21.30 -1.72 -22.60
O2 GOL BA . 19.96 -1.60 -22.21
C3 GOL BA . 21.42 -3.15 -22.23
O3 GOL BA . 20.50 -3.74 -23.19
S DMS CA . 17.50 27.47 -10.73
O DMS CA . 16.74 27.62 -9.48
C1 DMS CA . 16.33 27.36 -12.01
C2 DMS CA . 18.51 28.83 -10.93
S SO4 DA . 4.70 -4.48 -38.49
O1 SO4 DA . 5.67 -4.87 -39.55
O2 SO4 DA . 5.34 -3.30 -37.82
O3 SO4 DA . 3.42 -4.20 -39.20
O4 SO4 DA . 4.37 -5.48 -37.40
S SO4 EA . 8.75 12.85 7.97
O1 SO4 EA . 8.16 11.53 7.74
O2 SO4 EA . 9.49 13.29 6.75
O3 SO4 EA . 9.71 12.77 9.10
O4 SO4 EA . 7.64 13.81 8.28
CHA HEM FA . -8.39 4.87 30.04
CHB HEM FA . -11.59 2.41 32.62
CHC HEM FA . -8.35 2.18 36.17
CHD HEM FA . -5.45 5.07 33.78
C1A HEM FA . -9.50 4.21 30.44
C2A HEM FA . -10.61 4.00 29.62
C3A HEM FA . -11.50 3.30 30.37
C4A HEM FA . -10.95 3.08 31.62
CMA HEM FA . -12.83 2.84 29.92
CAA HEM FA . -10.75 4.37 28.20
CBA HEM FA . -11.16 5.80 28.05
CGA HEM FA . -11.34 6.03 26.57
O1A HEM FA . -10.97 5.13 25.72
O2A HEM FA . -11.96 7.12 26.23
C1B HEM FA . -10.96 2.13 33.82
C2B HEM FA . -11.54 1.31 34.79
C3B HEM FA . -10.62 1.27 35.78
C4B HEM FA . -9.46 2.06 35.38
CMB HEM FA . -12.92 0.63 34.75
CAB HEM FA . -10.61 0.63 37.07
CBB HEM FA . -11.60 -0.12 37.47
C1C HEM FA . -7.25 2.94 35.86
C2C HEM FA . -6.09 3.09 36.69
C3C HEM FA . -5.33 3.95 35.96
C4C HEM FA . -5.96 4.29 34.74
CMC HEM FA . -5.86 2.42 38.02
CAC HEM FA . -4.03 4.46 36.22
CBC HEM FA . -3.39 4.10 37.27
C1D HEM FA . -6.04 5.22 32.56
C2D HEM FA . -5.40 6.00 31.49
C3D HEM FA . -6.19 5.96 30.43
C4D HEM FA . -7.33 5.12 30.88
CMD HEM FA . -4.08 6.71 31.58
CAD HEM FA . -5.97 6.63 29.10
CBD HEM FA . -5.20 5.67 28.22
CGD HEM FA . -5.09 6.15 26.81
O1D HEM FA . -5.86 7.01 26.31
O2D HEM FA . -4.20 5.64 26.03
NA HEM FA . -9.70 3.66 31.65
NB HEM FA . -9.75 2.53 34.23
NC HEM FA . -7.14 3.67 34.72
ND HEM FA . -7.19 4.68 32.13
FE HEM FA . -8.40 3.61 33.11
C1 GOL GA . -9.72 8.91 30.72
O1 GOL GA . -11.02 8.58 31.21
C2 GOL GA . -8.48 8.71 31.68
O2 GOL GA . -7.26 9.29 31.16
C3 GOL GA . -8.54 9.36 33.06
O3 GOL GA . -8.47 8.34 34.08
S DMS HA . -13.68 -25.98 41.63
O DMS HA . -13.78 -25.01 40.52
C1 DMS HA . -13.25 -25.13 43.07
C2 DMS HA . -15.23 -26.56 42.11
S DMS IA . -25.05 -6.52 17.11
O DMS IA . -24.47 -5.98 18.36
C1 DMS IA . -26.73 -6.15 17.02
C2 DMS IA . -24.24 -5.89 15.68
C1 GOL JA . -10.31 5.83 34.52
O1 GOL JA . -8.93 6.20 34.69
C2 GOL JA . -11.19 7.07 34.67
O2 GOL JA . -10.62 8.10 33.85
C3 GOL JA . -12.70 6.88 34.31
O3 GOL JA . -13.04 7.34 32.98
S DMS KA . -10.43 -27.53 44.80
O DMS KA . -10.97 -27.04 43.50
C1 DMS KA . -8.78 -27.12 45.00
C2 DMS KA . -11.13 -26.62 46.07
C1 GOL LA . -18.75 -20.61 26.19
O1 GOL LA . -19.73 -20.28 25.16
C2 GOL LA . -19.34 -20.53 27.63
O2 GOL LA . -18.70 -21.40 28.53
C3 GOL LA . -19.23 -19.08 28.22
O3 GOL LA . -20.11 -17.94 27.90
S SO4 MA . -12.79 -12.07 64.62
O1 SO4 MA . -12.25 -10.95 63.83
O2 SO4 MA . -11.65 -12.96 65.00
O3 SO4 MA . -13.77 -12.84 63.80
O4 SO4 MA . -13.47 -11.43 65.79
S SO4 NA . -4.45 17.41 17.63
O1 SO4 NA . -4.79 18.64 16.85
O2 SO4 NA . -3.84 16.40 16.70
O3 SO4 NA . -5.66 16.79 18.21
O4 SO4 NA . -3.58 17.80 18.78
S SO4 OA . -6.60 -7.56 27.95
O1 SO4 OA . -5.49 -6.56 27.85
O2 SO4 OA . -5.95 -8.84 28.42
O3 SO4 OA . -7.33 -7.64 26.62
O4 SO4 OA . -7.56 -7.05 28.99
S SO4 PA . -39.31 7.12 19.86
O1 SO4 PA . -38.58 8.36 20.26
O2 SO4 PA . -38.75 6.73 18.53
O3 SO4 PA . -40.76 7.37 19.71
O4 SO4 PA . -39.14 6.06 20.88
S SO4 QA . -21.49 -10.14 62.38
O1 SO4 QA . -22.11 -11.14 61.48
O2 SO4 QA . -20.78 -9.05 61.67
O3 SO4 QA . -20.54 -10.93 63.18
O4 SO4 QA . -22.59 -9.48 63.16
#